data_7PYV
#
_entry.id   7PYV
#
_cell.length_a   93.458
_cell.length_b   93.593
_cell.length_c   109.542
_cell.angle_alpha   70.519
_cell.angle_beta   88.537
_cell.angle_gamma   74.593
#
_symmetry.space_group_name_H-M   'P 1'
#
loop_
_entity.id
_entity.type
_entity.pdbx_description
1 polymer 'Ubiquitin-like modifier-activating enzyme 6,Ubiquitin-like modifier-activating enzyme 1,Ubiquitin-like modifier-activating enzyme 6'
2 polymer UBD
#
loop_
_entity_poly.entity_id
_entity_poly.type
_entity_poly.pdbx_seq_one_letter_code
_entity_poly.pdbx_strand_id
1 'polypeptide(L)'
;MEGSEPVAAHQGEEASCSSWGTGSTNKNLPIMSTASVEIDDALYSRQRYVLGDTAMQKMAKSHVFLSGMGGLGLEIAKNL
VLAGIKAVTIHDTEKCQAWDLGTNFFLSEDDVVNKRNRAEAVLKHIAELNPYVHVTSSSVPFNETTDLSFLDKYQCVVLT
EMKLPLQKKINDFCRSQCPPIKFISADVHGIWSRLFCDFGDEFEVLDTTGEEPKEIFISNITQANPGIVTCLENHPHKLE
TGQFLTFREINGMTGLNGSIQQITVISPFSFSIGDTTELEPYLHGGIAVQVKTPKTVFFESLERQLKHPKCLIVDFSNPE
APLEIHTAMLALDQFQEKYSRKPNVGCQQDSEELLKLATSISETLEEKPDVNADIVHWLSWTAQGFLSPLAAAVGGVASQ
EVLKAVTGKFSPLCQWLYLEAADIVESLGKPECEEFLPRGDRYDALRACIGDTLCQKLQNLNIFLVGCGAIGCEMLKNFA
LLGVGTSKEKGMITVTDPDLIEKSNLNRQFLFRPHHIQKPKSYTAADATLKINSQIKIDAHLNKVCPTTETIYNDEFYTK
QDVIITALDNVEARRYVDSRCLANLRPLLDSGTMGTKGHTEVIVPHLTESYNSHRDPPEEEIPIATLKNFPNAIEHTLQW
ARDEFEGLFKQPAENVNQYLTDPKFVERTLRLAGTQPLEVLEAVQRSLVLQRPQTWADCVTWACHHWHTQYSNNIRQLLH
NFPPDQLTSSGAPFWSGPKRCPHPLTFDVNNPLHLDYVMAAANLFAQTYGLTGSQDRAAVATFLQSVQVPEFTPKSGVKI
HVSDQELQSANASVDDSRLEELKATLPSPDKLPGFKMYPIDFEKDDDSNFHMDFIVAASNLRAENYDIPSADRHKSKLIA
GKIIPAIATTTATVSGLVALEMIKVTGGYPFEAYKNCFLNLAIPIVVFTETTEVRKTKIRNGISFTIWDRWTVHGKEDFT
LLDFINAVKEKYGIEPTMVVQGVKMLYVPVMPGHAKRLKLTMHKLVKPTTEKKYVDLTVSFAPDIDGDEDLPGPPVRYYF
SHDTD
;
A,B
2 'polypeptide(L)'
;TLTVHVRSEEWDLMTFDANPYDSVKKIKEHVRSKTKVPVQDQVLLLGSKILKPRRSLSSYGIDKEKTIHLTLKVVKPSDE
ELPLFLVESGDEAKRHLLQVRRSSSVAQVKAMIETKTGIIPETQIVTLNGKRLEDGKMMADYGIRKGNLLFLASYSIGG
;
C
#
# COMPACT_ATOMS: atom_id res chain seq x y z
N GLY A 52 -11.58 -6.02 8.47
CA GLY A 52 -10.44 -6.88 8.71
C GLY A 52 -9.11 -6.14 8.64
N ASP A 53 -8.03 -6.91 8.77
CA ASP A 53 -6.67 -6.41 8.58
C ASP A 53 -5.98 -7.23 7.51
N THR A 54 -5.23 -6.55 6.64
CA THR A 54 -4.58 -7.20 5.51
C THR A 54 -3.40 -8.05 5.98
N ALA A 55 -2.94 -8.94 5.09
CA ALA A 55 -1.76 -9.75 5.41
C ALA A 55 -0.56 -8.88 5.71
N MET A 56 -0.37 -7.80 4.96
CA MET A 56 0.72 -6.87 5.23
C MET A 56 0.54 -6.21 6.60
N GLN A 57 -0.69 -5.77 6.91
CA GLN A 57 -0.95 -5.13 8.19
C GLN A 57 -0.65 -6.09 9.34
N LYS A 58 -0.93 -7.37 9.16
CA LYS A 58 -0.68 -8.34 10.22
C LYS A 58 0.81 -8.51 10.48
N MET A 59 1.63 -8.51 9.42
CA MET A 59 3.08 -8.56 9.64
C MET A 59 3.57 -7.33 10.40
N ALA A 60 2.97 -6.17 10.14
CA ALA A 60 3.39 -4.94 10.78
C ALA A 60 3.08 -4.90 12.26
N LYS A 61 2.15 -5.72 12.74
CA LYS A 61 1.81 -5.79 14.15
C LYS A 61 2.54 -6.91 14.88
N SER A 62 3.23 -7.81 14.16
CA SER A 62 3.69 -9.08 14.69
C SER A 62 5.20 -9.08 14.94
N HIS A 63 5.62 -9.71 16.03
CA HIS A 63 7.02 -9.84 16.40
C HIS A 63 7.49 -11.28 16.25
N VAL A 64 8.78 -11.45 15.94
CA VAL A 64 9.36 -12.77 15.70
C VAL A 64 10.64 -12.94 16.51
N PHE A 65 10.90 -14.18 16.92
CA PHE A 65 12.09 -14.53 17.69
C PHE A 65 12.86 -15.62 16.95
N LEU A 66 14.11 -15.33 16.61
CA LEU A 66 14.98 -16.25 15.90
C LEU A 66 16.22 -16.51 16.74
N SER A 67 16.56 -17.78 16.93
CA SER A 67 17.69 -18.20 17.74
C SER A 67 18.65 -19.05 16.92
N GLY A 68 19.95 -18.81 17.09
CA GLY A 68 20.98 -19.54 16.38
C GLY A 68 21.36 -18.91 15.06
N MET A 69 22.52 -18.26 15.01
CA MET A 69 22.85 -17.43 13.86
C MET A 69 24.00 -17.99 13.02
N GLY A 70 23.86 -19.22 12.56
CA GLY A 70 24.77 -19.76 11.57
C GLY A 70 24.33 -19.29 10.20
N GLY A 71 24.87 -19.94 9.17
CA GLY A 71 24.41 -19.65 7.83
C GLY A 71 22.90 -19.69 7.74
N LEU A 72 22.29 -20.69 8.36
CA LEU A 72 20.84 -20.88 8.23
C LEU A 72 20.07 -19.77 8.94
N GLY A 73 20.44 -19.47 10.18
CA GLY A 73 19.72 -18.44 10.92
C GLY A 73 19.77 -17.09 10.22
N LEU A 74 20.89 -16.79 9.57
CA LEU A 74 21.01 -15.55 8.82
C LEU A 74 20.09 -15.55 7.61
N GLU A 75 20.15 -16.60 6.79
CA GLU A 75 19.32 -16.66 5.60
C GLU A 75 17.85 -16.42 5.92
N ILE A 76 17.39 -16.95 7.05
CA ILE A 76 16.02 -16.73 7.49
C ILE A 76 15.82 -15.26 7.89
N ALA A 77 16.69 -14.75 8.74
CA ALA A 77 16.57 -13.37 9.18
C ALA A 77 16.57 -12.42 8.00
N LYS A 78 17.47 -12.62 7.04
CA LYS A 78 17.53 -11.77 5.87
C LYS A 78 16.16 -11.68 5.20
N ASN A 79 15.59 -12.83 4.87
CA ASN A 79 14.33 -12.85 4.13
C ASN A 79 13.20 -12.23 4.95
N LEU A 80 13.18 -12.47 6.27
CA LEU A 80 12.09 -11.95 7.09
C LEU A 80 12.17 -10.43 7.22
N VAL A 81 13.37 -9.90 7.43
CA VAL A 81 13.53 -8.45 7.56
C VAL A 81 13.21 -7.76 6.24
N LEU A 82 13.65 -8.34 5.12
CA LEU A 82 13.27 -7.81 3.82
C LEU A 82 11.77 -7.88 3.60
N ALA A 83 11.10 -8.85 4.23
CA ALA A 83 9.67 -9.01 4.03
C ALA A 83 8.86 -7.89 4.69
N GLY A 84 9.33 -7.38 5.83
CA GLY A 84 8.63 -6.32 6.52
C GLY A 84 8.05 -6.72 7.86
N ILE A 85 8.67 -7.70 8.52
CA ILE A 85 8.26 -8.06 9.87
C ILE A 85 8.53 -6.89 10.80
N LYS A 86 7.55 -6.58 11.65
CA LYS A 86 7.68 -5.44 12.57
C LYS A 86 8.94 -5.55 13.40
N ALA A 87 9.14 -6.67 14.09
CA ALA A 87 10.29 -6.87 14.95
C ALA A 87 10.86 -8.26 14.71
N VAL A 88 12.18 -8.32 14.57
CA VAL A 88 12.90 -9.58 14.45
C VAL A 88 13.97 -9.57 15.52
N THR A 89 13.83 -10.41 16.52
CA THR A 89 14.77 -10.49 17.63
C THR A 89 15.76 -11.60 17.34
N ILE A 90 16.97 -11.23 16.94
CA ILE A 90 18.03 -12.20 16.69
C ILE A 90 18.66 -12.60 18.02
N HIS A 91 19.03 -13.87 18.14
CA HIS A 91 19.63 -14.36 19.37
C HIS A 91 20.64 -15.46 19.08
N ASP A 92 21.82 -15.36 19.68
CA ASP A 92 22.80 -16.43 19.65
C ASP A 92 23.66 -16.34 20.90
N THR A 93 24.36 -17.42 21.19
CA THR A 93 25.18 -17.53 22.40
C THR A 93 26.66 -17.64 22.10
N GLU A 94 27.04 -18.21 20.97
CA GLU A 94 28.45 -18.41 20.64
C GLU A 94 29.04 -17.16 20.00
N LYS A 95 30.36 -17.03 20.12
CA LYS A 95 31.12 -15.95 19.49
C LYS A 95 31.67 -16.42 18.15
N CYS A 96 31.99 -15.45 17.29
CA CYS A 96 32.39 -15.77 15.92
C CYS A 96 33.64 -16.65 15.91
N GLN A 97 33.79 -17.40 14.82
CA GLN A 97 34.96 -18.25 14.61
C GLN A 97 35.26 -18.29 13.12
N ALA A 98 36.53 -18.58 12.79
CA ALA A 98 36.95 -18.56 11.39
C ALA A 98 36.10 -19.48 10.53
N TRP A 99 35.60 -20.57 11.11
CA TRP A 99 34.72 -21.46 10.37
C TRP A 99 33.45 -20.74 9.93
N ASP A 100 32.93 -19.83 10.78
CA ASP A 100 31.68 -19.14 10.47
C ASP A 100 31.80 -18.21 9.26
N LEU A 101 33.01 -17.87 8.83
CA LEU A 101 33.15 -17.01 7.66
C LEU A 101 32.70 -17.69 6.38
N GLY A 102 32.77 -19.02 6.33
CA GLY A 102 32.28 -19.74 5.16
C GLY A 102 30.77 -19.80 5.09
N THR A 103 30.10 -19.87 6.25
CA THR A 103 28.65 -20.00 6.29
C THR A 103 27.93 -18.66 6.29
N ASN A 104 28.52 -17.64 6.91
CA ASN A 104 27.88 -16.36 7.19
C ASN A 104 28.43 -15.31 6.23
N PHE A 105 27.55 -14.70 5.43
CA PHE A 105 28.01 -13.79 4.40
C PHE A 105 28.16 -12.34 4.87
N PHE A 106 27.73 -12.01 6.08
CA PHE A 106 27.96 -10.69 6.65
C PHE A 106 29.14 -10.65 7.62
N LEU A 107 29.55 -11.79 8.18
CA LEU A 107 30.68 -11.80 9.08
C LEU A 107 31.96 -11.40 8.35
N SER A 108 32.93 -10.89 9.12
CA SER A 108 34.17 -10.37 8.57
C SER A 108 35.34 -10.87 9.38
N GLU A 109 36.53 -10.81 8.78
CA GLU A 109 37.75 -11.21 9.48
C GLU A 109 37.97 -10.39 10.73
N ASP A 110 37.56 -9.12 10.70
CA ASP A 110 37.68 -8.25 11.86
C ASP A 110 36.82 -8.74 13.01
N ASP A 111 35.61 -9.22 12.70
CA ASP A 111 34.69 -9.66 13.75
C ASP A 111 35.19 -10.93 14.45
N VAL A 112 35.82 -11.84 13.70
CA VAL A 112 36.30 -13.08 14.28
C VAL A 112 37.43 -12.83 15.26
N VAL A 113 38.28 -11.85 14.96
CA VAL A 113 39.41 -11.55 15.84
C VAL A 113 38.91 -10.94 17.14
N ASN A 114 37.92 -10.07 17.06
CA ASN A 114 37.38 -9.39 18.24
C ASN A 114 36.46 -10.27 19.05
N LYS A 115 36.14 -11.47 18.56
CA LYS A 115 35.34 -12.43 19.30
C LYS A 115 34.05 -11.79 19.79
N ARG A 116 33.30 -11.24 18.82
CA ARG A 116 31.99 -10.67 19.09
C ARG A 116 30.93 -11.75 19.02
N ASN A 117 29.78 -11.48 19.63
CA ASN A 117 28.66 -12.40 19.55
C ASN A 117 28.14 -12.47 18.13
N ARG A 118 27.91 -13.69 17.64
CA ARG A 118 27.50 -13.87 16.25
C ARG A 118 26.40 -12.90 15.86
N ALA A 119 25.32 -12.85 16.66
CA ALA A 119 24.22 -11.95 16.35
C ALA A 119 24.68 -10.51 16.32
N GLU A 120 25.33 -10.05 17.40
CA GLU A 120 25.64 -8.64 17.57
C GLU A 120 26.60 -8.12 16.53
N ALA A 121 27.35 -9.00 15.85
CA ALA A 121 28.23 -8.56 14.76
C ALA A 121 27.46 -8.31 13.48
N VAL A 122 26.38 -9.05 13.25
CA VAL A 122 25.64 -8.98 12.01
C VAL A 122 24.40 -8.10 12.12
N LEU A 123 24.11 -7.58 13.32
CA LEU A 123 22.88 -6.81 13.50
C LEU A 123 22.87 -5.55 12.64
N LYS A 124 24.00 -4.87 12.53
CA LYS A 124 24.02 -3.63 11.74
C LYS A 124 23.79 -3.91 10.26
N HIS A 125 24.39 -4.97 9.73
CA HIS A 125 24.23 -5.28 8.32
C HIS A 125 22.82 -5.76 7.99
N ILE A 126 22.17 -6.46 8.92
CA ILE A 126 20.79 -6.91 8.71
C ILE A 126 19.83 -5.74 8.78
N ALA A 127 19.97 -4.89 9.80
CA ALA A 127 19.06 -3.76 9.95
C ALA A 127 19.08 -2.85 8.73
N GLU A 128 20.23 -2.76 8.04
CA GLU A 128 20.31 -1.94 6.84
C GLU A 128 19.39 -2.48 5.74
N LEU A 129 19.17 -3.80 5.70
CA LEU A 129 18.35 -4.40 4.66
C LEU A 129 17.00 -3.68 4.55
N ASN A 130 16.26 -3.64 5.65
CA ASN A 130 14.95 -2.99 5.69
C ASN A 130 14.90 -2.03 6.87
N PRO A 131 15.04 -0.72 6.62
CA PRO A 131 15.15 0.21 7.75
C PRO A 131 13.84 0.42 8.51
N TYR A 132 12.71 -0.05 7.99
CA TYR A 132 11.44 0.13 8.68
C TYR A 132 11.20 -0.93 9.75
N VAL A 133 12.12 -1.91 9.88
CA VAL A 133 11.99 -3.03 10.80
C VAL A 133 12.91 -2.82 11.99
N HIS A 134 12.43 -3.17 13.18
CA HIS A 134 13.21 -3.04 14.41
C HIS A 134 13.87 -4.38 14.70
N VAL A 135 15.14 -4.50 14.38
CA VAL A 135 15.91 -5.70 14.65
C VAL A 135 16.63 -5.52 15.99
N THR A 136 16.42 -6.47 16.90
CA THR A 136 16.95 -6.42 18.25
C THR A 136 17.82 -7.64 18.49
N SER A 137 19.02 -7.43 19.05
CA SER A 137 19.94 -8.52 19.36
C SER A 137 19.70 -9.05 20.77
N SER A 138 20.05 -10.31 20.98
CA SER A 138 19.92 -10.93 22.28
C SER A 138 21.04 -11.93 22.49
N SER A 139 21.60 -11.93 23.69
CA SER A 139 22.61 -12.89 24.10
C SER A 139 22.17 -13.73 25.29
N VAL A 140 20.90 -13.63 25.68
CA VAL A 140 20.34 -14.29 26.86
C VAL A 140 20.63 -15.79 26.80
N PRO A 141 21.25 -16.38 27.81
CA PRO A 141 21.57 -17.81 27.74
C PRO A 141 20.31 -18.66 27.76
N PHE A 142 20.37 -19.77 27.03
CA PHE A 142 19.24 -20.67 26.85
C PHE A 142 19.56 -22.03 27.46
N ASN A 143 18.87 -22.37 28.55
CA ASN A 143 19.10 -23.61 29.25
C ASN A 143 17.77 -24.21 29.68
N GLU A 144 17.83 -25.43 30.21
CA GLU A 144 16.68 -25.98 30.94
C GLU A 144 16.31 -25.07 32.10
N THR A 145 17.31 -24.43 32.71
CA THR A 145 17.07 -23.47 33.78
C THR A 145 16.26 -22.29 33.30
N THR A 146 16.64 -21.73 32.14
CA THR A 146 16.10 -20.46 31.72
C THR A 146 14.58 -20.51 31.59
N ASP A 147 13.92 -19.50 32.15
CA ASP A 147 12.47 -19.37 32.08
C ASP A 147 12.04 -19.01 30.67
N LEU A 148 10.97 -19.65 30.21
CA LEU A 148 10.44 -19.41 28.87
C LEU A 148 9.34 -18.35 28.85
N SER A 149 9.16 -17.61 29.95
CA SER A 149 8.13 -16.59 29.99
C SER A 149 8.44 -15.38 29.11
N PHE A 150 9.71 -15.16 28.74
CA PHE A 150 10.03 -14.01 27.91
C PHE A 150 9.60 -14.19 26.45
N LEU A 151 9.30 -15.42 26.04
CA LEU A 151 8.87 -15.68 24.67
C LEU A 151 7.39 -15.38 24.44
N ASP A 152 6.64 -15.00 25.49
CA ASP A 152 5.20 -14.83 25.35
C ASP A 152 4.85 -13.69 24.39
N LYS A 153 5.73 -12.68 24.29
CA LYS A 153 5.43 -11.51 23.46
C LYS A 153 5.51 -11.82 21.97
N TYR A 154 6.35 -12.78 21.57
CA TYR A 154 6.57 -13.07 20.16
C TYR A 154 5.42 -13.89 19.59
N GLN A 155 4.94 -13.49 18.41
CA GLN A 155 3.90 -14.25 17.73
C GLN A 155 4.44 -15.58 17.19
N CYS A 156 5.69 -15.58 16.74
CA CYS A 156 6.31 -16.79 16.19
C CYS A 156 7.73 -16.91 16.72
N VAL A 157 8.19 -18.16 16.84
CA VAL A 157 9.52 -18.48 17.35
C VAL A 157 10.18 -19.45 16.38
N VAL A 158 11.38 -19.09 15.91
CA VAL A 158 12.14 -19.91 14.97
C VAL A 158 13.43 -20.35 15.64
N LEU A 159 13.68 -21.65 15.66
CA LEU A 159 14.82 -22.24 16.36
C LEU A 159 15.75 -22.91 15.37
N THR A 160 17.04 -22.59 15.50
CA THR A 160 18.09 -23.19 14.68
C THR A 160 19.27 -23.50 15.60
N GLU A 161 20.05 -24.51 15.21
CA GLU A 161 21.27 -24.87 15.93
C GLU A 161 21.01 -25.07 17.42
N MET A 162 20.00 -25.85 17.75
CA MET A 162 19.63 -26.07 19.14
C MET A 162 19.34 -27.55 19.39
N LYS A 163 19.61 -27.97 20.63
CA LYS A 163 19.41 -29.37 21.00
C LYS A 163 17.95 -29.74 20.84
N LEU A 164 17.71 -31.03 20.57
CA LEU A 164 16.35 -31.54 20.46
C LEU A 164 15.62 -31.50 21.80
N PRO A 165 16.23 -31.92 22.91
CA PRO A 165 15.52 -31.81 24.19
C PRO A 165 15.02 -30.41 24.50
N LEU A 166 15.91 -29.41 24.43
CA LEU A 166 15.49 -28.03 24.70
C LEU A 166 14.44 -27.59 23.69
N GLN A 167 14.58 -28.00 22.42
CA GLN A 167 13.57 -27.67 21.42
C GLN A 167 12.20 -28.21 21.80
N LYS A 168 12.14 -29.44 22.32
CA LYS A 168 10.87 -29.98 22.78
C LYS A 168 10.25 -29.10 23.85
N LYS A 169 11.02 -28.77 24.88
CA LYS A 169 10.48 -27.98 25.99
C LYS A 169 9.87 -26.67 25.47
N ILE A 170 10.59 -25.99 24.58
CA ILE A 170 10.07 -24.74 24.00
C ILE A 170 8.80 -25.02 23.22
N ASN A 171 8.81 -26.07 22.40
CA ASN A 171 7.62 -26.39 21.61
C ASN A 171 6.41 -26.59 22.50
N ASP A 172 6.59 -27.32 23.62
CA ASP A 172 5.48 -27.53 24.54
C ASP A 172 4.96 -26.20 25.07
N PHE A 173 5.87 -25.31 25.46
CA PHE A 173 5.46 -24.00 25.97
C PHE A 173 4.74 -23.19 24.90
N CYS A 174 5.26 -23.19 23.68
CA CYS A 174 4.70 -22.35 22.62
C CYS A 174 3.26 -22.75 22.30
N ARG A 175 3.01 -24.06 22.15
CA ARG A 175 1.68 -24.52 21.77
C ARG A 175 0.69 -24.46 22.92
N SER A 176 1.19 -24.36 24.16
CA SER A 176 0.30 -24.28 25.32
C SER A 176 -0.35 -22.90 25.43
N GLN A 177 0.43 -21.84 25.19
CA GLN A 177 -0.05 -20.48 25.40
C GLN A 177 -1.36 -20.23 24.66
N CYS A 178 -2.13 -19.25 25.13
CA CYS A 178 -3.39 -18.85 24.49
C CYS A 178 -3.34 -17.36 24.18
N PRO A 179 -3.39 -16.94 22.91
CA PRO A 179 -3.31 -17.73 21.68
C PRO A 179 -1.97 -18.43 21.56
N PRO A 180 -1.89 -19.48 20.73
CA PRO A 180 -0.65 -20.26 20.64
C PRO A 180 0.44 -19.55 19.87
N ILE A 181 1.67 -19.74 20.33
CA ILE A 181 2.85 -19.23 19.66
C ILE A 181 3.32 -20.28 18.67
N LYS A 182 3.60 -19.86 17.44
CA LYS A 182 3.96 -20.80 16.40
C LYS A 182 5.44 -21.16 16.50
N PHE A 183 5.74 -22.41 16.17
CA PHE A 183 7.05 -23.02 16.39
C PHE A 183 7.58 -23.55 15.07
N ILE A 184 8.82 -23.20 14.73
CA ILE A 184 9.48 -23.69 13.52
C ILE A 184 10.91 -24.05 13.87
N SER A 185 11.28 -25.31 13.65
CA SER A 185 12.65 -25.76 13.85
C SER A 185 13.25 -26.13 12.52
N ALA A 186 14.42 -25.57 12.23
CA ALA A 186 15.16 -25.90 11.02
C ALA A 186 16.63 -26.03 11.40
N ASP A 187 17.28 -27.10 10.95
CA ASP A 187 18.71 -27.27 11.10
C ASP A 187 19.24 -27.86 9.80
N VAL A 188 20.52 -27.57 9.51
CA VAL A 188 21.20 -28.16 8.37
C VAL A 188 22.53 -28.73 8.85
N HIS A 189 22.66 -30.05 8.83
CA HIS A 189 23.89 -30.74 9.18
C HIS A 189 24.42 -31.39 7.90
N GLY A 190 25.55 -30.88 7.41
CA GLY A 190 26.16 -31.40 6.20
C GLY A 190 25.32 -31.16 4.97
N ILE A 191 24.96 -32.24 4.27
CA ILE A 191 24.12 -32.15 3.08
C ILE A 191 22.66 -32.45 3.37
N TRP A 192 22.32 -32.68 4.63
CA TRP A 192 20.97 -33.04 5.03
C TRP A 192 20.35 -31.91 5.83
N SER A 193 19.04 -31.72 5.66
CA SER A 193 18.32 -30.66 6.34
C SER A 193 17.07 -31.21 6.99
N ARG A 194 16.55 -30.43 7.94
CA ARG A 194 15.30 -30.72 8.61
C ARG A 194 14.50 -29.44 8.78
N LEU A 195 13.20 -29.51 8.56
CA LEU A 195 12.31 -28.37 8.79
C LEU A 195 11.03 -28.86 9.47
N PHE A 196 10.60 -28.14 10.50
CA PHE A 196 9.43 -28.52 11.27
C PHE A 196 8.50 -27.33 11.44
N CYS A 197 7.20 -27.62 11.47
CA CYS A 197 6.16 -26.62 11.69
C CYS A 197 5.16 -27.15 12.70
N ASP A 198 4.86 -26.34 13.72
CA ASP A 198 3.85 -26.71 14.72
C ASP A 198 3.14 -25.42 15.14
N PHE A 199 2.12 -25.04 14.37
CA PHE A 199 1.39 -23.80 14.63
C PHE A 199 0.30 -23.94 15.68
N GLY A 200 0.12 -25.13 16.24
CA GLY A 200 -0.86 -25.34 17.29
C GLY A 200 -1.92 -26.34 16.90
N ASP A 201 -2.64 -26.86 17.90
CA ASP A 201 -3.62 -27.91 17.66
C ASP A 201 -4.57 -27.52 16.52
N GLU A 202 -4.99 -26.27 16.50
CA GLU A 202 -5.86 -25.79 15.43
C GLU A 202 -5.30 -24.47 14.92
N PHE A 203 -5.14 -24.40 13.60
CA PHE A 203 -4.62 -23.22 12.92
C PHE A 203 -5.56 -22.84 11.79
N GLU A 204 -5.95 -21.58 11.74
CA GLU A 204 -6.89 -21.09 10.74
C GLU A 204 -6.15 -20.37 9.63
N VAL A 205 -6.38 -20.78 8.39
CA VAL A 205 -5.79 -20.17 7.20
C VAL A 205 -6.86 -19.31 6.55
N LEU A 206 -6.72 -17.99 6.67
CA LEU A 206 -7.76 -17.08 6.21
C LEU A 206 -7.85 -17.04 4.69
N ASP A 207 -6.72 -17.17 4.00
CA ASP A 207 -6.65 -17.04 2.54
C ASP A 207 -5.78 -18.18 2.01
N THR A 208 -6.40 -19.18 1.39
CA THR A 208 -5.64 -20.32 0.90
C THR A 208 -5.05 -20.06 -0.49
N THR A 209 -5.87 -19.57 -1.43
CA THR A 209 -5.38 -19.26 -2.77
C THR A 209 -4.45 -18.05 -2.76
N GLY A 210 -4.64 -17.13 -1.81
CA GLY A 210 -3.88 -15.91 -1.81
C GLY A 210 -4.24 -14.94 -2.91
N GLU A 211 -5.38 -15.14 -3.55
CA GLU A 211 -5.85 -14.32 -4.65
C GLU A 211 -6.94 -13.37 -4.15
N GLU A 212 -7.21 -12.33 -4.94
CA GLU A 212 -8.28 -11.41 -4.56
C GLU A 212 -9.64 -12.00 -4.93
N PRO A 213 -10.67 -11.78 -4.11
CA PRO A 213 -11.97 -12.42 -4.37
C PRO A 213 -12.52 -12.00 -5.72
N LYS A 214 -13.07 -12.99 -6.44
CA LYS A 214 -13.61 -12.82 -7.78
C LYS A 214 -14.92 -12.02 -7.76
N GLU A 215 -15.23 -11.36 -8.88
CA GLU A 215 -16.52 -10.70 -9.08
C GLU A 215 -17.16 -11.23 -10.35
N ILE A 216 -18.42 -11.67 -10.24
CA ILE A 216 -19.17 -12.24 -11.35
C ILE A 216 -20.41 -11.40 -11.60
N PHE A 217 -20.92 -11.47 -12.82
CA PHE A 217 -22.11 -10.74 -13.23
C PHE A 217 -23.20 -11.72 -13.65
N ILE A 218 -24.39 -11.54 -13.10
CA ILE A 218 -25.48 -12.51 -13.20
C ILE A 218 -26.40 -12.12 -14.35
N SER A 219 -26.64 -13.06 -15.26
CA SER A 219 -27.61 -12.85 -16.32
C SER A 219 -29.04 -13.10 -15.82
N ASN A 220 -29.27 -14.24 -15.18
CA ASN A 220 -30.61 -14.61 -14.73
C ASN A 220 -30.53 -15.57 -13.56
N ILE A 221 -31.55 -15.50 -12.69
CA ILE A 221 -31.73 -16.40 -11.55
C ILE A 221 -33.15 -16.93 -11.66
N THR A 222 -33.29 -18.25 -11.74
CA THR A 222 -34.62 -18.84 -11.72
C THR A 222 -35.12 -18.92 -10.27
N GLN A 223 -36.44 -18.79 -10.12
CA GLN A 223 -37.11 -18.78 -8.83
C GLN A 223 -37.51 -20.20 -8.44
N ALA A 224 -36.61 -20.94 -7.79
CA ALA A 224 -36.90 -22.33 -7.46
C ALA A 224 -35.90 -22.82 -6.41
N ASN A 225 -36.15 -24.06 -5.90
CA ASN A 225 -35.19 -24.59 -4.93
C ASN A 225 -34.52 -25.91 -5.27
N PRO A 226 -34.08 -26.09 -6.49
CA PRO A 226 -32.74 -25.61 -6.82
C PRO A 226 -32.89 -24.53 -7.88
N GLY A 227 -32.82 -23.28 -7.47
CA GLY A 227 -32.94 -22.21 -8.43
C GLY A 227 -31.64 -21.99 -9.18
N ILE A 228 -31.66 -22.10 -10.50
CA ILE A 228 -30.43 -21.99 -11.26
C ILE A 228 -30.05 -20.51 -11.39
N VAL A 229 -28.78 -20.24 -11.19
CA VAL A 229 -28.20 -18.92 -11.42
C VAL A 229 -27.17 -19.08 -12.53
N THR A 230 -27.33 -18.30 -13.59
CA THR A 230 -26.46 -18.38 -14.77
C THR A 230 -25.78 -17.03 -14.97
N CYS A 231 -24.47 -17.05 -15.14
CA CYS A 231 -23.70 -15.82 -15.29
C CYS A 231 -23.84 -15.27 -16.71
N LEU A 232 -23.35 -14.06 -16.92
CA LEU A 232 -23.32 -13.48 -18.25
C LEU A 232 -22.58 -14.41 -19.21
N GLU A 233 -23.14 -14.60 -20.40
CA GLU A 233 -22.47 -15.43 -21.41
C GLU A 233 -21.09 -14.89 -21.72
N ASN A 234 -20.92 -13.56 -21.67
CA ASN A 234 -19.61 -12.97 -21.88
C ASN A 234 -18.66 -13.34 -20.76
N HIS A 235 -19.09 -13.17 -19.50
CA HIS A 235 -18.21 -13.36 -18.37
C HIS A 235 -18.48 -14.69 -17.70
N PRO A 236 -17.65 -15.71 -17.91
CA PRO A 236 -17.84 -16.98 -17.23
C PRO A 236 -17.30 -16.92 -15.80
N HIS A 237 -17.73 -17.91 -15.01
CA HIS A 237 -17.28 -18.05 -13.65
C HIS A 237 -16.59 -19.40 -13.49
N LYS A 238 -15.54 -19.43 -12.75
CA LYS A 238 -14.94 -20.70 -12.41
C LYS A 238 -15.13 -20.78 -10.90
N LEU A 239 -16.10 -21.59 -10.52
CA LEU A 239 -16.45 -21.82 -9.12
C LEU A 239 -16.45 -23.31 -8.83
N GLU A 240 -16.20 -23.64 -7.57
CA GLU A 240 -16.19 -25.01 -7.09
C GLU A 240 -17.54 -25.35 -6.48
N THR A 241 -17.84 -26.65 -6.41
CA THR A 241 -19.15 -27.07 -5.93
C THR A 241 -19.36 -26.69 -4.46
N GLY A 242 -18.29 -26.46 -3.70
CA GLY A 242 -18.40 -26.14 -2.30
C GLY A 242 -18.34 -24.67 -1.94
N GLN A 243 -18.05 -23.82 -2.91
CA GLN A 243 -17.73 -22.43 -2.62
C GLN A 243 -18.94 -21.68 -2.05
N PHE A 244 -18.68 -20.48 -1.52
CA PHE A 244 -19.70 -19.59 -0.97
C PHE A 244 -19.59 -18.23 -1.64
N LEU A 245 -20.74 -17.64 -1.96
CA LEU A 245 -20.82 -16.33 -2.59
C LEU A 245 -21.71 -15.39 -1.77
N THR A 246 -21.43 -14.09 -1.86
CA THR A 246 -22.29 -13.07 -1.26
C THR A 246 -22.79 -12.15 -2.37
N PHE A 247 -24.10 -12.01 -2.47
CA PHE A 247 -24.74 -11.32 -3.58
C PHE A 247 -25.15 -9.93 -3.13
N ARG A 248 -25.00 -8.97 -4.03
CA ARG A 248 -25.24 -7.57 -3.71
C ARG A 248 -25.80 -6.88 -4.95
N GLU A 249 -26.59 -5.82 -4.70
CA GLU A 249 -27.15 -4.99 -5.77
C GLU A 249 -27.83 -5.85 -6.84
N ILE A 250 -28.76 -6.71 -6.39
CA ILE A 250 -29.65 -7.47 -7.27
C ILE A 250 -30.95 -6.68 -7.42
N ASN A 251 -31.57 -6.75 -8.59
CA ASN A 251 -32.88 -6.18 -8.83
C ASN A 251 -33.95 -7.23 -8.64
N GLY A 252 -35.03 -6.87 -7.97
CA GLY A 252 -36.10 -7.82 -7.71
C GLY A 252 -35.95 -8.52 -6.38
N MET A 253 -34.95 -9.39 -6.27
CA MET A 253 -34.69 -10.16 -5.04
C MET A 253 -33.89 -9.28 -4.08
N THR A 254 -34.56 -8.27 -3.53
CA THR A 254 -33.91 -7.37 -2.60
C THR A 254 -33.38 -8.11 -1.38
N GLY A 255 -33.97 -9.26 -1.03
CA GLY A 255 -33.50 -10.02 0.12
C GLY A 255 -32.11 -10.59 -0.06
N LEU A 256 -31.73 -10.92 -1.30
CA LEU A 256 -30.44 -11.53 -1.56
C LEU A 256 -29.27 -10.54 -1.46
N ASN A 257 -29.53 -9.24 -1.23
CA ASN A 257 -28.46 -8.26 -1.20
C ASN A 257 -27.55 -8.44 0.02
N GLY A 258 -28.09 -8.88 1.15
CA GLY A 258 -27.32 -9.03 2.36
C GLY A 258 -27.18 -10.46 2.82
N SER A 259 -27.17 -11.40 1.88
CA SER A 259 -27.20 -12.82 2.18
C SER A 259 -25.95 -13.50 1.64
N ILE A 260 -25.53 -14.57 2.34
CA ILE A 260 -24.40 -15.40 1.93
C ILE A 260 -24.94 -16.79 1.67
N GLN A 261 -24.82 -17.25 0.43
CA GLN A 261 -25.37 -18.53 0.00
C GLN A 261 -24.26 -19.45 -0.46
N GLN A 262 -24.36 -20.73 -0.09
CA GLN A 262 -23.49 -21.74 -0.68
C GLN A 262 -24.00 -22.10 -2.06
N ILE A 263 -23.08 -22.33 -2.99
CA ILE A 263 -23.42 -22.61 -4.37
C ILE A 263 -22.82 -23.96 -4.75
N THR A 264 -23.58 -24.74 -5.53
CA THR A 264 -23.15 -26.03 -6.04
C THR A 264 -23.21 -25.99 -7.56
N VAL A 265 -22.08 -26.25 -8.20
CA VAL A 265 -21.98 -26.23 -9.66
C VAL A 265 -22.26 -27.65 -10.14
N ILE A 266 -23.54 -27.97 -10.33
CA ILE A 266 -23.92 -29.26 -10.92
C ILE A 266 -23.87 -29.20 -12.44
N SER A 267 -24.00 -28.02 -13.03
CA SER A 267 -23.80 -27.81 -14.45
C SER A 267 -22.84 -26.64 -14.65
N PRO A 268 -21.92 -26.73 -15.60
CA PRO A 268 -20.94 -25.66 -15.78
C PRO A 268 -21.64 -24.34 -15.99
N PHE A 269 -21.05 -23.26 -15.48
CA PHE A 269 -21.52 -21.92 -15.82
C PHE A 269 -22.89 -21.64 -15.21
N SER A 270 -23.31 -22.47 -14.25
CA SER A 270 -24.55 -22.28 -13.50
C SER A 270 -24.38 -22.93 -12.12
N PHE A 271 -25.28 -22.58 -11.19
CA PHE A 271 -25.24 -23.12 -9.83
C PHE A 271 -26.58 -22.88 -9.16
N SER A 272 -26.74 -23.49 -7.98
CA SER A 272 -27.91 -23.33 -7.14
C SER A 272 -27.52 -22.61 -5.85
N ILE A 273 -28.13 -21.46 -5.59
CA ILE A 273 -27.84 -20.72 -4.38
C ILE A 273 -28.72 -21.14 -3.21
N GLY A 274 -29.96 -21.56 -3.48
CA GLY A 274 -30.86 -22.00 -2.44
C GLY A 274 -32.31 -21.98 -2.88
N ASP A 275 -33.21 -21.57 -1.98
CA ASP A 275 -34.64 -21.52 -2.25
C ASP A 275 -35.03 -20.08 -2.57
N THR A 276 -35.40 -19.83 -3.82
CA THR A 276 -35.79 -18.50 -4.30
C THR A 276 -37.28 -18.38 -4.59
N THR A 277 -38.07 -19.41 -4.27
CA THR A 277 -39.50 -19.38 -4.54
C THR A 277 -40.21 -18.37 -3.64
N GLU A 278 -39.79 -18.28 -2.36
CA GLU A 278 -40.36 -17.30 -1.45
C GLU A 278 -39.99 -15.87 -1.87
N LEU A 279 -38.75 -15.68 -2.31
CA LEU A 279 -38.27 -14.35 -2.65
C LEU A 279 -38.86 -13.87 -3.97
N GLU A 280 -38.83 -12.56 -4.16
CA GLU A 280 -39.45 -11.93 -5.32
C GLU A 280 -38.67 -12.29 -6.59
N PRO A 281 -39.28 -12.07 -7.77
CA PRO A 281 -38.61 -12.48 -9.02
C PRO A 281 -37.48 -11.56 -9.45
N TYR A 282 -36.41 -12.18 -9.96
CA TYR A 282 -35.23 -11.46 -10.39
C TYR A 282 -35.44 -10.80 -11.74
N LEU A 283 -34.95 -9.56 -11.86
CA LEU A 283 -35.07 -8.78 -13.10
C LEU A 283 -33.72 -8.65 -13.80
N HIS A 284 -32.74 -8.00 -13.15
CA HIS A 284 -31.52 -7.61 -13.83
C HIS A 284 -30.41 -7.39 -12.80
N GLY A 285 -29.17 -7.34 -13.26
CA GLY A 285 -28.08 -6.87 -12.43
C GLY A 285 -27.36 -8.02 -11.75
N GLY A 286 -27.21 -7.92 -10.43
CA GLY A 286 -26.69 -9.01 -9.63
C GLY A 286 -25.20 -9.25 -9.79
N ILE A 287 -24.41 -8.69 -8.87
CA ILE A 287 -22.97 -8.96 -8.80
C ILE A 287 -22.73 -9.83 -7.58
N ALA A 288 -22.02 -10.94 -7.78
CA ALA A 288 -21.65 -11.85 -6.71
C ALA A 288 -20.16 -11.71 -6.41
N VAL A 289 -19.82 -11.73 -5.12
CA VAL A 289 -18.43 -11.63 -4.67
C VAL A 289 -18.08 -12.92 -3.94
N GLN A 290 -16.95 -13.53 -4.30
CA GLN A 290 -16.53 -14.75 -3.63
C GLN A 290 -16.24 -14.46 -2.15
N VAL A 291 -16.80 -15.30 -1.29
CA VAL A 291 -16.54 -15.21 0.15
C VAL A 291 -15.36 -16.12 0.48
N LYS A 292 -14.37 -15.58 1.19
CA LYS A 292 -13.20 -16.35 1.58
C LYS A 292 -13.53 -17.18 2.81
N THR A 293 -13.27 -18.48 2.73
CA THR A 293 -13.61 -19.41 3.79
C THR A 293 -12.35 -19.97 4.41
N PRO A 294 -12.21 -19.93 5.73
CA PRO A 294 -10.98 -20.43 6.36
C PRO A 294 -10.85 -21.94 6.27
N LYS A 295 -9.61 -22.39 6.14
CA LYS A 295 -9.26 -23.81 6.12
C LYS A 295 -8.44 -24.13 7.36
N THR A 296 -8.96 -24.99 8.22
CA THR A 296 -8.29 -25.36 9.46
C THR A 296 -7.40 -26.58 9.22
N VAL A 297 -6.14 -26.48 9.66
CA VAL A 297 -5.20 -27.58 9.62
C VAL A 297 -4.68 -27.81 11.04
N PHE A 298 -4.66 -29.07 11.44
CA PHE A 298 -4.32 -29.44 12.82
C PHE A 298 -2.87 -29.90 12.89
N PHE A 299 -2.21 -29.57 13.99
CA PHE A 299 -0.81 -29.92 14.20
C PHE A 299 -0.66 -30.73 15.50
N GLU A 300 0.45 -31.46 15.58
CA GLU A 300 0.80 -32.24 16.75
C GLU A 300 2.14 -31.76 17.29
N SER A 301 2.36 -31.96 18.59
CA SER A 301 3.56 -31.46 19.22
C SER A 301 4.80 -32.12 18.61
N LEU A 302 5.97 -31.53 18.91
CA LEU A 302 7.23 -32.11 18.44
C LEU A 302 7.42 -33.51 18.98
N GLU A 303 7.14 -33.71 20.26
CA GLU A 303 7.30 -35.03 20.87
C GLU A 303 6.37 -36.06 20.21
N ARG A 304 5.13 -35.66 19.91
CA ARG A 304 4.19 -36.59 19.27
C ARG A 304 4.57 -36.89 17.83
N GLN A 305 5.18 -35.93 17.14
CA GLN A 305 5.48 -36.12 15.72
C GLN A 305 6.76 -36.91 15.49
N LEU A 306 7.73 -36.80 16.40
CA LEU A 306 8.94 -37.62 16.27
C LEU A 306 8.57 -39.10 16.22
N LYS A 307 7.63 -39.53 17.05
CA LYS A 307 7.25 -40.93 17.10
C LYS A 307 6.48 -41.35 15.86
N HIS A 308 5.63 -40.46 15.33
CA HIS A 308 4.85 -40.73 14.12
C HIS A 308 4.91 -39.52 13.21
N PRO A 309 5.99 -39.39 12.44
CA PRO A 309 6.17 -38.18 11.64
C PRO A 309 5.25 -38.12 10.43
N LYS A 310 4.85 -36.90 10.07
CA LYS A 310 4.05 -36.62 8.88
C LYS A 310 4.86 -35.70 7.98
N CYS A 311 5.49 -36.27 6.96
CA CYS A 311 6.38 -35.53 6.08
C CYS A 311 5.77 -35.41 4.69
N LEU A 312 5.99 -34.27 4.05
CA LEU A 312 5.65 -34.16 2.64
C LEU A 312 6.76 -34.81 1.82
N ILE A 313 6.39 -35.37 0.68
CA ILE A 313 7.32 -36.06 -0.19
C ILE A 313 7.76 -35.10 -1.28
N VAL A 314 9.08 -34.89 -1.37
CA VAL A 314 9.65 -33.98 -2.36
C VAL A 314 9.78 -34.66 -3.71
N ASP A 315 10.35 -35.87 -3.71
CA ASP A 315 10.60 -36.65 -4.92
C ASP A 315 9.84 -37.96 -4.80
N PHE A 316 8.81 -38.14 -5.63
CA PHE A 316 7.97 -39.32 -5.52
C PHE A 316 8.66 -40.60 -5.98
N SER A 317 9.81 -40.49 -6.66
CA SER A 317 10.59 -41.67 -6.99
C SER A 317 10.99 -42.43 -5.73
N ASN A 318 11.38 -41.70 -4.68
CA ASN A 318 11.79 -42.29 -3.42
C ASN A 318 10.75 -41.92 -2.36
N PRO A 319 9.57 -42.54 -2.38
CA PRO A 319 8.49 -42.09 -1.50
C PRO A 319 8.76 -42.28 -0.02
N GLU A 320 9.50 -43.32 0.36
CA GLU A 320 9.80 -43.57 1.76
C GLU A 320 11.11 -42.95 2.20
N ALA A 321 11.70 -42.08 1.37
CA ALA A 321 12.99 -41.50 1.70
C ALA A 321 12.90 -40.52 2.86
N PRO A 322 11.87 -39.67 2.95
CA PRO A 322 11.82 -38.71 4.07
C PRO A 322 11.81 -39.38 5.43
N LEU A 323 11.09 -40.49 5.57
CA LEU A 323 11.05 -41.17 6.87
C LEU A 323 12.42 -41.73 7.23
N GLU A 324 13.16 -42.26 6.25
CA GLU A 324 14.51 -42.75 6.51
C GLU A 324 15.41 -41.61 6.98
N ILE A 325 15.34 -40.46 6.33
CA ILE A 325 16.12 -39.30 6.76
C ILE A 325 15.72 -38.90 8.18
N HIS A 326 14.43 -38.94 8.48
CA HIS A 326 13.96 -38.62 9.82
C HIS A 326 14.60 -39.54 10.86
N THR A 327 14.76 -40.82 10.52
CA THR A 327 15.40 -41.77 11.42
C THR A 327 16.86 -41.42 11.63
N ALA A 328 17.56 -41.11 10.54
CA ALA A 328 18.98 -40.77 10.63
C ALA A 328 19.18 -39.45 11.38
N MET A 329 18.49 -38.39 10.96
CA MET A 329 18.65 -37.10 11.62
C MET A 329 18.37 -37.22 13.11
N LEU A 330 17.35 -38.01 13.47
CA LEU A 330 17.05 -38.22 14.89
C LEU A 330 18.15 -39.03 15.57
N ALA A 331 18.80 -39.94 14.84
CA ALA A 331 19.94 -40.66 15.41
C ALA A 331 21.09 -39.72 15.70
N LEU A 332 21.40 -38.82 14.75
CA LEU A 332 22.45 -37.83 14.99
C LEU A 332 22.21 -37.08 16.29
N ASP A 333 20.96 -36.70 16.57
CA ASP A 333 20.66 -35.99 17.80
C ASP A 333 20.94 -36.85 19.02
N GLN A 334 20.64 -38.14 18.94
CA GLN A 334 20.96 -39.03 20.05
C GLN A 334 22.47 -39.23 20.17
N PHE A 335 23.18 -39.31 19.04
CA PHE A 335 24.63 -39.45 19.07
C PHE A 335 25.29 -38.25 19.73
N GLN A 336 24.78 -37.04 19.46
CA GLN A 336 25.30 -35.86 20.14
C GLN A 336 25.01 -35.89 21.63
N GLU A 337 23.83 -36.39 21.99
CA GLU A 337 23.45 -36.48 23.40
C GLU A 337 24.30 -37.50 24.14
N LYS A 338 24.56 -38.66 23.52
CA LYS A 338 25.27 -39.73 24.21
C LYS A 338 26.74 -39.40 24.39
N TYR A 339 27.38 -38.79 23.39
CA TYR A 339 28.81 -38.57 23.37
C TYR A 339 29.22 -37.11 23.30
N SER A 340 28.26 -36.18 23.33
CA SER A 340 28.53 -34.75 23.43
C SER A 340 29.40 -34.25 22.28
N ARG A 341 29.24 -34.82 21.09
CA ARG A 341 29.95 -34.37 19.90
C ARG A 341 29.25 -34.92 18.68
N LYS A 342 29.59 -34.35 17.52
CA LYS A 342 29.08 -34.87 16.26
C LYS A 342 29.99 -35.98 15.74
N PRO A 343 29.46 -36.89 14.92
CA PRO A 343 30.31 -37.96 14.38
C PRO A 343 31.47 -37.41 13.57
N ASN A 344 32.68 -37.89 13.87
CA ASN A 344 33.85 -37.49 13.11
C ASN A 344 33.84 -38.18 11.74
N VAL A 345 34.41 -37.48 10.76
CA VAL A 345 34.39 -37.94 9.39
C VAL A 345 35.31 -39.14 9.23
N GLY A 346 34.85 -40.14 8.49
CA GLY A 346 35.69 -41.29 8.17
C GLY A 346 36.00 -42.20 9.33
N CYS A 347 35.36 -42.03 10.48
CA CYS A 347 35.59 -42.90 11.63
C CYS A 347 34.58 -44.04 11.56
N GLN A 348 35.08 -45.28 11.46
CA GLN A 348 34.19 -46.42 11.33
C GLN A 348 33.35 -46.60 12.59
N GLN A 349 33.97 -46.41 13.76
CA GLN A 349 33.22 -46.54 15.02
C GLN A 349 32.03 -45.60 15.03
N ASP A 350 32.25 -44.32 14.70
CA ASP A 350 31.16 -43.35 14.71
C ASP A 350 30.09 -43.71 13.68
N SER A 351 30.51 -44.14 12.48
CA SER A 351 29.54 -44.49 11.45
C SER A 351 28.73 -45.73 11.85
N GLU A 352 29.38 -46.69 12.53
CA GLU A 352 28.66 -47.86 13.01
C GLU A 352 27.70 -47.49 14.13
N GLU A 353 28.19 -46.78 15.15
CA GLU A 353 27.36 -46.43 16.29
C GLU A 353 26.10 -45.69 15.85
N LEU A 354 26.25 -44.78 14.88
CA LEU A 354 25.10 -44.08 14.33
C LEU A 354 24.12 -45.05 13.68
N LEU A 355 24.64 -46.04 12.96
CA LEU A 355 23.77 -47.03 12.33
C LEU A 355 23.03 -47.86 13.38
N LYS A 356 23.71 -48.20 14.48
CA LYS A 356 23.05 -48.88 15.58
C LYS A 356 21.89 -48.05 16.11
N LEU A 357 22.16 -46.79 16.46
CA LEU A 357 21.11 -45.90 16.94
C LEU A 357 19.98 -45.81 15.93
N ALA A 358 20.32 -45.56 14.66
CA ALA A 358 19.30 -45.50 13.62
C ALA A 358 18.55 -46.81 13.52
N THR A 359 19.23 -47.92 13.74
CA THR A 359 18.55 -49.21 13.78
C THR A 359 17.61 -49.30 14.97
N SER A 360 18.06 -48.85 16.15
CA SER A 360 17.20 -48.84 17.33
C SER A 360 16.00 -47.93 17.12
N ILE A 361 16.24 -46.72 16.60
CA ILE A 361 15.16 -45.78 16.37
C ILE A 361 14.14 -46.38 15.40
N SER A 362 14.63 -47.05 14.35
CA SER A 362 13.72 -47.62 13.37
C SER A 362 12.73 -48.58 14.02
N GLU A 363 13.13 -49.24 15.11
CA GLU A 363 12.20 -50.10 15.84
C GLU A 363 11.17 -49.26 16.59
N THR A 364 11.60 -48.16 17.21
CA THR A 364 10.66 -47.34 17.98
C THR A 364 9.65 -46.62 17.08
N LEU A 365 9.95 -46.48 15.80
CA LEU A 365 9.05 -45.79 14.88
C LEU A 365 7.79 -46.62 14.63
N GLU A 366 6.73 -45.93 14.20
CA GLU A 366 5.42 -46.55 14.09
C GLU A 366 5.36 -47.57 12.96
N GLU A 367 5.80 -47.18 11.76
CA GLU A 367 5.64 -48.00 10.56
C GLU A 367 6.78 -48.99 10.34
N LYS A 368 7.76 -49.00 11.25
CA LYS A 368 8.92 -49.90 11.37
C LYS A 368 10.15 -49.45 10.59
N PRO A 369 10.06 -48.50 9.62
CA PRO A 369 10.86 -48.56 8.39
C PRO A 369 12.19 -49.32 8.40
N ASP A 370 12.68 -49.65 7.19
CA ASP A 370 14.00 -50.24 7.02
C ASP A 370 15.05 -49.14 6.93
N VAL A 371 16.09 -49.22 7.77
CA VAL A 371 17.14 -48.21 7.77
C VAL A 371 17.85 -48.22 6.41
N ASN A 372 18.27 -47.05 5.95
CA ASN A 372 19.03 -46.89 4.72
C ASN A 372 20.48 -46.62 5.10
N ALA A 373 21.34 -47.63 4.89
CA ALA A 373 22.74 -47.50 5.30
C ALA A 373 23.44 -46.38 4.55
N ASP A 374 23.16 -46.22 3.26
CA ASP A 374 23.83 -45.18 2.48
C ASP A 374 23.59 -43.81 3.10
N ILE A 375 22.35 -43.53 3.52
CA ILE A 375 22.03 -42.22 4.09
C ILE A 375 22.82 -42.00 5.39
N VAL A 376 22.79 -42.98 6.29
CA VAL A 376 23.48 -42.84 7.57
C VAL A 376 24.96 -42.60 7.34
N HIS A 377 25.59 -43.40 6.46
CA HIS A 377 27.02 -43.24 6.22
C HIS A 377 27.34 -41.83 5.77
N TRP A 378 26.58 -41.30 4.81
CA TRP A 378 26.83 -39.95 4.33
C TRP A 378 26.55 -38.91 5.40
N LEU A 379 25.56 -39.16 6.26
CA LEU A 379 25.29 -38.25 7.36
C LEU A 379 26.47 -38.20 8.33
N SER A 380 27.04 -39.36 8.67
CA SER A 380 28.15 -39.37 9.60
C SER A 380 29.37 -38.64 9.06
N TRP A 381 29.58 -38.69 7.74
CA TRP A 381 30.73 -38.02 7.14
C TRP A 381 30.55 -36.51 7.14
N THR A 382 29.40 -36.04 6.68
CA THR A 382 29.16 -34.62 6.48
C THR A 382 28.56 -33.94 7.71
N ALA A 383 28.33 -34.68 8.80
CA ALA A 383 27.62 -34.12 9.94
C ALA A 383 28.27 -32.85 10.45
N GLN A 384 29.60 -32.78 10.38
CA GLN A 384 30.32 -31.61 10.88
C GLN A 384 30.34 -30.47 9.87
N GLY A 385 29.95 -30.71 8.60
CA GLY A 385 29.97 -29.69 7.58
C GLY A 385 28.63 -28.96 7.41
N PHE A 386 28.68 -27.89 6.63
CA PHE A 386 27.54 -27.01 6.40
C PHE A 386 27.54 -26.60 4.93
N LEU A 387 26.44 -26.87 4.25
CA LEU A 387 26.32 -26.61 2.81
C LEU A 387 25.49 -25.35 2.61
N SER A 388 26.17 -24.24 2.31
CA SER A 388 25.48 -22.95 2.29
C SER A 388 24.32 -22.90 1.29
N PRO A 389 24.40 -23.49 0.09
CA PRO A 389 23.25 -23.43 -0.82
C PRO A 389 22.03 -24.16 -0.31
N LEU A 390 22.21 -25.35 0.28
CA LEU A 390 21.09 -26.04 0.91
C LEU A 390 20.50 -25.18 2.03
N ALA A 391 21.37 -24.48 2.77
CA ALA A 391 20.88 -23.58 3.81
C ALA A 391 20.06 -22.45 3.23
N ALA A 392 20.51 -21.88 2.10
CA ALA A 392 19.73 -20.82 1.48
C ALA A 392 18.37 -21.34 1.03
N ALA A 393 18.32 -22.58 0.55
CA ALA A 393 17.06 -23.16 0.11
C ALA A 393 16.13 -23.40 1.29
N VAL A 394 16.64 -24.05 2.35
CA VAL A 394 15.82 -24.28 3.54
C VAL A 394 15.45 -22.95 4.17
N GLY A 395 16.35 -21.97 4.11
CA GLY A 395 16.07 -20.65 4.66
C GLY A 395 14.87 -19.99 4.00
N GLY A 396 14.82 -20.03 2.67
CA GLY A 396 13.68 -19.45 1.98
C GLY A 396 12.37 -20.09 2.41
N VAL A 397 12.31 -21.41 2.38
CA VAL A 397 11.06 -22.09 2.72
C VAL A 397 10.67 -21.76 4.15
N ALA A 398 11.59 -21.98 5.09
CA ALA A 398 11.30 -21.70 6.49
C ALA A 398 10.76 -20.27 6.65
N SER A 399 11.40 -19.29 6.00
CA SER A 399 10.95 -17.91 6.11
C SER A 399 9.47 -17.81 5.78
N GLN A 400 9.07 -18.32 4.61
CA GLN A 400 7.69 -18.18 4.16
C GLN A 400 6.72 -18.76 5.17
N GLU A 401 7.11 -19.84 5.86
CA GLU A 401 6.22 -20.44 6.84
C GLU A 401 5.94 -19.47 7.98
N VAL A 402 6.94 -18.70 8.40
CA VAL A 402 6.74 -17.69 9.44
C VAL A 402 5.66 -16.70 9.00
N LEU A 403 5.79 -16.16 7.78
CA LEU A 403 4.79 -15.25 7.26
C LEU A 403 3.41 -15.90 7.26
N LYS A 404 3.33 -17.16 6.84
CA LYS A 404 2.06 -17.88 6.86
C LYS A 404 1.46 -17.90 8.26
N ALA A 405 2.31 -17.93 9.29
CA ALA A 405 1.83 -18.05 10.66
C ALA A 405 1.31 -16.72 11.19
N VAL A 406 1.95 -15.60 10.85
CA VAL A 406 1.50 -14.31 11.34
C VAL A 406 0.37 -13.74 10.49
N THR A 407 0.27 -14.16 9.23
CA THR A 407 -0.75 -13.66 8.31
C THR A 407 -1.85 -14.66 8.01
N GLY A 408 -1.53 -15.94 7.89
CA GLY A 408 -2.47 -16.90 7.37
C GLY A 408 -2.66 -16.82 5.88
N LYS A 409 -1.69 -16.25 5.15
CA LYS A 409 -1.85 -15.97 3.73
C LYS A 409 -1.83 -17.21 2.86
N PHE A 410 -1.24 -18.32 3.32
CA PHE A 410 -1.25 -19.56 2.56
C PHE A 410 -1.42 -20.73 3.52
N SER A 411 -1.73 -21.88 2.95
CA SER A 411 -1.81 -23.10 3.75
C SER A 411 -0.40 -23.50 4.17
N PRO A 412 -0.21 -23.88 5.44
CA PRO A 412 1.15 -24.06 5.96
C PRO A 412 1.73 -25.43 5.59
N LEU A 413 3.00 -25.60 5.95
CA LEU A 413 3.63 -26.91 5.89
C LEU A 413 2.98 -27.82 6.92
N CYS A 414 2.77 -29.07 6.53
CA CYS A 414 2.23 -30.06 7.47
C CYS A 414 3.41 -30.79 8.12
N GLN A 415 3.84 -30.24 9.26
CA GLN A 415 4.86 -30.85 10.11
C GLN A 415 6.25 -30.81 9.46
N TRP A 416 6.73 -31.93 8.89
CA TRP A 416 8.13 -32.05 8.51
C TRP A 416 8.40 -31.77 7.04
N LEU A 417 9.67 -31.44 6.75
CA LEU A 417 10.19 -31.38 5.38
C LEU A 417 11.69 -31.62 5.42
N TYR A 418 12.15 -32.67 4.75
CA TYR A 418 13.56 -33.00 4.68
C TYR A 418 14.04 -32.82 3.25
N LEU A 419 15.06 -31.99 3.08
CA LEU A 419 15.68 -31.75 1.79
C LEU A 419 17.13 -32.21 1.85
N GLU A 420 17.68 -32.60 0.71
CA GLU A 420 18.99 -33.23 0.69
C GLU A 420 19.77 -32.84 -0.56
N ALA A 421 21.09 -33.01 -0.46
CA ALA A 421 22.00 -32.86 -1.58
C ALA A 421 22.75 -34.15 -1.83
N ALA A 422 22.11 -35.28 -1.55
CA ALA A 422 22.75 -36.58 -1.73
C ALA A 422 23.28 -36.75 -3.14
N ASP A 423 22.58 -36.20 -4.13
CA ASP A 423 23.01 -36.32 -5.51
C ASP A 423 24.37 -35.68 -5.76
N ILE A 424 24.82 -34.81 -4.85
CA ILE A 424 26.12 -34.16 -5.01
C ILE A 424 27.28 -35.05 -4.54
N VAL A 425 27.03 -36.00 -3.65
CA VAL A 425 28.08 -36.85 -3.13
C VAL A 425 28.03 -38.27 -3.70
N GLU A 426 26.84 -38.77 -4.05
CA GLU A 426 26.72 -40.14 -4.51
C GLU A 426 27.63 -40.41 -5.71
N SER A 427 27.81 -39.42 -6.59
CA SER A 427 28.62 -39.60 -7.78
C SER A 427 30.12 -39.63 -7.50
N LEU A 428 30.53 -39.30 -6.28
CA LEU A 428 31.92 -39.41 -5.88
C LEU A 428 32.30 -40.84 -5.48
N GLY A 429 31.33 -41.76 -5.42
CA GLY A 429 31.59 -43.14 -5.08
C GLY A 429 31.96 -43.33 -3.61
N LYS A 430 33.14 -43.91 -3.36
CA LYS A 430 33.69 -44.03 -2.01
C LYS A 430 35.02 -43.27 -1.99
N PRO A 431 35.01 -42.00 -1.63
CA PRO A 431 36.23 -41.18 -1.71
C PRO A 431 37.05 -41.24 -0.43
N GLU A 432 38.23 -40.62 -0.49
CA GLU A 432 39.16 -40.62 0.63
C GLU A 432 38.72 -39.65 1.72
N CYS A 433 38.96 -40.03 2.97
CA CYS A 433 38.60 -39.16 4.10
C CYS A 433 39.54 -37.97 4.21
N GLU A 434 40.80 -38.11 3.74
CA GLU A 434 41.73 -37.00 3.83
C GLU A 434 41.26 -35.79 3.03
N GLU A 435 40.47 -36.02 1.97
CA GLU A 435 39.99 -34.90 1.17
C GLU A 435 39.13 -33.95 1.99
N PHE A 436 38.31 -34.49 2.89
CA PHE A 436 37.31 -33.72 3.61
C PHE A 436 37.82 -33.15 4.93
N LEU A 437 39.14 -33.18 5.15
CA LEU A 437 39.71 -32.67 6.39
C LEU A 437 39.90 -31.16 6.29
N PRO A 438 39.75 -30.43 7.41
CA PRO A 438 39.85 -28.97 7.35
C PRO A 438 41.28 -28.49 7.22
N ARG A 439 41.49 -27.51 6.34
CA ARG A 439 42.78 -26.89 6.11
C ARG A 439 42.91 -25.53 6.79
N GLY A 440 41.89 -25.10 7.53
CA GLY A 440 41.92 -23.84 8.25
C GLY A 440 41.25 -22.69 7.54
N ASP A 441 40.96 -22.82 6.24
CA ASP A 441 40.48 -21.71 5.44
C ASP A 441 38.98 -21.48 5.69
N ARG A 442 38.37 -20.60 4.88
CA ARG A 442 36.95 -20.33 5.02
C ARG A 442 36.09 -21.45 4.45
N TYR A 443 36.59 -22.14 3.43
CA TYR A 443 35.80 -23.15 2.72
C TYR A 443 35.79 -24.51 3.44
N ASP A 444 36.30 -24.59 4.67
CA ASP A 444 36.35 -25.86 5.37
C ASP A 444 34.96 -26.50 5.46
N ALA A 445 33.93 -25.69 5.70
CA ALA A 445 32.59 -26.22 5.83
C ALA A 445 32.13 -26.87 4.53
N LEU A 446 32.38 -26.21 3.40
CA LEU A 446 32.06 -26.81 2.11
C LEU A 446 32.90 -28.06 1.87
N ARG A 447 34.20 -27.98 2.16
CA ARG A 447 35.07 -29.14 1.94
C ARG A 447 34.54 -30.36 2.68
N ALA A 448 34.08 -30.18 3.93
CA ALA A 448 33.54 -31.28 4.71
C ALA A 448 32.28 -31.87 4.11
N CYS A 449 31.67 -31.18 3.14
CA CYS A 449 30.49 -31.69 2.45
C CYS A 449 30.81 -32.32 1.09
N ILE A 450 31.78 -31.78 0.32
CA ILE A 450 31.98 -32.24 -1.04
C ILE A 450 33.42 -32.67 -1.34
N GLY A 451 34.32 -32.45 -0.38
CA GLY A 451 35.71 -32.85 -0.57
C GLY A 451 36.51 -31.85 -1.37
N ASP A 452 37.83 -31.80 -1.13
CA ASP A 452 38.65 -30.73 -1.70
C ASP A 452 38.66 -30.78 -3.23
N THR A 453 38.51 -31.97 -3.82
CA THR A 453 38.53 -32.07 -5.28
C THR A 453 37.47 -31.17 -5.89
N LEU A 454 36.22 -31.33 -5.47
CA LEU A 454 35.13 -30.55 -6.04
C LEU A 454 35.22 -29.09 -5.63
N CYS A 455 35.78 -28.79 -4.46
CA CYS A 455 36.01 -27.40 -4.08
C CYS A 455 36.97 -26.72 -5.04
N GLN A 456 38.01 -27.44 -5.47
CA GLN A 456 38.98 -26.87 -6.40
C GLN A 456 38.35 -26.62 -7.77
N LYS A 457 37.46 -27.52 -8.21
CA LYS A 457 36.79 -27.30 -9.49
C LYS A 457 35.94 -26.04 -9.45
N LEU A 458 35.25 -25.79 -8.34
CA LEU A 458 34.45 -24.58 -8.21
C LEU A 458 35.34 -23.35 -8.23
N GLN A 459 36.50 -23.40 -7.56
CA GLN A 459 37.36 -22.23 -7.46
C GLN A 459 37.87 -21.79 -8.83
N ASN A 460 38.06 -22.73 -9.76
CA ASN A 460 38.58 -22.41 -11.08
C ASN A 460 37.49 -22.16 -12.11
N LEU A 461 36.22 -22.27 -11.74
CA LEU A 461 35.12 -22.15 -12.70
C LEU A 461 35.15 -20.80 -13.42
N ASN A 462 34.47 -20.75 -14.56
CA ASN A 462 34.28 -19.52 -15.34
C ASN A 462 32.79 -19.43 -15.68
N ILE A 463 32.01 -18.77 -14.83
CA ILE A 463 30.56 -18.76 -14.99
C ILE A 463 30.13 -17.48 -15.69
N PHE A 464 29.05 -17.58 -16.44
CA PHE A 464 28.43 -16.46 -17.15
C PHE A 464 27.01 -16.32 -16.60
N LEU A 465 26.80 -15.30 -15.77
CA LEU A 465 25.50 -15.02 -15.16
C LEU A 465 24.77 -13.99 -16.01
N VAL A 466 23.66 -14.40 -16.62
CA VAL A 466 22.89 -13.54 -17.50
C VAL A 466 21.73 -12.98 -16.68
N GLY A 467 21.87 -11.74 -16.22
CA GLY A 467 20.83 -11.11 -15.44
C GLY A 467 21.20 -10.93 -13.99
N CYS A 468 21.10 -9.69 -13.51
CA CYS A 468 21.43 -9.36 -12.14
C CYS A 468 20.18 -8.85 -11.44
N GLY A 469 19.09 -9.62 -11.54
CA GLY A 469 17.87 -9.33 -10.82
C GLY A 469 17.91 -9.90 -9.41
N ALA A 470 16.75 -10.29 -8.91
CA ALA A 470 16.69 -10.91 -7.58
C ALA A 470 17.37 -12.27 -7.59
N ILE A 471 17.09 -13.09 -8.61
CA ILE A 471 17.75 -14.40 -8.70
C ILE A 471 19.25 -14.21 -8.88
N GLY A 472 19.66 -13.30 -9.77
CA GLY A 472 21.07 -13.07 -9.99
C GLY A 472 21.80 -12.64 -8.73
N CYS A 473 21.19 -11.73 -7.96
CA CYS A 473 21.84 -11.24 -6.75
C CYS A 473 22.02 -12.37 -5.73
N GLU A 474 20.98 -13.17 -5.52
CA GLU A 474 21.12 -14.32 -4.63
C GLU A 474 22.18 -15.28 -5.15
N MET A 475 22.18 -15.55 -6.47
CA MET A 475 23.16 -16.45 -7.05
C MET A 475 24.58 -16.00 -6.70
N LEU A 476 24.83 -14.69 -6.79
CA LEU A 476 26.17 -14.17 -6.51
C LEU A 476 26.57 -14.41 -5.05
N LYS A 477 25.63 -14.25 -4.13
CA LYS A 477 25.93 -14.58 -2.73
C LYS A 477 26.20 -16.07 -2.57
N ASN A 478 25.43 -16.91 -3.27
CA ASN A 478 25.66 -18.33 -3.21
C ASN A 478 26.99 -18.71 -3.85
N PHE A 479 27.35 -18.04 -4.96
CA PHE A 479 28.68 -18.25 -5.54
C PHE A 479 29.77 -17.97 -4.51
N ALA A 480 29.66 -16.83 -3.82
CA ALA A 480 30.74 -16.37 -2.96
C ALA A 480 30.98 -17.32 -1.78
N LEU A 481 29.91 -17.78 -1.14
CA LEU A 481 30.08 -18.75 -0.05
C LEU A 481 30.67 -20.05 -0.57
N LEU A 482 30.27 -20.46 -1.78
CA LEU A 482 30.82 -21.66 -2.42
C LEU A 482 32.25 -21.46 -2.88
N GLY A 483 32.71 -20.22 -3.05
CA GLY A 483 34.05 -19.97 -3.53
C GLY A 483 34.19 -20.07 -5.03
N VAL A 484 33.10 -19.85 -5.77
CA VAL A 484 33.15 -19.94 -7.23
C VAL A 484 34.05 -18.85 -7.78
N GLY A 485 34.95 -19.23 -8.67
CA GLY A 485 35.83 -18.28 -9.33
C GLY A 485 36.69 -17.46 -8.39
N THR A 486 37.19 -18.07 -7.32
CA THR A 486 38.07 -17.37 -6.38
C THR A 486 39.55 -17.59 -6.67
N SER A 487 39.90 -18.57 -7.50
CA SER A 487 41.29 -18.81 -7.85
C SER A 487 41.72 -17.76 -8.88
N LYS A 488 42.81 -17.05 -8.58
CA LYS A 488 43.23 -15.95 -9.44
C LYS A 488 43.71 -16.44 -10.78
N GLU A 489 44.32 -17.64 -10.83
CA GLU A 489 44.93 -18.11 -12.07
C GLU A 489 43.88 -18.41 -13.14
N LYS A 490 42.75 -19.01 -12.74
CA LYS A 490 41.77 -19.51 -13.70
C LYS A 490 40.38 -18.88 -13.58
N GLY A 491 39.87 -18.71 -12.36
CA GLY A 491 38.45 -18.43 -12.20
C GLY A 491 38.07 -17.01 -12.62
N MET A 492 36.90 -16.90 -13.26
CA MET A 492 36.35 -15.60 -13.64
C MET A 492 34.83 -15.72 -13.79
N ILE A 493 34.09 -15.05 -12.91
CA ILE A 493 32.65 -14.91 -13.04
C ILE A 493 32.37 -13.70 -13.92
N THR A 494 31.50 -13.86 -14.91
CA THR A 494 31.09 -12.76 -15.78
C THR A 494 29.58 -12.57 -15.63
N VAL A 495 29.19 -11.41 -15.12
CA VAL A 495 27.79 -11.07 -14.89
C VAL A 495 27.46 -9.84 -15.73
N THR A 496 26.30 -9.86 -16.37
CA THR A 496 25.88 -8.73 -17.20
C THR A 496 24.38 -8.50 -17.05
N ASP A 497 23.99 -7.23 -16.89
CA ASP A 497 22.59 -6.80 -16.89
C ASP A 497 22.59 -5.36 -17.39
N PRO A 498 21.65 -4.99 -18.27
CA PRO A 498 21.63 -3.63 -18.80
C PRO A 498 20.78 -2.63 -18.03
N ASP A 499 20.03 -3.07 -17.02
CA ASP A 499 19.09 -2.21 -16.33
C ASP A 499 19.73 -1.54 -15.11
N LEU A 500 19.03 -0.55 -14.57
CA LEU A 500 19.46 0.22 -13.41
C LEU A 500 18.53 -0.06 -12.23
N ILE A 501 18.88 0.50 -11.08
CA ILE A 501 18.16 0.24 -9.82
C ILE A 501 17.03 1.25 -9.66
N GLU A 502 15.98 0.81 -8.96
CA GLU A 502 14.77 1.58 -8.75
C GLU A 502 14.54 1.77 -7.26
N LYS A 503 13.69 2.75 -6.91
CA LYS A 503 13.44 3.05 -5.51
C LYS A 503 12.81 1.85 -4.80
N SER A 504 11.86 1.18 -5.44
CA SER A 504 11.31 -0.07 -4.95
C SER A 504 10.54 0.11 -3.63
N ASN A 505 11.24 0.47 -2.55
CA ASN A 505 10.62 0.67 -1.24
C ASN A 505 9.96 -0.59 -0.70
N LEU A 506 9.08 -1.23 -1.49
CA LEU A 506 8.56 -2.56 -1.18
C LEU A 506 9.18 -3.59 -2.11
N ASN A 507 9.19 -4.84 -1.67
CA ASN A 507 9.94 -5.93 -2.31
C ASN A 507 11.35 -5.46 -2.70
N ARG A 508 12.06 -4.96 -1.70
CA ARG A 508 13.42 -4.43 -1.88
C ARG A 508 14.46 -5.53 -1.75
N GLN A 509 15.52 -5.43 -2.56
CA GLN A 509 16.53 -6.46 -2.65
C GLN A 509 17.63 -6.25 -1.60
N PHE A 510 18.33 -7.34 -1.27
CA PHE A 510 19.29 -7.31 -0.16
C PHE A 510 20.65 -6.80 -0.58
N LEU A 511 21.04 -6.96 -1.84
CA LEU A 511 22.30 -6.37 -2.29
C LEU A 511 22.18 -4.87 -2.50
N PHE A 512 21.02 -4.43 -3.00
CA PHE A 512 20.80 -3.03 -3.35
C PHE A 512 20.31 -2.24 -2.15
N ARG A 513 20.63 -0.94 -2.14
CA ARG A 513 20.29 -0.05 -1.03
C ARG A 513 19.86 1.30 -1.58
N PRO A 514 19.39 2.24 -0.74
CA PRO A 514 18.85 3.50 -1.29
C PRO A 514 19.89 4.33 -2.04
N HIS A 515 21.07 4.53 -1.45
CA HIS A 515 22.08 5.35 -2.12
C HIS A 515 22.55 4.75 -3.44
N HIS A 516 22.20 3.49 -3.72
CA HIS A 516 22.51 2.87 -5.00
C HIS A 516 21.50 3.20 -6.09
N ILE A 517 20.37 3.84 -5.74
CA ILE A 517 19.31 4.06 -6.71
C ILE A 517 19.87 4.72 -7.97
N GLN A 518 19.39 4.27 -9.13
CA GLN A 518 19.77 4.79 -10.43
C GLN A 518 21.23 4.51 -10.77
N LYS A 519 21.83 3.50 -10.16
CA LYS A 519 23.18 3.06 -10.48
C LYS A 519 23.11 1.64 -11.04
N PRO A 520 24.03 1.26 -11.92
CA PRO A 520 23.90 -0.03 -12.61
C PRO A 520 23.75 -1.20 -11.64
N LYS A 521 22.92 -2.17 -12.02
CA LYS A 521 22.70 -3.34 -11.17
C LYS A 521 23.97 -4.19 -11.08
N SER A 522 24.51 -4.61 -12.23
CA SER A 522 25.63 -5.54 -12.22
C SER A 522 26.83 -4.95 -11.48
N TYR A 523 27.24 -3.72 -11.84
CA TYR A 523 28.38 -3.11 -11.16
C TYR A 523 28.19 -3.12 -9.65
N THR A 524 27.01 -2.69 -9.18
CA THR A 524 26.76 -2.58 -7.75
C THR A 524 26.86 -3.94 -7.07
N ALA A 525 26.20 -4.95 -7.65
CA ALA A 525 26.26 -6.28 -7.06
C ALA A 525 27.71 -6.77 -6.99
N ALA A 526 28.43 -6.68 -8.11
CA ALA A 526 29.82 -7.13 -8.12
C ALA A 526 30.62 -6.51 -6.99
N ASP A 527 30.49 -5.19 -6.81
CA ASP A 527 31.21 -4.52 -5.73
C ASP A 527 30.71 -5.00 -4.37
N ALA A 528 29.40 -5.23 -4.25
CA ALA A 528 28.86 -5.74 -2.98
C ALA A 528 29.28 -7.18 -2.73
N THR A 529 29.39 -7.98 -3.80
CA THR A 529 29.76 -9.39 -3.63
C THR A 529 31.16 -9.54 -3.08
N LEU A 530 32.11 -8.73 -3.58
CA LEU A 530 33.48 -8.84 -3.09
C LEU A 530 33.56 -8.63 -1.59
N LYS A 531 32.65 -7.84 -1.02
CA LYS A 531 32.62 -7.69 0.43
C LYS A 531 32.25 -9.00 1.12
N ILE A 532 31.52 -9.88 0.42
CA ILE A 532 31.22 -11.20 0.96
C ILE A 532 32.46 -12.08 0.89
N ASN A 533 33.08 -12.17 -0.28
CA ASN A 533 34.29 -12.96 -0.47
C ASN A 533 35.30 -12.15 -1.27
N SER A 534 36.37 -11.71 -0.60
CA SER A 534 37.35 -10.84 -1.24
C SER A 534 38.00 -11.53 -2.44
N GLN A 535 38.31 -12.82 -2.31
CA GLN A 535 39.07 -13.52 -3.33
C GLN A 535 38.31 -13.71 -4.64
N ILE A 536 37.00 -13.41 -4.67
CA ILE A 536 36.18 -13.67 -5.84
C ILE A 536 36.51 -12.70 -6.96
N LYS A 537 36.50 -13.20 -8.20
CA LYS A 537 36.81 -12.42 -9.40
C LYS A 537 35.55 -12.28 -10.26
N ILE A 538 35.11 -11.04 -10.47
CA ILE A 538 33.87 -10.78 -11.20
C ILE A 538 34.12 -9.72 -12.27
N ASP A 539 33.67 -10.00 -13.49
CA ASP A 539 33.76 -9.05 -14.60
C ASP A 539 32.34 -8.54 -14.86
N ALA A 540 32.05 -7.33 -14.40
CA ALA A 540 30.73 -6.76 -14.52
C ALA A 540 30.58 -6.05 -15.86
N HIS A 541 29.48 -6.32 -16.55
CA HIS A 541 29.19 -5.70 -17.84
C HIS A 541 27.77 -5.17 -17.85
N LEU A 542 27.53 -4.16 -18.69
CA LEU A 542 26.23 -3.53 -18.83
C LEU A 542 25.54 -3.93 -20.13
N ASN A 543 26.08 -4.92 -20.84
CA ASN A 543 25.58 -5.30 -22.16
C ASN A 543 24.45 -6.31 -22.02
N LYS A 544 23.38 -6.10 -22.78
CA LYS A 544 22.29 -7.05 -22.85
C LYS A 544 22.67 -8.20 -23.77
N VAL A 545 22.25 -9.41 -23.39
CA VAL A 545 22.56 -10.61 -24.18
C VAL A 545 21.46 -10.73 -25.24
N CYS A 546 21.80 -10.38 -26.47
CA CYS A 546 20.87 -10.43 -27.60
C CYS A 546 21.68 -10.51 -28.88
N PRO A 547 21.04 -10.53 -30.06
CA PRO A 547 21.83 -10.64 -31.29
C PRO A 547 22.80 -9.49 -31.50
N THR A 548 22.46 -8.27 -31.08
CA THR A 548 23.35 -7.13 -31.35
C THR A 548 24.69 -7.28 -30.65
N THR A 549 24.73 -7.96 -29.50
CA THR A 549 25.95 -8.13 -28.73
C THR A 549 26.64 -9.46 -29.00
N GLU A 550 26.13 -10.26 -29.94
CA GLU A 550 26.73 -11.57 -30.21
C GLU A 550 28.21 -11.45 -30.54
N THR A 551 28.63 -10.31 -31.10
CA THR A 551 30.05 -10.06 -31.27
C THR A 551 30.76 -9.94 -29.92
N ILE A 552 30.13 -9.24 -28.98
CA ILE A 552 30.71 -9.05 -27.65
C ILE A 552 30.83 -10.39 -26.93
N TYR A 553 29.77 -11.20 -26.98
CA TYR A 553 29.78 -12.54 -26.42
C TYR A 553 29.88 -13.56 -27.55
N ASN A 554 31.10 -13.64 -28.11
CA ASN A 554 31.37 -14.44 -29.29
C ASN A 554 31.52 -15.92 -28.93
N ASP A 555 31.54 -16.77 -29.96
CA ASP A 555 31.67 -18.20 -29.74
C ASP A 555 32.86 -18.53 -28.87
N GLU A 556 33.95 -17.75 -28.97
CA GLU A 556 35.08 -17.95 -28.08
C GLU A 556 34.65 -17.79 -26.63
N PHE A 557 33.89 -16.73 -26.34
CA PHE A 557 33.49 -16.47 -24.96
C PHE A 557 32.69 -17.64 -24.40
N TYR A 558 31.66 -18.07 -25.11
CA TYR A 558 30.82 -19.16 -24.62
C TYR A 558 31.63 -20.44 -24.44
N THR A 559 32.61 -20.69 -25.32
CA THR A 559 33.42 -21.89 -25.17
C THR A 559 34.38 -21.79 -23.98
N LYS A 560 34.85 -20.57 -23.66
CA LYS A 560 35.70 -20.42 -22.48
C LYS A 560 34.91 -20.55 -21.19
N GLN A 561 33.64 -20.15 -21.21
CA GLN A 561 32.81 -20.27 -20.02
C GLN A 561 32.48 -21.73 -19.77
N ASP A 562 32.66 -22.17 -18.52
CA ASP A 562 32.43 -23.57 -18.16
C ASP A 562 30.96 -23.86 -17.91
N VAL A 563 30.20 -22.87 -17.41
CA VAL A 563 28.76 -23.02 -17.20
C VAL A 563 28.10 -21.67 -17.43
N ILE A 564 26.85 -21.71 -17.89
CA ILE A 564 26.03 -20.51 -18.10
C ILE A 564 24.79 -20.61 -17.22
N ILE A 565 24.43 -19.51 -16.56
CA ILE A 565 23.28 -19.45 -15.66
C ILE A 565 22.44 -18.23 -16.01
N THR A 566 21.12 -18.40 -16.09
CA THR A 566 20.21 -17.36 -16.55
C THR A 566 19.30 -16.89 -15.42
N ALA A 567 19.19 -15.57 -15.28
CA ALA A 567 18.31 -14.93 -14.29
C ALA A 567 17.44 -13.89 -15.00
N LEU A 568 16.65 -14.38 -15.95
CA LEU A 568 15.89 -13.53 -16.86
C LEU A 568 14.43 -13.48 -16.46
N ASP A 569 13.69 -12.56 -17.09
CA ASP A 569 12.26 -12.41 -16.84
C ASP A 569 11.41 -12.56 -18.10
N ASN A 570 12.03 -12.80 -19.27
CA ASN A 570 11.29 -12.96 -20.53
C ASN A 570 11.80 -14.19 -21.25
N VAL A 571 10.89 -14.90 -21.93
CA VAL A 571 11.25 -16.18 -22.55
C VAL A 571 12.16 -15.97 -23.76
N GLU A 572 11.99 -14.86 -24.49
CA GLU A 572 12.78 -14.66 -25.70
C GLU A 572 14.28 -14.70 -25.39
N ALA A 573 14.69 -13.99 -24.33
CA ALA A 573 16.10 -14.00 -23.96
C ALA A 573 16.55 -15.39 -23.53
N ARG A 574 15.66 -16.15 -22.87
CA ARG A 574 16.00 -17.51 -22.49
C ARG A 574 16.29 -18.36 -23.73
N ARG A 575 15.50 -18.18 -24.79
CA ARG A 575 15.71 -18.96 -26.00
C ARG A 575 17.00 -18.55 -26.70
N TYR A 576 17.32 -17.25 -26.69
CA TYR A 576 18.55 -16.79 -27.33
C TYR A 576 19.78 -17.34 -26.62
N VAL A 577 19.75 -17.40 -25.29
CA VAL A 577 20.88 -17.94 -24.53
C VAL A 577 20.96 -19.45 -24.71
N ASP A 578 19.81 -20.14 -24.68
CA ASP A 578 19.81 -21.58 -24.88
C ASP A 578 20.38 -21.94 -26.24
N SER A 579 19.99 -21.19 -27.28
CA SER A 579 20.51 -21.46 -28.62
C SER A 579 22.02 -21.23 -28.68
N ARG A 580 22.49 -20.12 -28.10
CA ARG A 580 23.93 -19.85 -28.09
C ARG A 580 24.71 -20.97 -27.41
N CYS A 581 24.19 -21.50 -26.30
CA CYS A 581 24.89 -22.54 -25.57
C CYS A 581 24.91 -23.86 -26.35
N LEU A 582 23.88 -24.11 -27.16
CA LEU A 582 23.86 -25.34 -27.96
C LEU A 582 24.96 -25.33 -29.02
N ALA A 583 25.22 -24.16 -29.62
CA ALA A 583 26.23 -24.07 -30.67
C ALA A 583 27.63 -24.34 -30.13
N ASN A 584 27.92 -23.83 -28.94
CA ASN A 584 29.24 -23.99 -28.32
C ASN A 584 29.30 -25.18 -27.37
N LEU A 585 28.21 -25.94 -27.26
CA LEU A 585 28.19 -27.20 -26.51
C LEU A 585 28.60 -26.97 -25.05
N ARG A 586 27.88 -26.08 -24.40
CA ARG A 586 28.08 -25.74 -23.00
C ARG A 586 26.77 -25.85 -22.24
N PRO A 587 26.81 -26.08 -20.93
CA PRO A 587 25.57 -26.24 -20.16
C PRO A 587 24.90 -24.91 -19.81
N LEU A 588 23.62 -25.01 -19.43
CA LEU A 588 22.78 -23.86 -19.10
C LEU A 588 21.88 -24.16 -17.92
N LEU A 589 21.83 -23.23 -16.96
CA LEU A 589 21.00 -23.37 -15.76
C LEU A 589 20.00 -22.22 -15.68
N ASP A 590 18.72 -22.53 -15.92
CA ASP A 590 17.65 -21.55 -15.95
C ASP A 590 16.86 -21.59 -14.65
N SER A 591 16.26 -20.44 -14.30
CA SER A 591 15.39 -20.36 -13.14
C SER A 591 14.40 -19.22 -13.32
N GLY A 592 13.26 -19.34 -12.67
CA GLY A 592 12.22 -18.33 -12.74
C GLY A 592 11.50 -18.21 -11.41
N THR A 593 10.98 -17.00 -11.16
CA THR A 593 10.23 -16.70 -9.95
C THR A 593 8.95 -15.96 -10.31
N MET A 594 7.81 -16.51 -9.90
CA MET A 594 6.49 -15.92 -10.14
C MET A 594 5.75 -15.97 -8.80
N GLY A 595 6.07 -15.03 -7.91
CA GLY A 595 5.47 -15.01 -6.59
C GLY A 595 5.93 -16.17 -5.72
N THR A 596 4.98 -16.96 -5.20
CA THR A 596 5.33 -18.16 -4.46
C THR A 596 5.94 -19.23 -5.37
N LYS A 597 5.53 -19.26 -6.64
CA LYS A 597 5.99 -20.29 -7.57
C LYS A 597 7.39 -19.98 -8.08
N GLY A 598 8.19 -21.04 -8.25
CA GLY A 598 9.49 -20.94 -8.87
C GLY A 598 9.76 -22.19 -9.67
N HIS A 599 10.81 -22.13 -10.49
CA HIS A 599 11.17 -23.29 -11.30
C HIS A 599 12.66 -23.28 -11.59
N THR A 600 13.22 -24.49 -11.76
CA THR A 600 14.61 -24.70 -12.11
C THR A 600 14.68 -25.70 -13.26
N GLU A 601 15.47 -25.39 -14.29
CA GLU A 601 15.67 -26.28 -15.42
C GLU A 601 17.17 -26.38 -15.69
N VAL A 602 17.72 -27.59 -15.63
CA VAL A 602 19.15 -27.83 -15.86
C VAL A 602 19.29 -28.49 -17.23
N ILE A 603 20.18 -27.94 -18.06
CA ILE A 603 20.39 -28.36 -19.44
C ILE A 603 21.88 -28.65 -19.63
N VAL A 604 22.23 -29.91 -19.84
CA VAL A 604 23.63 -30.33 -19.94
C VAL A 604 23.90 -30.76 -21.38
N PRO A 605 25.12 -30.60 -21.90
CA PRO A 605 25.38 -31.01 -23.29
C PRO A 605 25.33 -32.52 -23.44
N HIS A 606 24.54 -32.98 -24.42
CA HIS A 606 24.44 -34.36 -24.87
C HIS A 606 23.78 -35.28 -23.85
N LEU A 607 23.33 -34.75 -22.72
CA LEU A 607 22.65 -35.53 -21.70
C LEU A 607 21.18 -35.18 -21.55
N THR A 608 20.77 -33.99 -22.00
CA THR A 608 19.41 -33.50 -21.80
C THR A 608 18.91 -32.87 -23.09
N GLU A 609 17.66 -32.44 -23.08
CA GLU A 609 17.09 -31.61 -24.12
C GLU A 609 17.31 -30.13 -23.78
N SER A 610 16.98 -29.27 -24.73
CA SER A 610 17.18 -27.83 -24.58
C SER A 610 15.88 -27.15 -24.18
N TYR A 611 16.00 -25.85 -23.86
CA TYR A 611 14.83 -25.05 -23.50
C TYR A 611 13.94 -24.80 -24.70
N ASN A 612 14.53 -24.63 -25.89
CA ASN A 612 13.73 -24.40 -27.08
C ASN A 612 12.87 -25.61 -27.42
N SER A 613 13.36 -26.81 -27.10
CA SER A 613 12.60 -28.02 -27.35
C SER A 613 11.31 -28.07 -26.54
N HIS A 614 11.29 -27.41 -25.38
CA HIS A 614 10.28 -27.67 -24.36
C HIS A 614 9.00 -26.87 -24.55
N ARG A 615 8.80 -26.20 -25.69
CA ARG A 615 7.45 -25.84 -26.13
C ARG A 615 6.64 -25.10 -25.06
N ASP A 616 5.67 -24.28 -25.46
CA ASP A 616 5.00 -23.47 -24.45
C ASP A 616 3.50 -23.43 -24.68
N PRO A 617 2.71 -23.54 -23.61
CA PRO A 617 1.24 -23.48 -23.75
C PRO A 617 0.77 -22.05 -23.97
N PRO A 618 -0.35 -21.85 -24.68
CA PRO A 618 -0.89 -20.50 -24.83
C PRO A 618 -1.44 -19.96 -23.51
N GLU A 619 -1.16 -18.68 -23.25
CA GLU A 619 -1.69 -18.04 -22.06
C GLU A 619 -3.19 -17.81 -22.23
N GLU A 620 -3.88 -17.60 -21.10
CA GLU A 620 -5.31 -17.39 -21.19
C GLU A 620 -5.62 -16.09 -21.94
N GLU A 621 -6.53 -16.25 -22.86
CA GLU A 621 -7.04 -15.33 -23.86
C GLU A 621 -8.11 -14.44 -23.26
N ILE A 622 -7.96 -13.13 -23.42
CA ILE A 622 -9.03 -12.21 -23.02
C ILE A 622 -10.20 -12.39 -23.98
N PRO A 623 -11.42 -12.66 -23.49
CA PRO A 623 -12.55 -12.98 -24.38
C PRO A 623 -12.60 -12.17 -25.65
N ILE A 624 -12.52 -12.84 -26.81
CA ILE A 624 -12.71 -12.12 -28.06
C ILE A 624 -14.06 -11.42 -28.03
N ALA A 625 -14.08 -10.15 -28.45
CA ALA A 625 -15.26 -9.29 -28.46
C ALA A 625 -15.26 -8.39 -27.23
N THR A 626 -14.81 -8.92 -26.10
CA THR A 626 -14.60 -8.07 -24.92
C THR A 626 -13.42 -7.13 -25.17
N LEU A 627 -12.40 -7.60 -25.86
CA LEU A 627 -11.28 -6.74 -26.21
C LEU A 627 -11.65 -5.81 -27.35
N LYS A 628 -12.44 -6.29 -28.30
CA LYS A 628 -12.71 -5.54 -29.51
C LYS A 628 -13.67 -4.37 -29.24
N ASN A 629 -14.69 -4.59 -28.42
CA ASN A 629 -15.74 -3.60 -28.23
C ASN A 629 -16.05 -3.24 -26.78
N PHE A 630 -15.58 -3.98 -25.79
CA PHE A 630 -15.90 -3.70 -24.38
C PHE A 630 -14.67 -3.82 -23.51
N PRO A 631 -13.78 -2.83 -23.56
CA PRO A 631 -12.67 -2.80 -22.61
C PRO A 631 -13.07 -2.14 -21.30
N ASN A 632 -12.63 -2.76 -20.21
CA ASN A 632 -12.94 -2.29 -18.87
C ASN A 632 -11.70 -1.82 -18.10
N ALA A 633 -10.49 -2.17 -18.56
CA ALA A 633 -9.29 -1.92 -17.80
C ALA A 633 -8.14 -1.60 -18.75
N ILE A 634 -7.10 -0.97 -18.19
CA ILE A 634 -5.91 -0.64 -18.97
C ILE A 634 -5.26 -1.89 -19.54
N GLU A 635 -5.52 -3.06 -18.92
CA GLU A 635 -5.02 -4.31 -19.48
C GLU A 635 -5.68 -4.61 -20.82
N HIS A 636 -6.94 -4.18 -21.00
CA HIS A 636 -7.63 -4.43 -22.26
C HIS A 636 -7.05 -3.57 -23.38
N THR A 637 -6.82 -2.28 -23.12
CA THR A 637 -6.32 -1.39 -24.17
C THR A 637 -4.88 -1.71 -24.53
N LEU A 638 -4.05 -2.02 -23.53
CA LEU A 638 -2.66 -2.36 -23.82
C LEU A 638 -2.57 -3.60 -24.71
N GLN A 639 -3.37 -4.62 -24.41
CA GLN A 639 -3.33 -5.83 -25.22
C GLN A 639 -3.91 -5.58 -26.61
N TRP A 640 -4.94 -4.72 -26.70
CA TRP A 640 -5.53 -4.41 -27.99
C TRP A 640 -4.54 -3.68 -28.89
N ALA A 641 -3.70 -2.83 -28.30
CA ALA A 641 -2.70 -2.12 -29.07
C ALA A 641 -1.65 -3.06 -29.65
N ARG A 642 -1.21 -4.05 -28.86
CA ARG A 642 -0.29 -5.06 -29.38
C ARG A 642 -0.94 -5.90 -30.46
N ASP A 643 -2.23 -6.23 -30.29
CA ASP A 643 -2.97 -6.90 -31.34
C ASP A 643 -3.03 -6.03 -32.59
N GLU A 644 -3.13 -4.70 -32.41
CA GLU A 644 -3.16 -3.78 -33.55
C GLU A 644 -1.77 -3.67 -34.20
N PHE A 645 -0.72 -3.57 -33.38
CA PHE A 645 0.63 -3.39 -33.92
C PHE A 645 0.99 -4.49 -34.91
N GLU A 646 0.74 -5.75 -34.54
CA GLU A 646 1.02 -6.84 -35.46
C GLU A 646 0.07 -6.80 -36.66
N GLY A 647 -1.18 -6.37 -36.46
CA GLY A 647 -2.14 -6.27 -37.53
C GLY A 647 -1.92 -5.10 -38.48
N LEU A 648 -0.98 -4.21 -38.18
CA LEU A 648 -0.70 -3.05 -39.00
C LEU A 648 0.71 -3.05 -39.57
N PHE A 649 1.72 -3.24 -38.73
CA PHE A 649 3.10 -3.04 -39.12
C PHE A 649 3.87 -4.33 -39.36
N LYS A 650 3.25 -5.49 -39.13
CA LYS A 650 3.91 -6.78 -39.35
C LYS A 650 3.13 -7.66 -40.30
N GLN A 651 1.90 -8.04 -39.94
CA GLN A 651 1.17 -9.02 -40.74
C GLN A 651 0.89 -8.54 -42.16
N PRO A 652 0.46 -7.30 -42.40
CA PRO A 652 0.27 -6.87 -43.80
C PRO A 652 1.52 -7.04 -44.63
N ALA A 653 2.67 -6.64 -44.07
CA ALA A 653 3.92 -6.71 -44.83
C ALA A 653 4.27 -8.15 -45.21
N GLU A 654 4.06 -9.09 -44.29
CA GLU A 654 4.36 -10.49 -44.61
C GLU A 654 3.39 -11.03 -45.66
N ASN A 655 2.11 -10.64 -45.60
CA ASN A 655 1.14 -11.12 -46.57
C ASN A 655 1.50 -10.66 -47.98
N VAL A 656 1.94 -9.42 -48.12
CA VAL A 656 2.28 -8.90 -49.44
C VAL A 656 3.59 -9.51 -49.94
N ASN A 657 4.58 -9.65 -49.06
CA ASN A 657 5.82 -10.30 -49.46
C ASN A 657 5.59 -11.75 -49.85
N GLN A 658 4.60 -12.40 -49.23
CA GLN A 658 4.27 -13.78 -49.59
C GLN A 658 3.55 -13.85 -50.93
N TYR A 659 2.72 -12.86 -51.24
CA TYR A 659 2.06 -12.81 -52.55
C TYR A 659 3.07 -12.69 -53.68
N LEU A 660 4.08 -11.85 -53.50
CA LEU A 660 5.07 -11.62 -54.55
C LEU A 660 5.99 -12.81 -54.74
N THR A 661 6.29 -13.54 -53.67
CA THR A 661 7.23 -14.65 -53.74
C THR A 661 6.57 -15.92 -54.26
N ASP A 662 5.40 -16.29 -53.73
CA ASP A 662 4.76 -17.56 -54.05
C ASP A 662 3.75 -17.39 -55.17
N PRO A 663 3.91 -18.05 -56.32
CA PRO A 663 2.85 -18.01 -57.34
C PRO A 663 1.60 -18.78 -56.95
N LYS A 664 1.72 -19.73 -56.02
CA LYS A 664 0.59 -20.50 -55.55
C LYS A 664 -0.10 -19.85 -54.36
N PHE A 665 0.44 -18.73 -53.86
CA PHE A 665 -0.21 -17.99 -52.78
C PHE A 665 -1.69 -17.80 -53.07
N VAL A 666 -2.02 -17.53 -54.34
CA VAL A 666 -3.41 -17.25 -54.70
C VAL A 666 -4.28 -18.47 -54.44
N GLU A 667 -3.78 -19.67 -54.73
CA GLU A 667 -4.55 -20.87 -54.45
C GLU A 667 -4.64 -21.15 -52.96
N ARG A 668 -3.52 -21.02 -52.24
CA ARG A 668 -3.50 -21.31 -50.81
C ARG A 668 -4.53 -20.47 -50.06
N THR A 669 -4.63 -19.19 -50.39
CA THR A 669 -5.55 -18.31 -49.69
C THR A 669 -7.00 -18.59 -50.06
N LEU A 670 -7.26 -18.91 -51.34
CA LEU A 670 -8.61 -19.31 -51.73
C LEU A 670 -9.08 -20.50 -50.92
N ARG A 671 -8.20 -21.49 -50.74
CA ARG A 671 -8.56 -22.69 -49.99
C ARG A 671 -8.82 -22.39 -48.53
N LEU A 672 -8.02 -21.50 -47.93
CA LEU A 672 -8.09 -21.29 -46.49
C LEU A 672 -9.40 -20.61 -46.09
N ALA A 673 -10.01 -21.12 -45.03
CA ALA A 673 -11.06 -20.43 -44.29
C ALA A 673 -12.04 -19.68 -45.17
N GLY A 674 -12.94 -20.42 -45.84
CA GLY A 674 -13.95 -19.79 -46.68
C GLY A 674 -14.69 -18.67 -45.98
N THR A 675 -15.15 -17.68 -46.73
CA THR A 675 -15.84 -16.48 -46.28
C THR A 675 -14.86 -15.47 -45.67
N GLN A 676 -13.61 -15.85 -45.42
CA GLN A 676 -12.58 -14.88 -45.09
C GLN A 676 -11.35 -14.95 -45.99
N PRO A 677 -11.41 -15.56 -47.20
CA PRO A 677 -10.36 -15.24 -48.17
C PRO A 677 -10.54 -13.84 -48.73
N LEU A 678 -11.79 -13.39 -48.85
CA LEU A 678 -12.07 -12.04 -49.31
C LEU A 678 -11.40 -11.00 -48.42
N GLU A 679 -11.39 -11.22 -47.10
CA GLU A 679 -10.82 -10.24 -46.20
C GLU A 679 -9.31 -10.11 -46.40
N VAL A 680 -8.61 -11.24 -46.53
CA VAL A 680 -7.17 -11.20 -46.77
C VAL A 680 -6.87 -10.59 -48.13
N LEU A 681 -7.63 -11.00 -49.15
CA LEU A 681 -7.38 -10.51 -50.51
C LEU A 681 -7.53 -9.00 -50.59
N GLU A 682 -8.60 -8.46 -50.01
CA GLU A 682 -8.80 -7.02 -50.03
C GLU A 682 -7.75 -6.29 -49.20
N ALA A 683 -7.29 -6.91 -48.11
CA ALA A 683 -6.21 -6.31 -47.31
C ALA A 683 -4.91 -6.27 -48.10
N VAL A 684 -4.68 -7.26 -48.96
CA VAL A 684 -3.48 -7.25 -49.79
C VAL A 684 -3.60 -6.18 -50.88
N GLN A 685 -4.73 -6.14 -51.59
CA GLN A 685 -4.92 -5.13 -52.62
C GLN A 685 -4.88 -3.73 -52.04
N ARG A 686 -5.28 -3.57 -50.77
CA ARG A 686 -5.19 -2.25 -50.15
C ARG A 686 -3.73 -1.84 -49.96
N SER A 687 -2.91 -2.72 -49.38
CA SER A 687 -1.51 -2.36 -49.15
C SER A 687 -0.73 -2.23 -50.45
N LEU A 688 -1.11 -3.00 -51.48
CA LEU A 688 -0.40 -2.95 -52.75
C LEU A 688 -0.68 -1.65 -53.49
N VAL A 689 -1.95 -1.25 -53.56
CA VAL A 689 -2.37 -0.15 -54.42
C VAL A 689 -2.95 0.99 -53.60
N LEU A 690 -4.15 0.78 -53.04
CA LEU A 690 -4.94 1.90 -52.50
C LEU A 690 -4.16 2.73 -51.49
N GLN A 691 -3.50 2.07 -50.54
CA GLN A 691 -2.88 2.76 -49.41
C GLN A 691 -1.36 2.81 -49.52
N ARG A 692 -0.79 2.46 -50.66
CA ARG A 692 0.66 2.53 -50.81
C ARG A 692 1.13 3.97 -50.75
N PRO A 693 2.06 4.31 -49.85
CA PRO A 693 2.58 5.67 -49.79
C PRO A 693 3.86 5.82 -50.60
N GLN A 694 3.93 6.87 -51.41
CA GLN A 694 5.15 7.19 -52.12
C GLN A 694 5.97 8.25 -51.40
N THR A 695 5.42 8.84 -50.34
CA THR A 695 6.06 9.94 -49.63
C THR A 695 5.77 9.83 -48.13
N TRP A 696 6.63 10.44 -47.32
CA TRP A 696 6.39 10.42 -45.88
C TRP A 696 5.11 11.15 -45.52
N ALA A 697 4.73 12.15 -46.32
CA ALA A 697 3.47 12.84 -46.09
C ALA A 697 2.29 11.91 -46.29
N ASP A 698 2.39 10.99 -47.24
CA ASP A 698 1.33 9.99 -47.40
C ASP A 698 1.25 9.09 -46.17
N CYS A 699 2.40 8.77 -45.56
CA CYS A 699 2.40 8.00 -44.32
C CYS A 699 1.74 8.78 -43.19
N VAL A 700 1.99 10.09 -43.14
CA VAL A 700 1.40 10.92 -42.10
C VAL A 700 -0.11 11.01 -42.29
N THR A 701 -0.57 11.18 -43.54
CA THR A 701 -2.01 11.24 -43.78
C THR A 701 -2.66 9.92 -43.40
N TRP A 702 -1.99 8.79 -43.68
CA TRP A 702 -2.55 7.50 -43.32
C TRP A 702 -2.70 7.36 -41.81
N ALA A 703 -1.78 7.93 -41.05
CA ALA A 703 -1.87 7.86 -39.59
C ALA A 703 -3.01 8.72 -39.07
N CYS A 704 -3.22 9.90 -39.66
CA CYS A 704 -4.34 10.75 -39.24
C CYS A 704 -5.68 10.13 -39.64
N HIS A 705 -5.76 9.54 -40.84
CA HIS A 705 -6.99 8.89 -41.25
C HIS A 705 -7.27 7.65 -40.41
N HIS A 706 -6.23 6.92 -40.03
CA HIS A 706 -6.41 5.72 -39.21
C HIS A 706 -6.81 6.10 -37.78
N TRP A 707 -6.22 7.16 -37.23
CA TRP A 707 -6.62 7.62 -35.90
C TRP A 707 -8.10 7.96 -35.87
N HIS A 708 -8.62 8.55 -36.95
CA HIS A 708 -10.02 8.93 -36.97
C HIS A 708 -10.94 7.72 -37.06
N THR A 709 -10.50 6.63 -37.69
CA THR A 709 -11.37 5.47 -37.84
C THR A 709 -11.43 4.64 -36.55
N GLN A 710 -10.31 4.49 -35.84
CA GLN A 710 -10.29 3.63 -34.66
C GLN A 710 -10.87 4.32 -33.42
N TYR A 711 -10.72 5.63 -33.30
CA TYR A 711 -11.06 6.35 -32.08
C TYR A 711 -12.24 7.30 -32.26
N SER A 712 -12.85 7.35 -33.44
CA SER A 712 -14.04 8.16 -33.63
C SER A 712 -15.08 7.44 -34.49
N ASN A 713 -14.74 7.08 -35.73
CA ASN A 713 -15.73 6.46 -36.61
C ASN A 713 -16.15 5.10 -36.08
N ASN A 714 -15.20 4.20 -35.82
CA ASN A 714 -15.55 2.88 -35.32
C ASN A 714 -16.35 2.98 -34.02
N ILE A 715 -15.99 3.93 -33.17
CA ILE A 715 -16.72 4.16 -31.93
C ILE A 715 -18.15 4.59 -32.25
N ARG A 716 -18.30 5.60 -33.12
CA ARG A 716 -19.63 6.14 -33.41
C ARG A 716 -20.56 5.08 -33.99
N GLN A 717 -20.03 4.16 -34.81
CA GLN A 717 -20.88 3.11 -35.38
C GLN A 717 -21.27 2.08 -34.32
N LEU A 718 -20.38 1.80 -33.37
CA LEU A 718 -20.76 0.96 -32.24
C LEU A 718 -21.87 1.62 -31.43
N LEU A 719 -21.82 2.95 -31.27
CA LEU A 719 -22.85 3.67 -30.55
C LEU A 719 -24.17 3.70 -31.33
N HIS A 720 -24.09 3.80 -32.65
CA HIS A 720 -25.28 3.68 -33.48
C HIS A 720 -25.92 2.31 -33.30
N ASN A 721 -25.11 1.26 -33.25
CA ASN A 721 -25.64 -0.08 -33.01
C ASN A 721 -26.17 -0.21 -31.59
N PHE A 722 -25.46 0.34 -30.62
CA PHE A 722 -25.76 0.16 -29.20
C PHE A 722 -25.83 1.55 -28.54
N PRO A 723 -26.89 2.30 -28.80
CA PRO A 723 -26.97 3.68 -28.27
C PRO A 723 -26.88 3.69 -26.76
N PRO A 724 -26.45 4.82 -26.16
CA PRO A 724 -26.28 4.84 -24.69
C PRO A 724 -27.58 4.63 -23.92
N ASP A 725 -28.71 5.13 -24.41
CA ASP A 725 -29.97 4.93 -23.73
C ASP A 725 -30.46 3.50 -23.80
N GLN A 726 -29.96 2.72 -24.75
CA GLN A 726 -30.51 1.41 -25.04
C GLN A 726 -30.51 0.53 -23.80
N LEU A 727 -31.54 -0.31 -23.69
CA LEU A 727 -31.71 -1.24 -22.59
C LEU A 727 -31.73 -2.66 -23.13
N THR A 728 -31.35 -3.62 -22.29
CA THR A 728 -31.32 -5.01 -22.67
C THR A 728 -32.65 -5.69 -22.35
N SER A 729 -32.77 -6.96 -22.72
CA SER A 729 -33.89 -7.76 -22.26
C SER A 729 -33.90 -7.76 -20.73
N SER A 730 -35.08 -7.50 -20.17
CA SER A 730 -35.29 -7.33 -18.72
C SER A 730 -35.09 -5.88 -18.31
N GLY A 731 -35.22 -4.95 -19.25
CA GLY A 731 -35.24 -3.53 -18.91
C GLY A 731 -34.07 -3.07 -18.06
N ALA A 732 -32.88 -3.56 -18.36
CA ALA A 732 -31.65 -3.19 -17.69
C ALA A 732 -30.70 -2.51 -18.67
N PRO A 733 -30.00 -1.46 -18.24
CA PRO A 733 -29.14 -0.75 -19.19
C PRO A 733 -28.08 -1.66 -19.77
N PHE A 734 -27.80 -1.46 -21.06
CA PHE A 734 -26.78 -2.27 -21.72
C PHE A 734 -25.38 -1.89 -21.28
N TRP A 735 -25.12 -0.59 -21.13
CA TRP A 735 -23.82 -0.09 -20.67
C TRP A 735 -23.78 -0.12 -19.13
N SER A 736 -23.83 -1.35 -18.60
CA SER A 736 -23.91 -1.57 -17.16
C SER A 736 -22.85 -2.58 -16.74
N GLY A 737 -22.20 -2.30 -15.60
CA GLY A 737 -21.23 -3.19 -15.03
C GLY A 737 -19.97 -3.31 -15.87
N PRO A 738 -19.70 -4.52 -16.39
CA PRO A 738 -18.47 -4.70 -17.16
C PRO A 738 -18.43 -3.88 -18.44
N LYS A 739 -19.60 -3.57 -19.01
CA LYS A 739 -19.67 -2.79 -20.23
C LYS A 739 -19.70 -1.31 -19.91
N ARG A 740 -18.95 -0.53 -20.69
CA ARG A 740 -18.79 0.89 -20.48
C ARG A 740 -19.18 1.68 -21.73
N CYS A 741 -19.88 2.79 -21.52
CA CYS A 741 -20.33 3.61 -22.65
C CYS A 741 -19.18 4.49 -23.13
N PRO A 742 -18.71 4.32 -24.37
CA PRO A 742 -17.62 5.16 -24.86
C PRO A 742 -18.12 6.51 -25.36
N HIS A 743 -17.17 7.44 -25.48
CA HIS A 743 -17.44 8.75 -26.07
C HIS A 743 -16.36 9.01 -27.12
N PRO A 744 -16.72 9.21 -28.38
CA PRO A 744 -15.69 9.39 -29.42
C PRO A 744 -14.86 10.63 -29.18
N LEU A 745 -13.67 10.63 -29.77
CA LEU A 745 -12.70 11.70 -29.61
C LEU A 745 -12.60 12.53 -30.88
N THR A 746 -12.14 13.76 -30.69
CA THR A 746 -11.95 14.71 -31.78
C THR A 746 -10.47 15.05 -31.88
N PHE A 747 -9.92 15.00 -33.09
CA PHE A 747 -8.48 15.16 -33.25
C PHE A 747 -8.06 16.59 -32.91
N ASP A 748 -7.00 16.71 -32.11
CA ASP A 748 -6.41 18.00 -31.80
C ASP A 748 -4.89 17.93 -31.99
N VAL A 749 -4.37 18.85 -32.79
CA VAL A 749 -2.92 18.92 -32.98
C VAL A 749 -2.22 19.21 -31.67
N ASN A 750 -2.74 20.15 -30.89
CA ASN A 750 -2.06 20.57 -29.68
C ASN A 750 -2.00 19.45 -28.64
N ASN A 751 -3.00 18.57 -28.61
CA ASN A 751 -3.00 17.50 -27.62
C ASN A 751 -1.88 16.51 -27.92
N PRO A 752 -0.96 16.28 -26.97
CA PRO A 752 0.22 15.46 -27.29
C PRO A 752 -0.09 13.99 -27.54
N LEU A 753 -1.13 13.43 -26.91
CA LEU A 753 -1.47 12.04 -27.16
C LEU A 753 -1.84 11.83 -28.62
N HIS A 754 -2.67 12.73 -29.14
CA HIS A 754 -3.06 12.66 -30.53
C HIS A 754 -1.84 12.73 -31.45
N LEU A 755 -0.96 13.71 -31.20
CA LEU A 755 0.26 13.84 -31.99
C LEU A 755 1.15 12.63 -31.84
N ASP A 756 1.34 12.15 -30.60
CA ASP A 756 2.22 11.02 -30.37
C ASP A 756 1.80 9.81 -31.19
N TYR A 757 0.49 9.59 -31.32
CA TYR A 757 0.01 8.45 -32.11
C TYR A 757 0.40 8.61 -33.58
N VAL A 758 0.11 9.78 -34.15
CA VAL A 758 0.40 10.03 -35.56
C VAL A 758 1.90 9.92 -35.81
N MET A 759 2.71 10.56 -34.95
CA MET A 759 4.16 10.56 -35.15
C MET A 759 4.73 9.15 -35.14
N ALA A 760 4.24 8.30 -34.24
CA ALA A 760 4.74 6.94 -34.17
C ALA A 760 4.23 6.11 -35.35
N ALA A 761 2.94 6.21 -35.66
CA ALA A 761 2.37 5.38 -36.72
C ALA A 761 3.01 5.66 -38.06
N ALA A 762 3.24 6.93 -38.39
CA ALA A 762 3.78 7.28 -39.71
C ALA A 762 5.23 6.82 -39.85
N ASN A 763 6.07 7.11 -38.85
CA ASN A 763 7.45 6.65 -38.92
C ASN A 763 7.52 5.13 -39.03
N LEU A 764 6.60 4.44 -38.35
CA LEU A 764 6.54 2.99 -38.47
C LEU A 764 5.97 2.58 -39.82
N PHE A 765 4.91 3.26 -40.27
CA PHE A 765 4.34 2.96 -41.59
C PHE A 765 5.39 3.13 -42.69
N ALA A 766 6.22 4.16 -42.58
CA ALA A 766 7.29 4.37 -43.55
C ALA A 766 8.27 3.19 -43.56
N GLN A 767 8.63 2.69 -42.37
CA GLN A 767 9.55 1.56 -42.30
C GLN A 767 9.01 0.36 -43.07
N THR A 768 7.69 0.12 -43.02
CA THR A 768 7.14 -1.07 -43.66
C THR A 768 7.29 -1.01 -45.18
N TYR A 769 7.30 0.19 -45.74
CA TYR A 769 7.42 0.38 -47.18
C TYR A 769 8.82 0.76 -47.61
N GLY A 770 9.72 1.01 -46.67
CA GLY A 770 11.09 1.37 -46.97
C GLY A 770 11.37 2.86 -47.02
N LEU A 771 10.37 3.70 -46.77
CA LEU A 771 10.53 5.14 -46.83
C LEU A 771 11.26 5.66 -45.58
N THR A 772 11.79 6.87 -45.72
CA THR A 772 12.42 7.56 -44.59
C THR A 772 11.37 8.25 -43.74
N GLY A 773 11.76 8.56 -42.50
CA GLY A 773 10.92 9.32 -41.59
C GLY A 773 11.68 10.54 -41.10
N SER A 774 10.92 11.57 -40.71
CA SER A 774 11.52 12.85 -40.35
C SER A 774 11.59 13.11 -38.85
N GLN A 775 10.64 12.59 -38.06
CA GLN A 775 10.63 12.75 -36.60
C GLN A 775 10.50 14.22 -36.17
N ASP A 776 9.96 15.08 -37.02
CA ASP A 776 9.79 16.50 -36.71
C ASP A 776 8.35 16.75 -36.25
N ARG A 777 8.17 17.10 -34.98
CA ARG A 777 6.81 17.27 -34.45
C ARG A 777 6.15 18.50 -35.05
N ALA A 778 6.86 19.61 -35.07
CA ALA A 778 6.25 20.84 -35.58
C ALA A 778 5.81 20.67 -37.03
N ALA A 779 6.63 19.99 -37.83
CA ALA A 779 6.28 19.79 -39.23
C ALA A 779 5.01 18.96 -39.37
N VAL A 780 4.86 17.92 -38.56
CA VAL A 780 3.66 17.09 -38.60
C VAL A 780 2.47 17.89 -38.09
N ALA A 781 2.66 18.69 -37.05
CA ALA A 781 1.57 19.48 -36.49
C ALA A 781 0.99 20.43 -37.54
N THR A 782 1.85 21.26 -38.14
CA THR A 782 1.37 22.23 -39.11
C THR A 782 0.71 21.54 -40.30
N PHE A 783 1.29 20.45 -40.79
CA PHE A 783 0.72 19.72 -41.92
C PHE A 783 -0.62 19.11 -41.56
N LEU A 784 -0.78 18.63 -40.33
CA LEU A 784 -2.03 17.99 -39.92
C LEU A 784 -3.19 18.96 -39.99
N GLN A 785 -2.95 20.25 -39.76
CA GLN A 785 -4.01 21.24 -39.91
C GLN A 785 -4.46 21.32 -41.36
N SER A 786 -3.54 21.15 -42.30
CA SER A 786 -3.88 21.27 -43.72
C SER A 786 -4.69 20.07 -44.20
N VAL A 787 -4.37 18.86 -43.73
CA VAL A 787 -5.07 17.69 -44.25
C VAL A 787 -6.54 17.78 -43.85
N GLN A 788 -7.38 17.14 -44.65
CA GLN A 788 -8.81 17.05 -44.42
C GLN A 788 -9.21 15.58 -44.42
N VAL A 789 -10.11 15.23 -43.52
CA VAL A 789 -10.46 13.83 -43.26
C VAL A 789 -11.86 13.55 -43.80
N PRO A 790 -12.08 12.41 -44.47
CA PRO A 790 -13.42 12.12 -44.99
C PRO A 790 -14.44 12.03 -43.86
N GLU A 791 -15.65 12.49 -44.15
CA GLU A 791 -16.72 12.46 -43.17
C GLU A 791 -17.18 11.02 -42.92
N PHE A 792 -17.63 10.80 -41.67
CA PHE A 792 -18.12 9.54 -41.11
C PHE A 792 -19.62 9.40 -41.33
N THR A 793 -20.08 8.21 -41.75
CA THR A 793 -21.50 7.96 -41.77
C THR A 793 -21.77 6.63 -41.09
N PRO A 794 -22.47 6.62 -39.96
CA PRO A 794 -22.82 5.34 -39.32
C PRO A 794 -23.78 4.55 -40.18
N LYS A 795 -23.75 3.22 -40.02
CA LYS A 795 -24.59 2.32 -40.78
C LYS A 795 -25.37 1.39 -39.85
N SER A 796 -26.63 1.11 -40.22
CA SER A 796 -27.49 0.29 -39.38
C SER A 796 -27.26 -1.21 -39.62
N GLY A 797 -27.03 -1.61 -40.86
CA GLY A 797 -26.58 -2.96 -41.14
C GLY A 797 -25.15 -3.19 -40.71
N ASP A 816 -18.99 -12.24 -53.79
CA ASP A 816 -18.29 -13.27 -54.55
C ASP A 816 -18.00 -12.83 -56.02
N SER A 817 -18.95 -12.17 -56.71
CA SER A 817 -18.66 -11.43 -57.93
C SER A 817 -17.60 -10.36 -57.71
N ARG A 818 -17.61 -9.74 -56.52
CA ARG A 818 -16.53 -8.84 -56.16
C ARG A 818 -15.22 -9.62 -55.95
N LEU A 819 -15.31 -10.82 -55.39
CA LEU A 819 -14.11 -11.63 -55.20
C LEU A 819 -13.46 -11.97 -56.55
N GLU A 820 -14.25 -12.18 -57.59
CA GLU A 820 -13.67 -12.38 -58.92
C GLU A 820 -13.07 -11.08 -59.45
N GLU A 821 -13.71 -9.94 -59.15
CA GLU A 821 -13.14 -8.66 -59.55
C GLU A 821 -11.78 -8.43 -58.90
N LEU A 822 -11.65 -8.81 -57.62
CA LEU A 822 -10.37 -8.64 -56.93
C LEU A 822 -9.25 -9.43 -57.60
N LYS A 823 -9.54 -10.66 -58.04
CA LYS A 823 -8.52 -11.45 -58.71
C LYS A 823 -7.96 -10.71 -59.91
N ALA A 824 -8.83 -10.03 -60.66
CA ALA A 824 -8.40 -9.28 -61.83
C ALA A 824 -7.65 -8.02 -61.43
N THR A 825 -8.24 -7.23 -60.53
CA THR A 825 -7.66 -5.94 -60.14
C THR A 825 -6.28 -6.09 -59.55
N LEU A 826 -6.07 -7.15 -58.77
CA LEU A 826 -4.79 -7.33 -58.11
C LEU A 826 -3.65 -7.27 -59.13
N PRO A 827 -2.65 -6.42 -58.93
CA PRO A 827 -1.51 -6.40 -59.85
C PRO A 827 -0.76 -7.72 -59.79
N SER A 828 -0.41 -8.25 -60.95
CA SER A 828 0.35 -9.49 -60.99
C SER A 828 1.79 -9.21 -60.52
N PRO A 829 2.41 -10.17 -59.81
CA PRO A 829 3.72 -9.86 -59.19
C PRO A 829 4.76 -9.37 -60.19
N ASP A 830 4.76 -9.92 -61.42
CA ASP A 830 5.71 -9.48 -62.42
C ASP A 830 5.61 -7.98 -62.64
N LYS A 831 4.38 -7.45 -62.62
CA LYS A 831 4.15 -6.04 -62.93
C LYS A 831 4.79 -5.12 -61.90
N LEU A 832 4.89 -5.56 -60.64
CA LEU A 832 5.50 -4.76 -59.58
C LEU A 832 6.92 -5.25 -59.29
N PRO A 833 7.93 -4.67 -59.95
CA PRO A 833 9.29 -5.19 -59.82
C PRO A 833 10.03 -4.54 -58.67
N GLY A 834 10.84 -5.33 -57.97
CA GLY A 834 11.69 -4.78 -56.94
C GLY A 834 10.95 -4.10 -55.83
N PHE A 835 9.65 -4.35 -55.71
CA PHE A 835 8.85 -3.83 -54.61
C PHE A 835 8.81 -4.87 -53.50
N LYS A 836 9.28 -4.51 -52.33
CA LYS A 836 9.24 -5.37 -51.17
C LYS A 836 8.85 -4.55 -49.96
N MET A 837 8.07 -5.16 -49.08
CA MET A 837 7.70 -4.56 -47.82
C MET A 837 8.45 -5.23 -46.68
N TYR A 838 8.63 -4.48 -45.60
CA TYR A 838 9.51 -4.88 -44.51
C TYR A 838 8.68 -5.02 -43.25
N PRO A 839 8.33 -6.24 -42.84
CA PRO A 839 7.61 -6.39 -41.57
C PRO A 839 8.47 -5.91 -40.41
N ILE A 840 7.79 -5.42 -39.37
CA ILE A 840 8.45 -4.93 -38.16
C ILE A 840 8.13 -5.90 -37.03
N ASP A 841 9.16 -6.32 -36.30
CA ASP A 841 9.00 -7.16 -35.13
C ASP A 841 9.12 -6.31 -33.87
N PHE A 842 8.25 -6.58 -32.90
CA PHE A 842 8.12 -5.74 -31.73
C PHE A 842 9.29 -5.94 -30.77
N GLU A 843 9.81 -4.81 -30.27
CA GLU A 843 10.88 -4.83 -29.27
C GLU A 843 10.54 -3.77 -28.22
N LYS A 844 10.18 -4.21 -27.01
CA LYS A 844 9.90 -3.27 -25.94
C LYS A 844 11.13 -2.45 -25.58
N ASP A 845 12.30 -3.11 -25.52
CA ASP A 845 13.48 -2.51 -24.91
C ASP A 845 13.88 -1.22 -25.60
N ASP A 846 14.06 -1.25 -26.91
CA ASP A 846 14.65 -0.12 -27.64
C ASP A 846 13.60 0.97 -27.79
N ASP A 847 13.71 2.02 -26.97
CA ASP A 847 12.71 3.09 -26.99
C ASP A 847 12.83 3.99 -28.21
N SER A 848 14.00 4.04 -28.86
CA SER A 848 14.13 4.80 -30.10
C SER A 848 13.43 4.11 -31.27
N ASN A 849 13.00 2.85 -31.11
CA ASN A 849 12.22 2.19 -32.16
C ASN A 849 10.94 2.95 -32.46
N PHE A 850 10.30 3.48 -31.40
CA PHE A 850 8.91 3.93 -31.38
C PHE A 850 7.98 2.74 -31.16
N HIS A 851 8.50 1.51 -31.12
CA HIS A 851 7.62 0.35 -30.99
C HIS A 851 6.77 0.45 -29.73
N MET A 852 7.39 0.76 -28.60
CA MET A 852 6.63 0.94 -27.37
C MET A 852 5.89 2.26 -27.38
N ASP A 853 6.46 3.30 -27.99
CA ASP A 853 5.81 4.60 -28.03
C ASP A 853 4.43 4.49 -28.67
N PHE A 854 4.33 3.69 -29.74
CA PHE A 854 3.04 3.48 -30.39
C PHE A 854 2.04 2.84 -29.44
N ILE A 855 2.48 1.80 -28.73
CA ILE A 855 1.57 1.05 -27.88
C ILE A 855 1.02 1.93 -26.77
N VAL A 856 1.89 2.67 -26.09
CA VAL A 856 1.45 3.50 -24.97
C VAL A 856 0.41 4.51 -25.42
N ALA A 857 0.64 5.15 -26.57
CA ALA A 857 -0.33 6.11 -27.07
C ALA A 857 -1.63 5.40 -27.45
N ALA A 858 -1.54 4.29 -28.17
CA ALA A 858 -2.73 3.61 -28.66
C ALA A 858 -3.62 3.13 -27.51
N SER A 859 -3.01 2.70 -26.40
CA SER A 859 -3.78 2.22 -25.27
C SER A 859 -4.42 3.37 -24.52
N ASN A 860 -3.65 4.43 -24.25
CA ASN A 860 -4.16 5.56 -23.47
C ASN A 860 -5.27 6.28 -24.20
N LEU A 861 -5.16 6.39 -25.52
CA LEU A 861 -6.22 7.00 -26.30
C LEU A 861 -7.48 6.16 -26.29
N ARG A 862 -7.34 4.83 -26.41
CA ARG A 862 -8.51 3.95 -26.29
C ARG A 862 -9.12 4.04 -24.90
N ALA A 863 -8.27 4.16 -23.88
CA ALA A 863 -8.77 4.32 -22.52
C ALA A 863 -9.62 5.58 -22.41
N GLU A 864 -9.16 6.70 -22.98
CA GLU A 864 -9.95 7.92 -22.96
C GLU A 864 -11.36 7.68 -23.48
N ASN A 865 -11.49 6.91 -24.57
CA ASN A 865 -12.80 6.69 -25.17
C ASN A 865 -13.72 5.93 -24.23
N TYR A 866 -13.22 4.90 -23.58
CA TYR A 866 -14.02 4.08 -22.67
C TYR A 866 -13.89 4.52 -21.22
N ASP A 867 -13.40 5.73 -20.99
CA ASP A 867 -13.34 6.31 -19.64
C ASP A 867 -12.53 5.44 -18.69
N ILE A 868 -11.55 4.73 -19.23
CA ILE A 868 -10.59 3.92 -18.47
C ILE A 868 -9.43 4.82 -18.06
N PRO A 869 -8.86 4.67 -16.85
CA PRO A 869 -7.74 5.54 -16.45
C PRO A 869 -6.51 5.32 -17.31
N SER A 870 -5.75 6.40 -17.49
CA SER A 870 -4.57 6.36 -18.35
C SER A 870 -3.50 5.44 -17.76
N ALA A 871 -2.50 5.12 -18.58
CA ALA A 871 -1.40 4.23 -18.20
C ALA A 871 -0.07 4.87 -18.61
N ASP A 872 0.81 5.10 -17.63
CA ASP A 872 2.11 5.70 -17.92
C ASP A 872 2.94 4.79 -18.81
N ARG A 873 4.14 5.23 -19.18
CA ARG A 873 5.06 4.36 -19.92
C ARG A 873 5.51 3.20 -19.05
N HIS A 874 6.08 3.50 -17.88
CA HIS A 874 6.61 2.45 -17.02
C HIS A 874 5.50 1.51 -16.57
N LYS A 875 4.35 2.04 -16.18
CA LYS A 875 3.24 1.18 -15.78
C LYS A 875 2.83 0.25 -16.91
N SER A 876 2.63 0.80 -18.10
CA SER A 876 2.19 -0.01 -19.22
C SER A 876 3.19 -1.11 -19.55
N LYS A 877 4.49 -0.76 -19.58
CA LYS A 877 5.51 -1.76 -19.83
C LYS A 877 5.36 -2.96 -18.90
N LEU A 878 5.21 -2.69 -17.60
CA LEU A 878 5.09 -3.76 -16.62
C LEU A 878 3.82 -4.56 -16.82
N ILE A 879 2.71 -3.88 -17.13
CA ILE A 879 1.46 -4.58 -17.40
C ILE A 879 1.62 -5.50 -18.60
N ALA A 880 2.29 -5.01 -19.65
CA ALA A 880 2.49 -5.82 -20.84
C ALA A 880 3.36 -7.03 -20.56
N GLY A 881 4.42 -6.86 -19.77
CA GLY A 881 5.27 -7.98 -19.41
C GLY A 881 4.63 -8.97 -18.48
N LYS A 882 3.46 -8.65 -17.91
CA LYS A 882 2.87 -9.45 -16.85
C LYS A 882 3.93 -9.91 -15.88
N ILE A 883 4.81 -8.97 -15.51
CA ILE A 883 5.89 -9.24 -14.57
C ILE A 883 5.34 -9.16 -13.15
N ILE A 884 5.76 -10.11 -12.32
CA ILE A 884 5.30 -10.21 -10.94
C ILE A 884 6.45 -9.78 -10.05
N PRO A 885 6.24 -8.97 -9.02
CA PRO A 885 7.36 -8.60 -8.13
C PRO A 885 7.93 -9.83 -7.44
N ALA A 886 9.26 -9.91 -7.44
CA ALA A 886 9.94 -11.03 -6.81
C ALA A 886 9.71 -11.00 -5.30
N ILE A 887 9.71 -12.19 -4.70
CA ILE A 887 9.56 -12.35 -3.26
C ILE A 887 10.82 -13.03 -2.73
N ALA A 888 11.31 -12.56 -1.58
CA ALA A 888 12.61 -13.00 -1.08
C ALA A 888 12.63 -14.49 -0.75
N THR A 889 11.49 -15.04 -0.29
CA THR A 889 11.44 -16.45 0.04
C THR A 889 11.70 -17.31 -1.20
N THR A 890 10.92 -17.09 -2.26
CA THR A 890 11.06 -17.92 -3.46
C THR A 890 12.43 -17.77 -4.09
N THR A 891 12.90 -16.53 -4.27
CA THR A 891 14.18 -16.32 -4.94
C THR A 891 15.31 -17.00 -4.18
N ALA A 892 15.34 -16.83 -2.85
CA ALA A 892 16.40 -17.45 -2.06
C ALA A 892 16.38 -18.97 -2.20
N THR A 893 15.17 -19.53 -2.25
CA THR A 893 15.04 -20.97 -2.44
C THR A 893 15.53 -21.38 -3.83
N VAL A 894 14.95 -20.79 -4.87
CA VAL A 894 15.34 -21.12 -6.25
C VAL A 894 16.84 -21.00 -6.41
N SER A 895 17.43 -19.92 -5.88
CA SER A 895 18.86 -19.67 -6.08
C SER A 895 19.72 -20.72 -5.40
N GLY A 896 19.30 -21.21 -4.24
CA GLY A 896 20.04 -22.29 -3.58
C GLY A 896 20.01 -23.57 -4.39
N LEU A 897 18.83 -23.93 -4.90
CA LEU A 897 18.69 -25.14 -5.71
C LEU A 897 19.50 -25.05 -6.99
N VAL A 898 19.44 -23.91 -7.68
CA VAL A 898 20.21 -23.74 -8.91
C VAL A 898 21.69 -23.83 -8.62
N ALA A 899 22.13 -23.28 -7.48
CA ALA A 899 23.53 -23.39 -7.10
C ALA A 899 23.91 -24.84 -6.88
N LEU A 900 23.06 -25.62 -6.21
CA LEU A 900 23.36 -27.02 -5.96
C LEU A 900 23.56 -27.79 -7.26
N GLU A 901 22.63 -27.62 -8.20
CA GLU A 901 22.79 -28.28 -9.51
C GLU A 901 24.10 -27.84 -10.17
N MET A 902 24.48 -26.56 -10.02
CA MET A 902 25.71 -26.06 -10.62
C MET A 902 26.93 -26.81 -10.11
N ILE A 903 26.90 -27.29 -8.87
CA ILE A 903 28.01 -28.09 -8.35
C ILE A 903 28.10 -29.40 -9.11
N LYS A 904 26.95 -30.06 -9.35
CA LYS A 904 26.95 -31.31 -10.10
C LYS A 904 27.53 -31.11 -11.49
N VAL A 905 27.21 -30.00 -12.14
CA VAL A 905 27.66 -29.76 -13.51
C VAL A 905 29.17 -29.62 -13.55
N THR A 906 29.74 -28.80 -12.66
CA THR A 906 31.18 -28.59 -12.69
C THR A 906 31.93 -29.91 -12.46
N GLY A 907 31.32 -30.84 -11.73
CA GLY A 907 31.90 -32.15 -11.56
C GLY A 907 31.78 -33.07 -12.75
N GLY A 908 30.94 -32.73 -13.73
CA GLY A 908 30.72 -33.59 -14.86
C GLY A 908 29.89 -34.81 -14.56
N TYR A 909 29.01 -34.72 -13.57
CA TYR A 909 28.26 -35.86 -13.05
C TYR A 909 27.38 -36.51 -14.11
N PRO A 910 26.84 -37.71 -13.85
CA PRO A 910 25.98 -38.36 -14.84
C PRO A 910 24.61 -37.70 -14.97
N PHE A 911 23.85 -38.18 -15.97
CA PHE A 911 22.51 -37.64 -16.20
C PHE A 911 21.60 -37.90 -15.00
N GLU A 912 21.76 -39.06 -14.35
CA GLU A 912 20.84 -39.43 -13.28
C GLU A 912 20.89 -38.46 -12.11
N ALA A 913 22.07 -37.90 -11.83
CA ALA A 913 22.22 -37.00 -10.69
C ALA A 913 21.39 -35.74 -10.85
N TYR A 914 21.45 -35.14 -12.04
CA TYR A 914 20.77 -33.86 -12.27
C TYR A 914 19.26 -34.01 -12.09
N LYS A 915 18.66 -33.09 -11.33
CA LYS A 915 17.24 -33.13 -11.06
C LYS A 915 16.66 -31.72 -11.16
N ASN A 916 15.72 -31.51 -12.09
CA ASN A 916 14.97 -30.27 -12.19
C ASN A 916 14.05 -30.11 -10.98
N CYS A 917 13.44 -28.93 -10.86
CA CYS A 917 12.52 -28.69 -9.76
C CYS A 917 11.51 -27.60 -10.08
N PHE A 918 10.24 -27.93 -9.92
CA PHE A 918 9.15 -26.96 -9.94
C PHE A 918 8.52 -26.92 -8.55
N LEU A 919 8.50 -25.73 -7.95
CA LEU A 919 8.01 -25.57 -6.58
C LEU A 919 6.95 -24.49 -6.52
N ASN A 920 6.13 -24.59 -5.47
CA ASN A 920 5.16 -23.55 -5.11
C ASN A 920 5.03 -23.51 -3.60
N LEU A 921 5.39 -22.38 -2.99
CA LEU A 921 5.35 -22.26 -1.53
C LEU A 921 3.94 -22.02 -1.00
N ALA A 922 2.98 -21.69 -1.85
CA ALA A 922 1.63 -21.42 -1.37
C ALA A 922 0.93 -22.69 -0.92
N ILE A 923 1.27 -23.83 -1.50
CA ILE A 923 0.52 -25.07 -1.32
C ILE A 923 0.77 -25.64 0.08
N PRO A 924 2.03 -25.93 0.48
CA PRO A 924 3.30 -25.94 -0.26
C PRO A 924 3.62 -27.29 -0.89
N ILE A 925 4.19 -27.29 -2.08
CA ILE A 925 4.60 -28.51 -2.75
C ILE A 925 5.90 -28.24 -3.51
N VAL A 926 6.88 -29.11 -3.30
CA VAL A 926 8.14 -29.07 -4.03
C VAL A 926 8.25 -30.35 -4.84
N VAL A 927 8.45 -30.22 -6.15
CA VAL A 927 8.49 -31.35 -7.05
C VAL A 927 9.89 -31.45 -7.65
N PHE A 928 10.57 -32.56 -7.40
CA PHE A 928 11.88 -32.86 -7.96
C PHE A 928 11.73 -33.94 -9.02
N THR A 929 12.20 -33.67 -10.24
CA THR A 929 12.12 -34.59 -11.36
C THR A 929 13.46 -34.66 -12.04
N GLU A 930 13.86 -35.85 -12.49
CA GLU A 930 15.09 -35.97 -13.25
C GLU A 930 14.90 -35.28 -14.61
N THR A 931 16.00 -34.78 -15.15
CA THR A 931 15.92 -33.92 -16.31
C THR A 931 15.47 -34.70 -17.56
N THR A 932 14.97 -33.98 -18.54
CA THR A 932 14.46 -34.57 -19.77
C THR A 932 15.60 -35.13 -20.61
N GLU A 933 15.51 -36.42 -20.97
CA GLU A 933 16.60 -37.08 -21.69
C GLU A 933 16.71 -36.56 -23.12
N VAL A 934 17.89 -36.75 -23.71
CA VAL A 934 18.09 -36.36 -25.11
C VAL A 934 17.15 -37.18 -25.99
N ARG A 935 16.55 -36.52 -26.97
CA ARG A 935 15.67 -37.17 -27.94
C ARG A 935 16.34 -37.11 -29.31
N LYS A 936 16.72 -38.27 -29.83
CA LYS A 936 17.41 -38.38 -31.11
C LYS A 936 16.40 -38.54 -32.23
N THR A 937 16.58 -37.79 -33.31
CA THR A 937 15.67 -37.81 -34.45
C THR A 937 16.37 -38.43 -35.66
N LYS A 938 15.70 -39.40 -36.28
CA LYS A 938 16.28 -40.19 -37.36
C LYS A 938 15.36 -40.15 -38.58
N ILE A 939 15.97 -40.10 -39.77
CA ILE A 939 15.25 -40.17 -41.04
C ILE A 939 15.51 -41.55 -41.64
N ARG A 940 14.57 -42.02 -42.45
CA ARG A 940 14.59 -43.41 -42.90
C ARG A 940 15.92 -43.77 -43.56
N ASN A 941 16.52 -44.87 -43.08
CA ASN A 941 17.79 -45.36 -43.60
C ASN A 941 18.92 -44.39 -43.28
N GLY A 942 18.90 -43.83 -42.07
CA GLY A 942 19.89 -42.87 -41.66
C GLY A 942 20.31 -43.09 -40.21
N ILE A 943 21.31 -42.33 -39.79
CA ILE A 943 21.82 -42.35 -38.42
C ILE A 943 21.14 -41.24 -37.64
N SER A 944 20.85 -41.51 -36.37
CA SER A 944 20.16 -40.54 -35.53
C SER A 944 21.13 -39.48 -35.01
N PHE A 945 20.64 -38.25 -34.92
CA PHE A 945 21.44 -37.10 -34.51
C PHE A 945 20.72 -36.37 -33.39
N THR A 946 21.45 -36.01 -32.34
CA THR A 946 20.88 -35.24 -31.24
C THR A 946 20.69 -33.78 -31.67
N ILE A 947 20.13 -32.98 -30.76
CA ILE A 947 20.05 -31.53 -31.00
C ILE A 947 21.43 -30.92 -30.90
N TRP A 948 22.29 -31.45 -30.03
CA TRP A 948 23.61 -30.86 -29.80
C TRP A 948 24.56 -31.09 -30.98
N ASP A 949 24.33 -32.13 -31.78
CA ASP A 949 25.22 -32.45 -32.89
C ASP A 949 25.08 -31.44 -34.01
N ARG A 950 26.21 -31.09 -34.63
CA ARG A 950 26.26 -30.24 -35.80
C ARG A 950 27.22 -30.85 -36.81
N TRP A 951 26.85 -30.81 -38.08
CA TRP A 951 27.61 -31.46 -39.15
C TRP A 951 28.50 -30.43 -39.84
N THR A 952 29.77 -30.79 -40.05
CA THR A 952 30.79 -29.88 -40.58
C THR A 952 31.36 -30.42 -41.88
N VAL A 953 31.42 -29.57 -42.90
CA VAL A 953 31.93 -29.95 -44.22
C VAL A 953 33.03 -28.97 -44.61
N HIS A 954 34.22 -29.50 -44.92
CA HIS A 954 35.32 -28.71 -45.44
C HIS A 954 35.38 -28.83 -46.94
N GLY A 955 35.45 -27.70 -47.64
CA GLY A 955 35.46 -27.68 -49.08
C GLY A 955 36.72 -27.06 -49.66
N LYS A 956 36.75 -27.02 -50.99
CA LYS A 956 37.74 -26.28 -51.74
C LYS A 956 37.15 -24.94 -52.16
N GLU A 957 38.00 -24.07 -52.73
CA GLU A 957 37.54 -22.76 -53.18
C GLU A 957 36.66 -22.87 -54.41
N ASP A 958 36.86 -23.90 -55.23
CA ASP A 958 36.01 -24.17 -56.37
C ASP A 958 35.24 -25.45 -56.10
N PHE A 959 33.92 -25.33 -56.01
CA PHE A 959 33.06 -26.43 -55.60
C PHE A 959 31.68 -26.16 -56.19
N THR A 960 30.84 -27.19 -56.21
CA THR A 960 29.47 -27.07 -56.67
C THR A 960 28.53 -27.61 -55.60
N LEU A 961 27.25 -27.24 -55.71
CA LEU A 961 26.25 -27.77 -54.79
C LEU A 961 26.05 -29.26 -54.99
N LEU A 962 26.25 -29.74 -56.22
CA LEU A 962 26.18 -31.19 -56.47
C LEU A 962 27.34 -31.91 -55.81
N ASP A 963 28.55 -31.35 -55.93
CA ASP A 963 29.72 -31.93 -55.30
C ASP A 963 29.62 -31.91 -53.78
N PHE A 964 28.80 -31.02 -53.24
CA PHE A 964 28.50 -30.98 -51.81
C PHE A 964 27.48 -32.05 -51.44
N ILE A 965 26.35 -32.10 -52.16
CA ILE A 965 25.29 -33.06 -51.84
C ILE A 965 25.85 -34.48 -51.85
N ASN A 966 26.69 -34.81 -52.83
CA ASN A 966 27.35 -36.11 -52.83
C ASN A 966 28.21 -36.29 -51.59
N ALA A 967 28.97 -35.24 -51.23
CA ALA A 967 29.85 -35.34 -50.08
C ALA A 967 29.09 -35.50 -48.77
N VAL A 968 27.81 -35.09 -48.74
CA VAL A 968 27.00 -35.30 -47.54
C VAL A 968 26.68 -36.78 -47.37
N LYS A 969 26.19 -37.42 -48.44
CA LYS A 969 25.89 -38.85 -48.35
C LYS A 969 27.13 -39.68 -48.11
N GLU A 970 28.29 -39.23 -48.62
CA GLU A 970 29.50 -40.04 -48.54
C GLU A 970 30.04 -40.12 -47.12
N LYS A 971 29.81 -39.10 -46.29
CA LYS A 971 30.28 -39.09 -44.92
C LYS A 971 29.28 -39.74 -43.97
N TYR A 972 28.01 -39.38 -44.08
CA TYR A 972 27.00 -39.79 -43.11
C TYR A 972 26.11 -40.93 -43.61
N GLY A 973 25.93 -41.07 -44.91
CA GLY A 973 25.05 -42.08 -45.46
C GLY A 973 23.64 -41.60 -45.78
N ILE A 974 23.42 -40.30 -45.79
CA ILE A 974 22.11 -39.72 -46.09
C ILE A 974 22.34 -38.55 -47.04
N GLU A 975 21.46 -38.41 -48.03
CA GLU A 975 21.61 -37.39 -49.05
C GLU A 975 20.47 -36.39 -48.98
N PRO A 976 20.75 -35.09 -48.96
CA PRO A 976 19.67 -34.10 -48.84
C PRO A 976 18.90 -33.91 -50.14
N THR A 977 17.57 -33.76 -49.99
CA THR A 977 16.72 -33.41 -51.13
C THR A 977 16.85 -31.94 -51.47
N MET A 978 16.89 -31.06 -50.47
CA MET A 978 16.99 -29.63 -50.67
C MET A 978 17.89 -29.03 -49.59
N VAL A 979 18.27 -27.76 -49.77
CA VAL A 979 19.17 -27.08 -48.84
C VAL A 979 18.73 -25.62 -48.70
N VAL A 980 18.56 -25.19 -47.45
CA VAL A 980 18.05 -23.85 -47.12
C VAL A 980 19.15 -23.06 -46.41
N GLN A 981 19.14 -21.74 -46.61
CA GLN A 981 20.03 -20.84 -45.88
C GLN A 981 19.23 -19.76 -45.15
N MET A 985 15.45 -19.43 -50.68
CA MET A 985 15.74 -20.84 -50.89
C MET A 985 16.87 -21.00 -51.91
N LEU A 986 17.92 -21.71 -51.52
CA LEU A 986 19.11 -21.83 -52.36
C LEU A 986 18.91 -22.81 -53.50
N TYR A 987 18.32 -23.97 -53.24
CA TYR A 987 18.12 -24.99 -54.26
C TYR A 987 16.95 -25.87 -53.90
N VAL A 988 15.98 -25.98 -54.81
CA VAL A 988 14.85 -26.90 -54.67
C VAL A 988 14.76 -27.70 -55.97
N PRO A 989 14.42 -28.99 -55.92
CA PRO A 989 14.15 -29.69 -57.19
C PRO A 989 12.98 -29.11 -57.96
N VAL A 990 11.91 -28.72 -57.23
CA VAL A 990 10.72 -28.15 -57.86
C VAL A 990 11.03 -26.81 -58.51
N MET A 991 12.00 -26.07 -57.98
CA MET A 991 12.28 -24.72 -58.49
C MET A 991 12.76 -24.79 -59.94
N PRO A 992 12.36 -23.85 -60.80
CA PRO A 992 12.81 -23.88 -62.19
C PRO A 992 14.29 -23.55 -62.30
N GLY A 993 14.94 -24.20 -63.27
CA GLY A 993 16.38 -24.15 -63.36
C GLY A 993 17.07 -24.80 -62.18
N HIS A 994 16.51 -25.93 -61.71
CA HIS A 994 17.16 -26.67 -60.63
C HIS A 994 18.50 -27.24 -61.08
N ALA A 995 18.65 -27.53 -62.38
CA ALA A 995 19.93 -27.96 -62.91
C ALA A 995 20.92 -26.81 -63.00
N LYS A 996 20.42 -25.58 -63.14
CA LYS A 996 21.30 -24.42 -63.06
C LYS A 996 21.81 -24.22 -61.64
N ARG A 997 20.91 -24.30 -60.66
CA ARG A 997 21.29 -24.13 -59.27
C ARG A 997 22.26 -25.22 -58.83
N LEU A 998 22.12 -26.42 -59.38
CA LEU A 998 22.98 -27.54 -59.03
C LEU A 998 24.35 -27.44 -59.67
N LYS A 999 24.44 -26.79 -60.85
CA LYS A 999 25.73 -26.54 -61.48
C LYS A 999 26.45 -25.34 -60.87
N LEU A 1000 25.71 -24.43 -60.24
CA LEU A 1000 26.31 -23.21 -59.67
C LEU A 1000 27.47 -23.55 -58.75
N THR A 1001 28.52 -22.74 -58.82
CA THR A 1001 29.63 -22.89 -57.90
C THR A 1001 29.26 -22.32 -56.54
N MET A 1002 29.99 -22.73 -55.51
CA MET A 1002 29.55 -22.44 -54.15
C MET A 1002 29.72 -20.96 -53.80
N HIS A 1003 30.80 -20.32 -54.24
CA HIS A 1003 31.01 -18.92 -53.92
C HIS A 1003 29.98 -18.02 -54.58
N LYS A 1004 29.50 -18.39 -55.76
CA LYS A 1004 28.44 -17.64 -56.42
C LYS A 1004 27.08 -17.92 -55.80
N LEU A 1005 26.83 -19.19 -55.45
CA LEU A 1005 25.53 -19.57 -54.92
C LEU A 1005 25.22 -18.84 -53.62
N VAL A 1006 26.19 -18.75 -52.71
CA VAL A 1006 26.03 -18.05 -51.44
C VAL A 1006 27.08 -16.95 -51.34
N LYS A 1007 26.62 -15.74 -51.02
CA LYS A 1007 27.46 -14.55 -50.91
C LYS A 1007 27.42 -14.03 -49.49
N PRO A 1008 28.36 -14.42 -48.63
CA PRO A 1008 28.35 -13.88 -47.27
C PRO A 1008 28.53 -12.38 -47.23
N THR A 1009 29.30 -11.82 -48.16
CA THR A 1009 29.60 -10.40 -48.33
C THR A 1009 30.62 -9.93 -47.30
N THR A 1010 31.07 -10.80 -46.40
CA THR A 1010 32.21 -10.52 -45.52
C THR A 1010 33.35 -11.52 -45.78
N GLU A 1011 33.29 -12.22 -46.92
CA GLU A 1011 34.23 -13.29 -47.24
C GLU A 1011 34.54 -14.13 -46.00
N LYS A 1012 33.47 -14.62 -45.39
CA LYS A 1012 33.59 -15.35 -44.13
C LYS A 1012 34.25 -16.71 -44.35
N LYS A 1013 34.97 -17.17 -43.32
CA LYS A 1013 35.66 -18.45 -43.43
C LYS A 1013 34.68 -19.59 -43.62
N TYR A 1014 33.52 -19.53 -42.96
CA TYR A 1014 32.49 -20.53 -43.13
C TYR A 1014 31.12 -19.85 -43.17
N VAL A 1015 30.12 -20.63 -43.58
CA VAL A 1015 28.73 -20.18 -43.62
C VAL A 1015 27.87 -21.32 -43.08
N ASP A 1016 26.88 -20.97 -42.27
CA ASP A 1016 25.99 -21.95 -41.66
C ASP A 1016 24.71 -22.05 -42.49
N LEU A 1017 24.30 -23.29 -42.80
CA LEU A 1017 23.13 -23.54 -43.64
C LEU A 1017 22.32 -24.70 -43.07
N THR A 1018 21.01 -24.68 -43.37
CA THR A 1018 20.11 -25.76 -42.99
C THR A 1018 20.05 -26.84 -44.07
N VAL A 1019 19.61 -28.03 -43.68
CA VAL A 1019 19.55 -29.18 -44.57
C VAL A 1019 18.28 -29.97 -44.29
N SER A 1020 17.70 -30.55 -45.35
CA SER A 1020 16.48 -31.33 -45.24
C SER A 1020 16.56 -32.58 -46.10
N PHE A 1021 16.05 -33.69 -45.57
CA PHE A 1021 16.01 -34.97 -46.27
C PHE A 1021 14.58 -35.50 -46.26
N ALA A 1022 14.07 -35.86 -47.44
CA ALA A 1022 12.72 -36.42 -47.54
C ALA A 1022 12.82 -37.91 -47.83
N PRO A 1023 12.28 -38.79 -46.97
CA PRO A 1023 12.32 -40.23 -47.23
C PRO A 1023 11.69 -40.61 -48.57
N ASP A 1028 7.67 -38.60 -45.87
CA ASP A 1028 7.20 -38.27 -47.21
C ASP A 1028 7.74 -36.88 -47.62
N GLU A 1029 7.10 -35.85 -47.06
CA GLU A 1029 7.55 -34.46 -47.03
C GLU A 1029 9.00 -34.37 -46.53
N ASP A 1030 9.61 -33.21 -46.75
CA ASP A 1030 10.96 -32.98 -46.26
C ASP A 1030 10.98 -32.95 -44.73
N LEU A 1031 12.05 -33.47 -44.15
CA LEU A 1031 12.20 -33.55 -42.71
C LEU A 1031 13.51 -32.86 -42.31
N PRO A 1032 13.51 -31.98 -41.33
CA PRO A 1032 14.70 -31.19 -41.03
C PRO A 1032 15.89 -32.07 -40.66
N GLY A 1033 17.07 -31.45 -40.65
CA GLY A 1033 18.29 -32.12 -40.28
C GLY A 1033 19.17 -31.21 -39.44
N PRO A 1034 20.29 -31.75 -38.93
CA PRO A 1034 21.13 -30.94 -38.05
C PRO A 1034 21.88 -29.88 -38.85
N PRO A 1035 22.14 -28.72 -38.26
CA PRO A 1035 22.73 -27.62 -39.02
C PRO A 1035 24.06 -28.02 -39.65
N VAL A 1036 24.36 -27.43 -40.81
CA VAL A 1036 25.55 -27.76 -41.59
C VAL A 1036 26.40 -26.50 -41.74
N ARG A 1037 27.69 -26.63 -41.41
CA ARG A 1037 28.65 -25.52 -41.47
C ARG A 1037 29.72 -25.85 -42.50
N TYR A 1038 29.79 -25.04 -43.56
CA TYR A 1038 30.70 -25.28 -44.67
C TYR A 1038 31.84 -24.28 -44.66
N TYR A 1039 33.05 -24.76 -44.90
CA TYR A 1039 34.25 -23.93 -44.92
C TYR A 1039 34.69 -23.72 -46.36
N PHE A 1040 34.67 -22.46 -46.82
CA PHE A 1040 35.04 -22.18 -48.20
C PHE A 1040 36.41 -22.76 -48.54
N SER A 1041 37.35 -22.72 -47.59
CA SER A 1041 38.70 -23.21 -47.81
C SER A 1041 39.04 -24.31 -46.81
N HIS A 1042 39.72 -25.33 -47.29
CA HIS A 1042 40.15 -26.43 -46.44
C HIS A 1042 41.22 -25.97 -45.45
N ASP A 1043 42.19 -25.19 -45.90
CA ASP A 1043 43.20 -24.51 -45.05
C ASP A 1043 44.19 -25.36 -44.25
N THR B 1 33.13 -53.24 -8.66
CA THR B 1 32.42 -54.27 -9.41
C THR B 1 32.11 -55.47 -8.50
N LEU B 2 31.14 -56.29 -8.90
CA LEU B 2 30.61 -57.36 -8.06
C LEU B 2 29.98 -58.42 -8.95
N THR B 3 29.76 -59.62 -8.38
CA THR B 3 29.01 -60.69 -9.04
C THR B 3 27.85 -61.10 -8.15
N VAL B 4 26.63 -61.12 -8.71
CA VAL B 4 25.40 -61.32 -7.95
C VAL B 4 24.75 -62.63 -8.36
N HIS B 5 24.38 -63.46 -7.38
CA HIS B 5 23.76 -64.76 -7.58
C HIS B 5 22.30 -64.74 -7.13
N VAL B 6 21.43 -65.34 -7.94
CA VAL B 6 19.98 -65.31 -7.71
C VAL B 6 19.46 -66.74 -7.62
N ARG B 7 18.87 -67.10 -6.48
CA ARG B 7 18.33 -68.43 -6.24
C ARG B 7 16.81 -68.40 -6.36
N SER B 8 16.25 -69.30 -7.19
CA SER B 8 14.82 -69.34 -7.44
C SER B 8 14.29 -70.77 -7.33
N GLU B 9 13.08 -70.91 -6.75
CA GLU B 9 12.50 -72.25 -6.56
C GLU B 9 12.22 -72.94 -7.89
N GLU B 10 11.64 -72.21 -8.85
CA GLU B 10 11.20 -72.80 -10.12
C GLU B 10 12.06 -72.36 -11.30
N TRP B 11 13.20 -71.73 -11.06
CA TRP B 11 14.06 -71.22 -12.14
C TRP B 11 15.52 -71.50 -11.80
N ASP B 12 16.37 -71.44 -12.84
CA ASP B 12 17.79 -71.74 -12.69
C ASP B 12 18.52 -70.63 -11.91
N LEU B 13 19.65 -70.99 -11.31
CA LEU B 13 20.53 -70.01 -10.68
C LEU B 13 21.08 -69.05 -11.72
N MET B 14 21.07 -67.75 -11.41
CA MET B 14 21.54 -66.71 -12.31
C MET B 14 22.73 -66.00 -11.71
N THR B 15 23.81 -65.89 -12.48
CA THR B 15 25.04 -65.22 -12.05
C THR B 15 25.45 -64.21 -13.11
N PHE B 16 25.73 -62.97 -12.70
CA PHE B 16 26.00 -61.87 -13.62
C PHE B 16 26.76 -60.75 -12.89
N ASP B 17 27.37 -59.86 -13.68
CA ASP B 17 28.10 -58.72 -13.13
C ASP B 17 27.14 -57.72 -12.47
N ALA B 18 27.66 -56.97 -11.49
CA ALA B 18 26.85 -56.05 -10.70
C ALA B 18 27.75 -55.02 -10.02
N ASN B 19 27.12 -54.02 -9.40
CA ASN B 19 27.81 -52.95 -8.64
C ASN B 19 27.02 -52.70 -7.36
N PRO B 20 27.67 -52.66 -6.19
CA PRO B 20 26.89 -52.43 -4.95
C PRO B 20 26.10 -51.13 -4.98
N TYR B 21 26.66 -50.07 -5.55
CA TYR B 21 25.95 -48.80 -5.55
C TYR B 21 24.70 -48.87 -6.42
N ASP B 22 24.71 -49.72 -7.45
CA ASP B 22 23.56 -49.83 -8.36
C ASP B 22 22.33 -50.34 -7.62
N SER B 23 21.15 -49.92 -8.11
CA SER B 23 19.89 -50.20 -7.46
C SER B 23 19.49 -51.66 -7.62
N VAL B 24 18.56 -52.11 -6.75
CA VAL B 24 17.97 -53.43 -6.90
C VAL B 24 17.21 -53.53 -8.22
N LYS B 25 16.58 -52.43 -8.63
CA LYS B 25 15.94 -52.39 -9.94
C LYS B 25 16.94 -52.72 -11.04
N LYS B 26 18.15 -52.18 -10.96
CA LYS B 26 19.18 -52.48 -11.95
C LYS B 26 19.52 -53.97 -11.95
N ILE B 27 19.56 -54.59 -10.77
CA ILE B 27 19.79 -56.04 -10.70
C ILE B 27 18.66 -56.78 -11.40
N LYS B 28 17.41 -56.35 -11.18
CA LYS B 28 16.27 -57.01 -11.80
C LYS B 28 16.30 -56.85 -13.32
N GLU B 29 16.77 -55.69 -13.80
CA GLU B 29 17.00 -55.51 -15.23
C GLU B 29 18.11 -56.43 -15.72
N HIS B 30 19.16 -56.60 -14.91
CA HIS B 30 20.24 -57.53 -15.28
C HIS B 30 19.73 -58.97 -15.31
N VAL B 31 18.84 -59.32 -14.39
CA VAL B 31 18.22 -60.65 -14.40
C VAL B 31 17.47 -60.87 -15.70
N ARG B 32 16.74 -59.84 -16.15
CA ARG B 32 15.90 -59.98 -17.35
C ARG B 32 16.72 -60.39 -18.56
N SER B 33 17.91 -59.81 -18.73
CA SER B 33 18.74 -60.14 -19.88
C SER B 33 19.17 -61.60 -19.86
N LYS B 34 19.59 -62.10 -18.70
CA LYS B 34 20.12 -63.46 -18.61
C LYS B 34 19.00 -64.51 -18.67
N THR B 35 17.90 -64.32 -17.95
CA THR B 35 16.78 -65.26 -17.95
C THR B 35 15.48 -64.55 -17.54
N LYS B 36 14.36 -65.24 -17.79
CA LYS B 36 13.02 -64.86 -17.36
C LYS B 36 12.46 -63.60 -18.02
N VAL B 37 13.24 -62.53 -18.18
CA VAL B 37 12.84 -61.35 -18.96
C VAL B 37 11.95 -60.50 -18.03
N PRO B 38 11.88 -59.10 -18.18
CA PRO B 38 11.18 -58.27 -17.19
C PRO B 38 11.27 -58.50 -15.68
N VAL B 39 11.00 -57.38 -14.97
CA VAL B 39 11.10 -57.31 -13.51
C VAL B 39 9.75 -57.39 -12.79
N GLN B 40 8.62 -57.33 -13.51
CA GLN B 40 7.34 -57.38 -12.82
C GLN B 40 7.17 -58.69 -12.06
N ASP B 41 7.64 -59.80 -12.63
CA ASP B 41 7.58 -61.08 -11.94
C ASP B 41 8.45 -61.08 -10.69
N GLN B 42 9.60 -60.40 -10.75
CA GLN B 42 10.63 -60.53 -9.72
C GLN B 42 10.21 -59.86 -8.41
N VAL B 43 10.41 -60.59 -7.30
CA VAL B 43 10.24 -60.07 -5.93
C VAL B 43 11.40 -60.59 -5.08
N LEU B 44 12.56 -59.95 -5.19
CA LEU B 44 13.79 -60.44 -4.55
C LEU B 44 13.73 -60.34 -3.02
N LEU B 45 14.36 -61.31 -2.36
CA LEU B 45 14.44 -61.40 -0.91
C LEU B 45 15.82 -61.93 -0.51
N LEU B 46 16.30 -61.51 0.66
CA LEU B 46 17.52 -62.05 1.24
C LEU B 46 17.22 -62.48 2.68
N GLY B 47 17.42 -63.76 2.97
CA GLY B 47 17.03 -64.29 4.27
C GLY B 47 15.54 -64.05 4.51
N SER B 48 15.22 -63.42 5.64
CA SER B 48 13.84 -63.04 5.94
C SER B 48 13.52 -61.59 5.57
N LYS B 49 14.47 -60.86 5.01
CA LYS B 49 14.30 -59.43 4.73
C LYS B 49 13.82 -59.22 3.31
N ILE B 50 12.72 -58.45 3.16
CA ILE B 50 12.25 -58.05 1.85
C ILE B 50 13.17 -56.97 1.29
N LEU B 51 13.44 -57.04 -0.01
CA LEU B 51 14.35 -56.11 -0.69
C LEU B 51 13.54 -55.19 -1.59
N LYS B 52 13.52 -53.90 -1.24
CA LYS B 52 12.75 -52.93 -2.02
C LYS B 52 13.47 -52.62 -3.33
N PRO B 53 12.73 -52.34 -4.40
CA PRO B 53 13.38 -52.17 -5.71
C PRO B 53 14.25 -50.93 -5.82
N ARG B 54 13.77 -49.78 -5.33
CA ARG B 54 14.52 -48.52 -5.49
C ARG B 54 15.81 -48.52 -4.68
N ARG B 55 15.81 -49.15 -3.50
CA ARG B 55 16.98 -49.16 -2.63
C ARG B 55 18.16 -49.91 -3.25
N SER B 56 19.37 -49.42 -2.97
CA SER B 56 20.59 -50.01 -3.51
C SER B 56 21.03 -51.20 -2.66
N LEU B 57 21.94 -52.00 -3.21
CA LEU B 57 22.51 -53.10 -2.45
C LEU B 57 23.25 -52.59 -1.22
N SER B 58 23.99 -51.47 -1.38
CA SER B 58 24.72 -50.89 -0.25
C SER B 58 23.77 -50.37 0.82
N SER B 59 22.54 -50.01 0.45
CA SER B 59 21.55 -49.56 1.43
C SER B 59 21.19 -50.67 2.42
N TYR B 60 21.39 -51.93 2.04
CA TYR B 60 21.10 -53.05 2.91
C TYR B 60 22.34 -53.53 3.66
N GLY B 61 23.41 -52.73 3.66
CA GLY B 61 24.60 -53.01 4.44
C GLY B 61 25.59 -53.97 3.81
N ILE B 62 25.42 -54.30 2.52
CA ILE B 62 26.40 -55.12 1.82
C ILE B 62 27.76 -54.41 1.88
N ASP B 63 28.78 -55.14 2.33
CA ASP B 63 30.11 -54.55 2.48
C ASP B 63 31.16 -55.66 2.52
N LYS B 64 32.32 -55.36 1.94
CA LYS B 64 33.48 -56.26 2.00
C LYS B 64 33.14 -57.67 1.51
N GLU B 65 32.43 -57.74 0.38
CA GLU B 65 32.03 -59.01 -0.22
C GLU B 65 32.41 -59.02 -1.70
N LYS B 66 33.19 -60.03 -2.11
CA LYS B 66 33.51 -60.19 -3.53
C LYS B 66 32.28 -60.61 -4.34
N THR B 67 31.42 -61.44 -3.74
CA THR B 67 30.20 -61.92 -4.38
C THR B 67 29.11 -62.04 -3.31
N ILE B 68 27.86 -61.80 -3.71
CA ILE B 68 26.71 -61.86 -2.81
C ILE B 68 25.61 -62.68 -3.46
N HIS B 69 24.68 -63.18 -2.63
CA HIS B 69 23.61 -64.06 -3.09
C HIS B 69 22.28 -63.66 -2.49
N LEU B 70 21.20 -63.78 -3.27
CA LEU B 70 19.84 -63.44 -2.86
C LEU B 70 18.87 -64.53 -3.30
N THR B 71 17.75 -64.65 -2.59
CA THR B 71 16.71 -65.64 -2.89
C THR B 71 15.53 -64.95 -3.57
N LEU B 72 15.41 -65.14 -4.89
CA LEU B 72 14.31 -64.55 -5.66
C LEU B 72 13.01 -65.35 -5.48
N LYS B 73 11.89 -64.63 -5.52
CA LYS B 73 10.55 -65.22 -5.37
C LYS B 73 9.60 -64.54 -6.35
N VAL B 74 8.51 -65.24 -6.69
CA VAL B 74 7.46 -64.68 -7.55
C VAL B 74 6.13 -64.72 -6.80
N VAL B 75 5.38 -63.62 -6.85
CA VAL B 75 4.11 -63.48 -6.16
C VAL B 75 2.95 -63.83 -7.10
N GLU B 81 -4.01 -56.64 -9.85
CA GLU B 81 -4.79 -55.41 -10.00
C GLU B 81 -4.27 -54.58 -11.19
N LEU B 82 -4.45 -55.09 -12.40
CA LEU B 82 -3.94 -54.38 -13.57
C LEU B 82 -4.57 -52.98 -13.74
N PRO B 83 -5.88 -52.78 -13.50
CA PRO B 83 -6.42 -51.42 -13.48
C PRO B 83 -6.31 -50.78 -12.10
N LEU B 84 -5.86 -49.52 -12.04
CA LEU B 84 -5.61 -48.84 -10.78
C LEU B 84 -6.11 -47.41 -10.85
N PHE B 85 -6.33 -46.82 -9.67
CA PHE B 85 -6.79 -45.44 -9.52
C PHE B 85 -5.59 -44.51 -9.27
N LEU B 86 -5.49 -43.45 -10.06
CA LEU B 86 -4.48 -42.41 -9.86
C LEU B 86 -5.15 -41.04 -9.75
N VAL B 87 -4.61 -40.17 -8.90
CA VAL B 87 -5.10 -38.80 -8.71
C VAL B 87 -4.08 -37.85 -9.33
N GLU B 88 -4.56 -36.97 -10.23
CA GLU B 88 -3.70 -36.06 -11.01
C GLU B 88 -3.81 -34.65 -10.45
N SER B 89 -2.72 -34.14 -9.89
CA SER B 89 -2.71 -32.83 -9.27
C SER B 89 -2.67 -31.72 -10.32
N GLY B 90 -3.44 -30.65 -10.06
CA GLY B 90 -3.54 -29.54 -10.99
C GLY B 90 -2.43 -28.51 -10.82
N ASP B 91 -2.47 -27.49 -11.68
CA ASP B 91 -1.47 -26.42 -11.61
C ASP B 91 -1.59 -25.64 -10.30
N GLU B 92 -2.83 -25.42 -9.82
CA GLU B 92 -3.08 -24.65 -8.58
C GLU B 92 -4.08 -25.40 -7.69
N ALA B 93 -3.60 -26.44 -7.01
CA ALA B 93 -4.37 -27.14 -5.98
C ALA B 93 -5.71 -27.65 -6.49
N LYS B 94 -5.71 -28.27 -7.69
CA LYS B 94 -6.94 -28.79 -8.32
C LYS B 94 -6.73 -30.25 -8.72
N ARG B 95 -6.86 -31.15 -7.73
CA ARG B 95 -6.71 -32.58 -7.98
C ARG B 95 -7.85 -33.11 -8.85
N HIS B 96 -7.57 -34.20 -9.57
CA HIS B 96 -8.54 -34.89 -10.42
C HIS B 96 -8.37 -36.40 -10.22
N LEU B 97 -9.41 -37.16 -10.58
CA LEU B 97 -9.40 -38.62 -10.48
C LEU B 97 -9.43 -39.23 -11.88
N LEU B 98 -8.43 -40.06 -12.19
CA LEU B 98 -8.31 -40.75 -13.47
C LEU B 98 -7.96 -42.21 -13.24
N GLN B 99 -8.51 -43.11 -14.07
CA GLN B 99 -8.21 -44.54 -13.99
C GLN B 99 -7.25 -44.94 -15.12
N VAL B 100 -6.17 -45.63 -14.76
CA VAL B 100 -5.18 -46.09 -15.72
C VAL B 100 -4.86 -47.56 -15.46
N ARG B 101 -4.29 -48.22 -16.48
CA ARG B 101 -3.84 -49.60 -16.38
C ARG B 101 -2.33 -49.63 -16.67
N ARG B 102 -1.64 -50.64 -16.12
CA ARG B 102 -0.19 -50.71 -16.32
C ARG B 102 0.14 -50.74 -17.80
N SER B 103 -0.66 -51.46 -18.60
CA SER B 103 -0.46 -51.55 -20.04
C SER B 103 -1.25 -50.46 -20.75
N SER B 104 -0.80 -49.22 -20.55
CA SER B 104 -1.40 -48.05 -21.19
C SER B 104 -0.31 -47.23 -21.85
N SER B 105 -0.53 -46.86 -23.12
CA SER B 105 0.42 -46.01 -23.82
C SER B 105 0.46 -44.62 -23.19
N VAL B 106 1.65 -44.00 -23.21
CA VAL B 106 1.79 -42.71 -22.53
C VAL B 106 0.88 -41.67 -23.16
N ALA B 107 0.71 -41.72 -24.49
CA ALA B 107 -0.15 -40.76 -25.17
C ALA B 107 -1.60 -40.90 -24.72
N GLN B 108 -2.06 -42.14 -24.49
CA GLN B 108 -3.43 -42.34 -24.01
C GLN B 108 -3.66 -41.62 -22.70
N VAL B 109 -2.70 -41.73 -21.77
CA VAL B 109 -2.85 -41.09 -20.46
C VAL B 109 -2.85 -39.57 -20.61
N LYS B 110 -1.98 -39.04 -21.48
CA LYS B 110 -1.97 -37.60 -21.71
C LYS B 110 -3.29 -37.13 -22.31
N ALA B 111 -3.91 -37.97 -23.15
CA ALA B 111 -5.22 -37.62 -23.69
C ALA B 111 -6.27 -37.52 -22.59
N MET B 112 -6.19 -38.38 -21.57
CA MET B 112 -7.10 -38.26 -20.43
C MET B 112 -6.94 -36.90 -19.76
N ILE B 113 -5.69 -36.44 -19.61
CA ILE B 113 -5.45 -35.13 -19.00
C ILE B 113 -6.08 -34.04 -19.85
N GLU B 114 -6.04 -34.19 -21.18
CA GLU B 114 -6.62 -33.16 -22.06
C GLU B 114 -8.12 -33.00 -21.83
N THR B 115 -8.85 -34.12 -21.69
CA THR B 115 -10.27 -34.02 -21.39
C THR B 115 -10.49 -33.40 -20.01
N LYS B 116 -9.65 -33.76 -19.04
CA LYS B 116 -9.85 -33.30 -17.66
C LYS B 116 -9.50 -31.82 -17.51
N THR B 117 -8.38 -31.37 -18.12
CA THR B 117 -7.89 -30.02 -17.92
C THR B 117 -8.07 -29.09 -19.13
N GLY B 118 -8.33 -29.64 -20.32
CA GLY B 118 -8.41 -28.84 -21.51
C GLY B 118 -7.08 -28.41 -22.07
N ILE B 119 -5.98 -29.04 -21.64
CA ILE B 119 -4.63 -28.69 -22.09
C ILE B 119 -4.20 -29.70 -23.15
N ILE B 120 -3.74 -29.21 -24.29
CA ILE B 120 -3.41 -30.08 -25.43
C ILE B 120 -2.31 -31.05 -25.02
N PRO B 121 -2.42 -32.35 -25.35
CA PRO B 121 -1.42 -33.32 -24.85
C PRO B 121 -0.02 -33.08 -25.40
N GLU B 122 0.09 -32.49 -26.59
CA GLU B 122 1.40 -32.20 -27.16
C GLU B 122 2.24 -31.33 -26.24
N THR B 123 1.63 -30.31 -25.64
CA THR B 123 2.30 -29.33 -24.80
C THR B 123 2.10 -29.59 -23.31
N GLN B 124 1.37 -30.66 -22.96
CA GLN B 124 1.24 -31.05 -21.56
C GLN B 124 2.59 -31.40 -20.95
N ILE B 125 2.78 -30.99 -19.69
CA ILE B 125 3.98 -31.30 -18.93
C ILE B 125 3.55 -31.94 -17.61
N VAL B 126 3.92 -33.21 -17.41
CA VAL B 126 3.55 -34.00 -16.23
C VAL B 126 4.80 -34.65 -15.67
N THR B 127 4.78 -34.92 -14.35
CA THR B 127 5.88 -35.60 -13.67
C THR B 127 5.31 -36.72 -12.80
N LEU B 128 5.82 -37.94 -13.02
CA LEU B 128 5.33 -39.14 -12.34
C LEU B 128 6.51 -39.85 -11.69
N ASN B 129 6.42 -40.12 -10.39
CA ASN B 129 7.49 -40.77 -9.64
C ASN B 129 8.84 -40.14 -9.99
N GLY B 130 8.85 -38.80 -9.99
CA GLY B 130 10.06 -38.04 -10.24
C GLY B 130 10.74 -38.34 -11.57
N LYS B 131 9.96 -38.61 -12.61
CA LYS B 131 10.46 -38.80 -13.96
C LYS B 131 9.56 -38.03 -14.91
N ARG B 132 10.13 -37.15 -15.73
CA ARG B 132 9.31 -36.37 -16.66
C ARG B 132 8.53 -37.32 -17.56
N LEU B 133 7.23 -37.08 -17.68
CA LEU B 133 6.34 -37.92 -18.49
C LEU B 133 6.51 -37.53 -19.96
N GLU B 134 6.93 -38.49 -20.79
CA GLU B 134 7.39 -38.20 -22.16
C GLU B 134 6.70 -39.10 -23.17
N ASP B 135 6.71 -38.66 -24.43
CA ASP B 135 6.09 -39.41 -25.53
C ASP B 135 6.88 -40.70 -25.81
N GLY B 136 6.25 -41.58 -26.58
CA GLY B 136 6.90 -42.83 -26.96
C GLY B 136 7.31 -43.69 -25.78
N LYS B 137 6.41 -43.83 -24.80
CA LYS B 137 6.67 -44.60 -23.59
C LYS B 137 5.38 -45.30 -23.15
N MET B 138 5.50 -46.21 -22.19
CA MET B 138 4.36 -46.90 -21.60
C MET B 138 4.34 -46.62 -20.10
N MET B 139 3.15 -46.68 -19.49
CA MET B 139 3.06 -46.49 -18.05
C MET B 139 3.87 -47.55 -17.32
N ALA B 140 3.87 -48.78 -17.85
CA ALA B 140 4.64 -49.86 -17.24
C ALA B 140 6.13 -49.54 -17.25
N ASP B 141 6.64 -48.95 -18.35
CA ASP B 141 8.04 -48.58 -18.39
C ASP B 141 8.40 -47.63 -17.26
N TYR B 142 7.56 -46.61 -17.03
CA TYR B 142 7.83 -45.65 -15.97
C TYR B 142 7.76 -46.28 -14.60
N GLY B 143 6.88 -47.27 -14.41
CA GLY B 143 6.74 -47.93 -13.13
C GLY B 143 5.67 -47.26 -12.29
N ILE B 144 4.48 -47.85 -12.24
CA ILE B 144 3.31 -47.22 -11.63
C ILE B 144 2.68 -48.19 -10.63
N ARG B 145 2.25 -47.64 -9.50
CA ARG B 145 1.61 -48.38 -8.42
C ARG B 145 0.33 -47.65 -8.01
N LYS B 146 -0.61 -48.38 -7.40
CA LYS B 146 -1.87 -47.76 -7.02
C LYS B 146 -1.64 -46.69 -5.96
N GLY B 147 -2.35 -45.56 -6.09
CA GLY B 147 -2.20 -44.45 -5.18
C GLY B 147 -1.12 -43.44 -5.53
N ASN B 148 -0.46 -43.60 -6.67
CA ASN B 148 0.55 -42.63 -7.09
C ASN B 148 -0.13 -41.34 -7.57
N LEU B 149 0.66 -40.28 -7.66
CA LEU B 149 0.17 -38.95 -8.03
C LEU B 149 0.92 -38.42 -9.26
N LEU B 150 0.16 -37.86 -10.21
CA LEU B 150 0.69 -37.23 -11.42
C LEU B 150 0.55 -35.72 -11.30
N PHE B 151 1.64 -34.98 -11.51
CA PHE B 151 1.69 -33.55 -11.24
C PHE B 151 1.78 -32.74 -12.52
N LEU B 152 0.87 -31.78 -12.68
CA LEU B 152 0.85 -30.86 -13.81
C LEU B 152 1.54 -29.56 -13.41
N ALA B 153 2.45 -29.06 -14.26
CA ALA B 153 3.27 -27.90 -13.96
C ALA B 153 3.27 -26.90 -15.11
N SER B 154 3.34 -25.61 -14.75
CA SER B 154 3.45 -24.51 -15.71
C SER B 154 4.71 -23.71 -15.41
N TYR B 155 5.47 -23.38 -16.46
CA TYR B 155 6.79 -22.76 -16.27
C TYR B 155 6.66 -21.31 -15.81
N SER B 156 7.58 -20.91 -14.91
CA SER B 156 7.56 -19.62 -14.24
C SER B 156 8.65 -18.71 -14.81
N ILE B 157 8.34 -17.41 -14.94
CA ILE B 157 9.30 -16.43 -15.46
C ILE B 157 9.32 -15.19 -14.56
N GLY B 158 10.53 -14.78 -14.17
CA GLY B 158 10.71 -13.59 -13.36
C GLY B 158 12.08 -13.57 -12.72
N GLY B 159 12.34 -12.50 -11.97
CA GLY B 159 13.60 -12.34 -11.25
C GLY B 159 14.67 -11.55 -11.99
N VAL C 50 12.71 15.55 -4.12
CA VAL C 50 13.62 15.00 -5.11
C VAL C 50 14.25 13.71 -4.57
N LEU C 51 13.61 12.58 -4.90
CA LEU C 51 14.03 11.26 -4.42
C LEU C 51 14.21 11.28 -2.89
N GLY C 52 13.22 11.88 -2.21
CA GLY C 52 13.26 12.08 -0.77
C GLY C 52 12.41 11.06 -0.02
N ASP C 53 12.34 11.24 1.30
CA ASP C 53 11.47 10.47 2.17
C ASP C 53 10.55 11.42 2.94
N THR C 54 9.27 11.04 3.06
CA THR C 54 8.27 11.89 3.68
C THR C 54 8.48 11.95 5.19
N ALA C 55 7.84 12.93 5.82
CA ALA C 55 7.91 13.04 7.28
C ALA C 55 7.39 11.78 7.95
N MET C 56 6.30 11.21 7.42
CA MET C 56 5.79 9.95 7.96
C MET C 56 6.79 8.82 7.77
N GLN C 57 7.41 8.74 6.59
CA GLN C 57 8.39 7.69 6.34
C GLN C 57 9.57 7.81 7.29
N LYS C 58 9.96 9.04 7.64
CA LYS C 58 11.09 9.23 8.54
C LYS C 58 10.76 8.72 9.95
N MET C 59 9.53 8.95 10.42
CA MET C 59 9.15 8.40 11.72
C MET C 59 9.18 6.88 11.71
N ALA C 60 8.81 6.27 10.58
CA ALA C 60 8.76 4.82 10.48
C ALA C 60 10.14 4.18 10.51
N LYS C 61 11.20 4.93 10.21
CA LYS C 61 12.56 4.42 10.26
C LYS C 61 13.27 4.73 11.58
N SER C 62 12.67 5.56 12.45
CA SER C 62 13.37 6.17 13.56
C SER C 62 12.97 5.56 14.90
N HIS C 63 13.94 5.40 15.79
CA HIS C 63 13.72 4.84 17.12
C HIS C 63 13.90 5.93 18.18
N VAL C 64 13.18 5.78 19.30
CA VAL C 64 13.18 6.75 20.37
C VAL C 64 13.40 6.07 21.71
N PHE C 65 14.07 6.78 22.63
CA PHE C 65 14.37 6.29 23.97
C PHE C 65 13.80 7.27 24.99
N LEU C 66 12.89 6.77 25.84
CA LEU C 66 12.25 7.57 26.88
C LEU C 66 12.55 6.94 28.24
N SER C 67 13.00 7.78 29.18
CA SER C 67 13.38 7.33 30.52
C SER C 67 12.57 8.10 31.56
N GLY C 68 12.12 7.37 32.59
CA GLY C 68 11.34 7.97 33.67
C GLY C 68 9.86 7.95 33.40
N MET C 69 9.11 7.05 34.06
CA MET C 69 7.72 6.83 33.70
C MET C 69 6.74 7.29 34.77
N GLY C 70 6.82 8.55 35.14
CA GLY C 70 5.79 9.16 35.96
C GLY C 70 4.65 9.59 35.07
N GLY C 71 3.77 10.43 35.63
CA GLY C 71 2.72 11.00 34.81
C GLY C 71 3.26 11.59 33.52
N LEU C 72 4.38 12.31 33.62
CA LEU C 72 4.92 13.01 32.46
C LEU C 72 5.46 12.03 31.42
N GLY C 73 6.27 11.07 31.85
CA GLY C 73 6.83 10.12 30.90
C GLY C 73 5.77 9.36 30.14
N LEU C 74 4.66 9.04 30.82
CA LEU C 74 3.56 8.35 30.16
C LEU C 74 2.90 9.25 29.11
N GLU C 75 2.53 10.48 29.49
CA GLU C 75 1.88 11.40 28.57
C GLU C 75 2.66 11.53 27.27
N ILE C 76 3.99 11.57 27.37
CA ILE C 76 4.83 11.65 26.19
C ILE C 76 4.76 10.35 25.41
N ALA C 77 4.97 9.22 26.09
CA ALA C 77 4.92 7.94 25.40
C ALA C 77 3.60 7.73 24.69
N LYS C 78 2.49 8.05 25.36
CA LYS C 78 1.17 7.91 24.74
C LYS C 78 1.13 8.62 23.39
N ASN C 79 1.48 9.91 23.39
CA ASN C 79 1.36 10.70 22.18
C ASN C 79 2.31 10.19 21.09
N LEU C 80 3.52 9.77 21.47
CA LEU C 80 4.48 9.31 20.47
C LEU C 80 4.04 7.99 19.83
N VAL C 81 3.54 7.05 20.63
CA VAL C 81 3.11 5.77 20.10
C VAL C 81 1.89 5.95 19.22
N LEU C 82 0.96 6.82 19.63
CA LEU C 82 -0.18 7.14 18.78
C LEU C 82 0.27 7.81 17.48
N ALA C 83 1.40 8.52 17.52
CA ALA C 83 1.86 9.23 16.33
C ALA C 83 2.38 8.28 15.26
N GLY C 84 2.98 7.17 15.66
CA GLY C 84 3.49 6.20 14.69
C GLY C 84 5.00 6.08 14.67
N ILE C 85 5.64 6.35 15.82
CA ILE C 85 7.08 6.13 15.93
C ILE C 85 7.36 4.64 15.79
N LYS C 86 8.38 4.31 14.99
CA LYS C 86 8.74 2.92 14.74
C LYS C 86 8.96 2.16 16.04
N ALA C 87 9.84 2.68 16.89
CA ALA C 87 10.17 2.03 18.15
C ALA C 87 10.21 3.07 19.26
N VAL C 88 9.57 2.75 20.38
CA VAL C 88 9.60 3.58 21.58
C VAL C 88 10.08 2.69 22.71
N THR C 89 11.28 2.94 23.21
CA THR C 89 11.86 2.14 24.28
C THR C 89 11.59 2.85 25.61
N ILE C 90 10.63 2.33 26.36
CA ILE C 90 10.32 2.87 27.68
C ILE C 90 11.33 2.34 28.68
N HIS C 91 11.71 3.20 29.64
CA HIS C 91 12.68 2.79 30.64
C HIS C 91 12.41 3.48 31.97
N ASP C 92 12.40 2.70 33.05
CA ASP C 92 12.33 3.25 34.40
C ASP C 92 13.02 2.28 35.34
N THR C 93 13.36 2.78 36.53
CA THR C 93 14.09 2.01 37.53
C THR C 93 13.27 1.74 38.79
N GLU C 94 12.34 2.62 39.14
CA GLU C 94 11.56 2.46 40.36
C GLU C 94 10.35 1.55 40.12
N LYS C 95 9.88 0.95 41.21
CA LYS C 95 8.67 0.12 41.19
C LYS C 95 7.46 0.96 41.61
N CYS C 96 6.28 0.48 41.22
CA CYS C 96 5.06 1.26 41.43
C CYS C 96 4.85 1.55 42.91
N GLN C 97 4.11 2.63 43.18
CA GLN C 97 3.74 3.03 44.53
C GLN C 97 2.37 3.67 44.49
N ALA C 98 1.67 3.63 45.63
CA ALA C 98 0.32 4.15 45.69
C ALA C 98 0.24 5.60 45.22
N TRP C 99 1.30 6.37 45.46
CA TRP C 99 1.33 7.75 44.98
C TRP C 99 1.22 7.81 43.46
N ASP C 100 1.84 6.84 42.76
CA ASP C 100 1.85 6.84 41.30
C ASP C 100 0.48 6.64 40.69
N LEU C 101 -0.50 6.16 41.46
CA LEU C 101 -1.85 5.97 40.93
C LEU C 101 -2.51 7.31 40.59
N GLY C 102 -2.14 8.38 41.29
CA GLY C 102 -2.70 9.68 40.98
C GLY C 102 -2.13 10.29 39.71
N THR C 103 -0.85 10.01 39.41
CA THR C 103 -0.18 10.58 38.25
C THR C 103 -0.34 9.75 36.99
N ASN C 104 -0.40 8.42 37.13
CA ASN C 104 -0.34 7.47 36.03
C ASN C 104 -1.73 6.90 35.79
N PHE C 105 -2.26 7.08 34.58
CA PHE C 105 -3.63 6.69 34.31
C PHE C 105 -3.78 5.25 33.84
N PHE C 106 -2.68 4.55 33.56
CA PHE C 106 -2.75 3.12 33.25
C PHE C 106 -2.40 2.23 34.43
N LEU C 107 -1.71 2.74 35.45
CA LEU C 107 -1.39 1.93 36.62
C LEU C 107 -2.67 1.52 37.35
N SER C 108 -2.58 0.41 38.08
CA SER C 108 -3.72 -0.16 38.77
C SER C 108 -3.34 -0.55 40.19
N GLU C 109 -4.35 -0.72 41.04
CA GLU C 109 -4.12 -1.13 42.42
C GLU C 109 -3.42 -2.48 42.47
N ASP C 110 -3.71 -3.36 41.51
CA ASP C 110 -3.06 -4.66 41.43
C ASP C 110 -1.56 -4.53 41.18
N ASP C 111 -1.17 -3.58 40.32
CA ASP C 111 0.24 -3.42 39.98
C ASP C 111 1.06 -2.89 41.16
N VAL C 112 0.46 -2.02 41.98
CA VAL C 112 1.18 -1.45 43.11
C VAL C 112 1.48 -2.51 44.16
N VAL C 113 0.54 -3.44 44.34
CA VAL C 113 0.73 -4.49 45.34
C VAL C 113 1.84 -5.45 44.91
N ASN C 114 1.88 -5.77 43.62
CA ASN C 114 2.86 -6.70 43.09
C ASN C 114 4.22 -6.07 42.90
N LYS C 115 4.34 -4.76 43.10
CA LYS C 115 5.62 -4.06 43.04
C LYS C 115 6.34 -4.38 41.74
N ARG C 116 5.65 -4.11 40.64
CA ARG C 116 6.20 -4.25 39.30
C ARG C 116 6.93 -2.98 38.90
N ASN C 117 7.83 -3.11 37.93
CA ASN C 117 8.53 -1.95 37.41
C ASN C 117 7.54 -1.02 36.70
N ARG C 118 7.64 0.27 36.98
CA ARG C 118 6.68 1.23 36.44
C ARG C 118 6.48 1.00 34.94
N ALA C 119 7.57 0.95 34.18
CA ALA C 119 7.46 0.74 32.74
C ALA C 119 6.75 -0.58 32.42
N GLU C 120 7.26 -1.67 32.99
CA GLU C 120 6.80 -3.01 32.61
C GLU C 120 5.34 -3.26 32.95
N ALA C 121 4.75 -2.47 33.86
CA ALA C 121 3.34 -2.60 34.17
C ALA C 121 2.47 -1.92 33.12
N VAL C 122 2.96 -0.84 32.53
CA VAL C 122 2.18 -0.05 31.59
C VAL C 122 2.48 -0.40 30.14
N LEU C 123 3.44 -1.30 29.89
CA LEU C 123 3.83 -1.59 28.51
C LEU C 123 2.68 -2.18 27.71
N LYS C 124 1.89 -3.07 28.32
CA LYS C 124 0.81 -3.70 27.58
C LYS C 124 -0.27 -2.69 27.20
N HIS C 125 -0.61 -1.77 28.11
CA HIS C 125 -1.63 -0.79 27.82
C HIS C 125 -1.18 0.23 26.79
N ILE C 126 0.11 0.57 26.77
CA ILE C 126 0.63 1.52 25.78
C ILE C 126 0.69 0.86 24.40
N ALA C 127 1.22 -0.36 24.33
CA ALA C 127 1.33 -1.05 23.04
C ALA C 127 -0.02 -1.20 22.36
N GLU C 128 -1.10 -1.34 23.15
CA GLU C 128 -2.43 -1.44 22.56
C GLU C 128 -2.82 -0.16 21.81
N LEU C 129 -2.30 0.99 22.25
CA LEU C 129 -2.66 2.26 21.62
C LEU C 129 -2.46 2.18 20.11
N ASN C 130 -1.24 1.87 19.68
CA ASN C 130 -0.89 1.77 18.27
C ASN C 130 -0.19 0.45 18.02
N PRO C 131 -0.90 -0.54 17.46
CA PRO C 131 -0.30 -1.87 17.33
C PRO C 131 0.81 -1.95 16.29
N TYR C 132 0.97 -0.94 15.43
CA TYR C 132 2.03 -0.99 14.42
C TYR C 132 3.38 -0.57 14.96
N VAL C 133 3.45 -0.16 16.23
CA VAL C 133 4.66 0.35 16.86
C VAL C 133 5.23 -0.70 17.79
N HIS C 134 6.56 -0.83 17.81
CA HIS C 134 7.25 -1.79 18.67
C HIS C 134 7.68 -1.08 19.94
N VAL C 135 6.93 -1.26 21.01
CA VAL C 135 7.25 -0.68 22.31
C VAL C 135 8.04 -1.71 23.11
N THR C 136 9.22 -1.31 23.59
CA THR C 136 10.14 -2.18 24.30
C THR C 136 10.40 -1.61 25.69
N SER C 137 10.33 -2.45 26.71
CA SER C 137 10.58 -2.04 28.08
C SER C 137 12.05 -2.19 28.43
N SER C 138 12.51 -1.39 29.39
CA SER C 138 13.89 -1.48 29.85
C SER C 138 13.95 -1.15 31.34
N SER C 139 14.74 -1.93 32.07
CA SER C 139 15.00 -1.69 33.48
C SER C 139 16.48 -1.43 33.75
N VAL C 140 17.29 -1.26 32.71
CA VAL C 140 18.74 -1.11 32.81
C VAL C 140 19.08 0.03 33.76
N PRO C 141 19.89 -0.20 34.80
CA PRO C 141 20.18 0.89 35.74
C PRO C 141 20.98 1.99 35.09
N PHE C 142 20.72 3.22 35.52
CA PHE C 142 21.32 4.42 34.94
C PHE C 142 22.16 5.11 36.00
N ASN C 143 23.49 5.09 35.82
CA ASN C 143 24.42 5.69 36.77
C ASN C 143 25.52 6.41 36.01
N GLU C 144 26.36 7.13 36.76
CA GLU C 144 27.62 7.60 36.21
C GLU C 144 28.45 6.44 35.70
N THR C 145 28.35 5.29 36.37
CA THR C 145 29.04 4.08 35.95
C THR C 145 28.56 3.63 34.57
N THR C 146 27.24 3.61 34.38
CA THR C 146 26.66 2.97 33.21
C THR C 146 27.20 3.59 31.93
N ASP C 147 27.59 2.72 30.99
CA ASP C 147 28.08 3.15 29.69
C ASP C 147 26.93 3.68 28.84
N LEU C 148 27.18 4.79 28.15
CA LEU C 148 26.17 5.41 27.30
C LEU C 148 26.25 4.94 25.85
N SER C 149 27.00 3.88 25.57
CA SER C 149 27.12 3.37 24.21
C SER C 149 25.84 2.72 23.70
N PHE C 150 24.93 2.29 24.59
CA PHE C 150 23.71 1.65 24.14
C PHE C 150 22.70 2.65 23.55
N LEU C 151 22.89 3.94 23.80
CA LEU C 151 21.98 4.95 23.26
C LEU C 151 22.29 5.32 21.82
N ASP C 152 23.35 4.76 21.23
CA ASP C 152 23.76 5.18 19.89
C ASP C 152 22.70 4.84 18.85
N LYS C 153 21.92 3.78 19.07
CA LYS C 153 20.95 3.33 18.08
C LYS C 153 19.75 4.28 17.98
N TYR C 154 19.39 4.96 19.07
CA TYR C 154 18.20 5.79 19.09
C TYR C 154 18.45 7.13 18.40
N GLN C 155 17.51 7.53 17.54
CA GLN C 155 17.61 8.83 16.88
C GLN C 155 17.38 9.97 17.87
N CYS C 156 16.49 9.78 18.83
CA CYS C 156 16.19 10.80 19.83
C CYS C 156 16.09 10.16 21.21
N VAL C 157 16.43 10.96 22.22
CA VAL C 157 16.44 10.52 23.62
C VAL C 157 15.68 11.54 24.45
N VAL C 158 14.67 11.08 25.19
CA VAL C 158 13.83 11.93 26.03
C VAL C 158 14.04 11.52 27.48
N LEU C 159 14.39 12.50 28.33
CA LEU C 159 14.72 12.24 29.72
C LEU C 159 13.72 12.93 30.63
N THR C 160 13.21 12.18 31.61
CA THR C 160 12.29 12.70 32.61
C THR C 160 12.70 12.12 33.96
N GLU C 161 12.39 12.85 35.02
CA GLU C 161 12.63 12.39 36.39
C GLU C 161 14.07 11.91 36.58
N MET C 162 15.02 12.74 36.17
CA MET C 162 16.43 12.37 36.26
C MET C 162 17.26 13.53 36.77
N LYS C 163 18.34 13.20 37.47
CA LYS C 163 19.22 14.20 38.05
C LYS C 163 19.80 15.09 36.96
N LEU C 164 20.10 16.32 37.32
CA LEU C 164 20.72 17.26 36.39
C LEU C 164 22.14 16.84 36.03
N PRO C 165 22.98 16.42 37.00
CA PRO C 165 24.33 15.96 36.61
C PRO C 165 24.31 14.85 35.57
N LEU C 166 23.56 13.78 35.82
CA LEU C 166 23.49 12.69 34.86
C LEU C 166 22.91 13.16 33.54
N GLN C 167 21.92 14.06 33.59
CA GLN C 167 21.35 14.62 32.36
C GLN C 167 22.43 15.33 31.54
N LYS C 168 23.30 16.09 32.21
CA LYS C 168 24.39 16.75 31.48
C LYS C 168 25.25 15.72 30.75
N LYS C 169 25.71 14.69 31.46
CA LYS C 169 26.60 13.71 30.85
C LYS C 169 25.96 13.12 29.60
N ILE C 170 24.68 12.75 29.69
CA ILE C 170 23.99 12.19 28.53
C ILE C 170 23.93 13.22 27.40
N ASN C 171 23.57 14.46 27.75
CA ASN C 171 23.50 15.50 26.74
C ASN C 171 24.82 15.65 25.99
N ASP C 172 25.94 15.64 26.73
CA ASP C 172 27.24 15.74 26.10
C ASP C 172 27.46 14.59 25.12
N PHE C 173 27.11 13.36 25.54
CA PHE C 173 27.28 12.21 24.66
C PHE C 173 26.38 12.31 23.43
N CYS C 174 25.13 12.72 23.62
CA CYS C 174 24.18 12.74 22.51
C CYS C 174 24.63 13.72 21.42
N ARG C 175 25.03 14.93 21.81
CA ARG C 175 25.40 15.93 20.82
C ARG C 175 26.77 15.67 20.20
N SER C 176 27.59 14.81 20.83
CA SER C 176 28.90 14.49 20.28
C SER C 176 28.80 13.55 19.09
N GLN C 177 27.91 12.55 19.18
CA GLN C 177 27.83 11.51 18.16
C GLN C 177 27.65 12.10 16.77
N CYS C 178 28.03 11.35 15.75
CA CYS C 178 27.85 11.75 14.35
C CYS C 178 27.07 10.69 13.61
N PRO C 179 25.87 10.97 13.08
CA PRO C 179 25.06 12.18 13.29
C PRO C 179 24.64 12.35 14.73
N PRO C 180 24.26 13.57 15.12
CA PRO C 180 23.95 13.83 16.53
C PRO C 180 22.61 13.26 16.96
N ILE C 181 22.58 12.76 18.19
CA ILE C 181 21.35 12.27 18.81
C ILE C 181 20.67 13.44 19.51
N LYS C 182 19.37 13.60 19.27
CA LYS C 182 18.65 14.74 19.82
C LYS C 182 18.27 14.47 21.27
N PHE C 183 18.29 15.54 22.06
CA PHE C 183 18.15 15.49 23.51
C PHE C 183 16.99 16.37 23.93
N ILE C 184 16.09 15.83 24.75
CA ILE C 184 14.97 16.59 25.28
C ILE C 184 14.79 16.23 26.75
N SER C 185 14.89 17.22 27.63
CA SER C 185 14.66 17.02 29.05
C SER C 185 13.40 17.77 29.46
N ALA C 186 12.49 17.06 30.12
CA ALA C 186 11.28 17.65 30.66
C ALA C 186 11.05 17.07 32.04
N ASP C 187 10.76 17.94 33.01
CA ASP C 187 10.37 17.52 34.34
C ASP C 187 9.25 18.43 34.81
N VAL C 188 8.39 17.92 35.69
CA VAL C 188 7.33 18.71 36.32
C VAL C 188 7.41 18.48 37.82
N HIS C 189 7.78 19.52 38.56
CA HIS C 189 7.82 19.50 40.02
C HIS C 189 6.73 20.45 40.51
N GLY C 190 5.68 19.89 41.11
CA GLY C 190 4.59 20.68 41.63
C GLY C 190 3.79 21.36 40.54
N ILE C 191 3.71 22.70 40.60
CA ILE C 191 3.01 23.49 39.60
C ILE C 191 3.96 24.09 38.57
N TRP C 192 5.24 23.77 38.65
CA TRP C 192 6.25 24.33 37.76
C TRP C 192 6.79 23.25 36.85
N SER C 193 7.11 23.62 35.62
CA SER C 193 7.62 22.69 34.64
C SER C 193 8.87 23.23 33.98
N ARG C 194 9.62 22.32 33.35
CA ARG C 194 10.80 22.66 32.59
C ARG C 194 10.83 21.81 31.33
N LEU C 195 11.20 22.41 30.20
CA LEU C 195 11.37 21.69 28.95
C LEU C 195 12.62 22.18 28.24
N PHE C 196 13.44 21.26 27.75
CA PHE C 196 14.69 21.59 27.10
C PHE C 196 14.81 20.86 25.77
N CYS C 197 15.46 21.52 24.81
CA CYS C 197 15.73 20.96 23.49
C CYS C 197 17.17 21.25 23.12
N ASP C 198 17.88 20.21 22.69
CA ASP C 198 19.27 20.37 22.22
C ASP C 198 19.47 19.36 21.08
N PHE C 199 19.11 19.77 19.87
CA PHE C 199 19.20 18.88 18.72
C PHE C 199 20.58 18.87 18.07
N GLY C 200 21.54 19.62 18.62
CA GLY C 200 22.89 19.62 18.11
C GLY C 200 23.34 20.97 17.60
N ASP C 201 24.66 21.15 17.46
CA ASP C 201 25.19 22.45 17.07
C ASP C 201 24.48 23.00 15.86
N GLU C 202 24.20 22.14 14.86
CA GLU C 202 23.54 22.52 13.63
C GLU C 202 22.39 21.55 13.38
N PHE C 203 21.17 22.08 13.23
CA PHE C 203 19.99 21.28 12.96
C PHE C 203 19.28 21.84 11.74
N GLU C 204 18.97 20.97 10.78
CA GLU C 204 18.33 21.38 9.53
C GLU C 204 16.84 21.07 9.59
N VAL C 205 16.02 22.09 9.32
CA VAL C 205 14.57 21.96 9.28
C VAL C 205 14.16 21.94 7.81
N LEU C 206 13.76 20.77 7.32
CA LEU C 206 13.49 20.62 5.90
C LEU C 206 12.21 21.34 5.47
N ASP C 207 11.21 21.40 6.35
CA ASP C 207 9.90 21.97 6.04
C ASP C 207 9.48 22.85 7.21
N THR C 208 9.54 24.17 7.04
CA THR C 208 9.20 25.07 8.14
C THR C 208 7.69 25.33 8.22
N THR C 209 7.07 25.66 7.09
CA THR C 209 5.62 25.89 7.07
C THR C 209 4.85 24.60 7.27
N GLY C 210 5.42 23.46 6.88
CA GLY C 210 4.70 22.20 6.93
C GLY C 210 3.59 22.07 5.91
N GLU C 211 3.57 22.94 4.91
CA GLU C 211 2.54 22.96 3.87
C GLU C 211 3.09 22.33 2.60
N GLU C 212 2.18 21.95 1.70
CA GLU C 212 2.62 21.39 0.43
C GLU C 212 3.06 22.52 -0.52
N PRO C 213 4.10 22.28 -1.31
CA PRO C 213 4.61 23.36 -2.18
C PRO C 213 3.55 23.87 -3.14
N LYS C 214 3.47 25.18 -3.27
CA LYS C 214 2.41 25.74 -4.10
C LYS C 214 2.76 25.58 -5.59
N GLU C 215 1.74 25.79 -6.42
CA GLU C 215 1.87 25.79 -7.87
C GLU C 215 1.23 27.05 -8.43
N ILE C 216 1.98 27.77 -9.27
CA ILE C 216 1.53 29.03 -9.86
C ILE C 216 1.54 28.89 -11.38
N PHE C 217 0.73 29.71 -12.03
CA PHE C 217 0.62 29.71 -13.48
C PHE C 217 1.02 31.08 -14.02
N ILE C 218 1.92 31.07 -15.01
CA ILE C 218 2.59 32.28 -15.48
C ILE C 218 1.86 32.83 -16.69
N SER C 219 1.51 34.11 -16.64
CA SER C 219 0.92 34.78 -17.80
C SER C 219 2.01 35.23 -18.78
N ASN C 220 3.03 35.92 -18.29
CA ASN C 220 4.08 36.45 -19.16
C ASN C 220 5.37 36.64 -18.37
N ILE C 221 6.50 36.50 -19.08
CA ILE C 221 7.84 36.74 -18.57
C ILE C 221 8.50 37.71 -19.53
N THR C 222 8.93 38.87 -19.03
CA THR C 222 9.69 39.78 -19.87
C THR C 222 11.15 39.32 -19.96
N GLN C 223 11.77 39.59 -21.10
CA GLN C 223 13.14 39.18 -21.40
C GLN C 223 14.11 40.28 -20.98
N ALA C 224 14.53 40.25 -19.72
CA ALA C 224 15.41 41.31 -19.23
C ALA C 224 16.05 40.88 -17.92
N ASN C 225 17.01 41.71 -17.41
CA ASN C 225 17.63 41.35 -16.15
C ASN C 225 17.50 42.36 -15.00
N PRO C 226 16.36 42.94 -14.81
CA PRO C 226 15.38 42.26 -13.97
C PRO C 226 14.17 41.95 -14.83
N GLY C 227 14.06 40.71 -15.30
CA GLY C 227 12.94 40.35 -16.13
C GLY C 227 11.71 40.09 -15.28
N ILE C 228 10.62 40.82 -15.54
CA ILE C 228 9.44 40.68 -14.70
C ILE C 228 8.68 39.43 -15.12
N VAL C 229 8.24 38.67 -14.13
CA VAL C 229 7.37 37.52 -14.31
C VAL C 229 6.07 37.84 -13.61
N THR C 230 4.96 37.77 -14.34
CA THR C 230 3.64 38.10 -13.81
C THR C 230 2.74 36.88 -13.93
N CYS C 231 2.07 36.53 -12.83
CA CYS C 231 1.21 35.36 -12.82
C CYS C 231 -0.12 35.65 -13.51
N LEU C 232 -0.90 34.59 -13.71
CA LEU C 232 -2.25 34.76 -14.25
C LEU C 232 -3.04 35.72 -13.38
N GLU C 233 -3.77 36.64 -14.02
CA GLU C 233 -4.61 37.56 -13.26
C GLU C 233 -5.63 36.81 -12.41
N ASN C 234 -6.09 35.67 -12.91
CA ASN C 234 -7.00 34.84 -12.12
C ASN C 234 -6.30 34.28 -10.90
N HIS C 235 -5.12 33.68 -11.08
CA HIS C 235 -4.45 32.98 -9.99
C HIS C 235 -3.32 33.83 -9.44
N PRO C 236 -3.50 34.48 -8.29
CA PRO C 236 -2.40 35.24 -7.69
C PRO C 236 -1.43 34.33 -6.96
N HIS C 237 -0.26 34.88 -6.67
CA HIS C 237 0.77 34.18 -5.94
C HIS C 237 1.08 34.98 -4.67
N LYS C 238 1.53 34.23 -3.63
CA LYS C 238 1.77 34.68 -2.26
C LYS C 238 3.22 34.58 -1.81
N LEU C 239 4.16 35.14 -2.57
CA LEU C 239 5.55 34.77 -2.45
C LEU C 239 6.30 35.84 -1.66
N GLU C 240 7.38 35.42 -1.02
CA GLU C 240 8.25 36.29 -0.25
C GLU C 240 9.43 36.73 -1.11
N THR C 241 10.05 37.84 -0.72
CA THR C 241 11.13 38.39 -1.52
C THR C 241 12.34 37.46 -1.58
N GLY C 242 12.46 36.54 -0.62
CA GLY C 242 13.61 35.64 -0.57
C GLY C 242 13.40 34.26 -1.15
N GLN C 243 12.16 33.94 -1.52
CA GLN C 243 11.81 32.56 -1.86
C GLN C 243 12.53 32.10 -3.13
N PHE C 244 12.47 30.79 -3.37
CA PHE C 244 13.04 30.15 -4.55
C PHE C 244 11.98 29.32 -5.26
N LEU C 245 11.97 29.41 -6.59
CA LEU C 245 11.02 28.68 -7.43
C LEU C 245 11.76 27.83 -8.46
N THR C 246 11.14 26.72 -8.87
CA THR C 246 11.65 25.89 -9.97
C THR C 246 10.59 25.86 -11.07
N PHE C 247 11.00 26.24 -12.28
CA PHE C 247 10.08 26.44 -13.38
C PHE C 247 10.17 25.24 -14.31
N ARG C 248 9.01 24.75 -14.78
CA ARG C 248 9.04 23.65 -15.74
C ARG C 248 7.84 23.73 -16.67
N GLU C 249 8.02 23.16 -17.86
CA GLU C 249 7.05 23.19 -18.95
C GLU C 249 6.72 24.63 -19.35
N ILE C 250 7.77 25.42 -19.62
CA ILE C 250 7.63 26.75 -20.20
C ILE C 250 7.76 26.62 -21.72
N ASN C 251 7.04 27.47 -22.46
CA ASN C 251 7.17 27.56 -23.90
C ASN C 251 8.12 28.69 -24.26
N GLY C 252 9.01 28.44 -25.21
CA GLY C 252 9.98 29.45 -25.60
C GLY C 252 11.29 29.32 -24.86
N MET C 253 11.27 29.64 -23.56
CA MET C 253 12.47 29.57 -22.72
C MET C 253 12.66 28.12 -22.25
N THR C 254 13.07 27.28 -23.19
CA THR C 254 13.29 25.88 -22.87
C THR C 254 14.37 25.70 -21.80
N GLY C 255 15.28 26.66 -21.67
CA GLY C 255 16.33 26.57 -20.67
C GLY C 255 15.80 26.66 -19.25
N LEU C 256 14.71 27.39 -19.04
CA LEU C 256 14.17 27.56 -17.69
C LEU C 256 13.45 26.31 -17.16
N ASN C 257 13.31 25.25 -17.96
CA ASN C 257 12.58 24.07 -17.52
C ASN C 257 13.30 23.32 -16.40
N GLY C 258 14.64 23.32 -16.41
CA GLY C 258 15.40 22.59 -15.42
C GLY C 258 16.22 23.49 -14.51
N SER C 259 15.73 24.69 -14.26
CA SER C 259 16.47 25.71 -13.53
C SER C 259 15.74 26.09 -12.25
N ILE C 260 16.52 26.47 -11.23
CA ILE C 260 16.00 26.96 -9.97
C ILE C 260 16.47 28.39 -9.81
N GLN C 261 15.52 29.32 -9.74
CA GLN C 261 15.80 30.75 -9.69
C GLN C 261 15.28 31.34 -8.39
N GLN C 262 16.06 32.23 -7.78
CA GLN C 262 15.54 33.02 -6.67
C GLN C 262 14.70 34.16 -7.24
N ILE C 263 13.62 34.48 -6.53
CA ILE C 263 12.69 35.50 -6.98
C ILE C 263 12.57 36.57 -5.90
N THR C 264 12.48 37.82 -6.33
CA THR C 264 12.30 38.96 -5.45
C THR C 264 11.03 39.68 -5.85
N VAL C 265 10.11 39.82 -4.89
CA VAL C 265 8.82 40.48 -5.14
C VAL C 265 9.00 41.95 -4.79
N ILE C 266 9.47 42.73 -5.76
CA ILE C 266 9.56 44.18 -5.59
C ILE C 266 8.22 44.85 -5.89
N SER C 267 7.38 44.22 -6.70
CA SER C 267 6.01 44.68 -6.93
C SER C 267 5.07 43.50 -6.72
N PRO C 268 3.91 43.72 -6.10
CA PRO C 268 3.01 42.60 -5.82
C PRO C 268 2.66 41.87 -7.11
N PHE C 269 2.50 40.56 -7.01
CA PHE C 269 1.94 39.80 -8.13
C PHE C 269 2.92 39.75 -9.30
N SER C 270 4.19 40.09 -9.06
CA SER C 270 5.27 40.00 -10.04
C SER C 270 6.58 39.80 -9.29
N PHE C 271 7.62 39.38 -10.03
CA PHE C 271 8.93 39.14 -9.44
C PHE C 271 9.98 39.08 -10.55
N SER C 272 11.25 39.06 -10.13
CA SER C 272 12.39 38.92 -11.03
C SER C 272 13.08 37.60 -10.77
N ILE C 273 13.16 36.75 -11.79
CA ILE C 273 13.82 35.45 -11.65
C ILE C 273 15.32 35.54 -11.94
N GLY C 274 15.73 36.43 -12.86
CA GLY C 274 17.13 36.59 -13.19
C GLY C 274 17.33 37.27 -14.53
N ASP C 275 18.32 36.83 -15.29
CA ASP C 275 18.65 37.40 -16.59
C ASP C 275 18.05 36.51 -17.68
N THR C 276 17.05 37.04 -18.39
CA THR C 276 16.36 36.33 -19.45
C THR C 276 16.67 36.88 -20.84
N THR C 277 17.61 37.82 -20.94
CA THR C 277 17.94 38.41 -22.24
C THR C 277 18.66 37.40 -23.13
N GLU C 278 19.54 36.58 -22.55
CA GLU C 278 20.22 35.53 -23.32
C GLU C 278 19.23 34.46 -23.77
N LEU C 279 18.29 34.09 -22.91
CA LEU C 279 17.36 33.02 -23.21
C LEU C 279 16.31 33.47 -24.23
N GLU C 280 15.70 32.49 -24.89
CA GLU C 280 14.75 32.75 -25.95
C GLU C 280 13.47 33.39 -25.40
N PRO C 281 12.65 33.99 -26.26
CA PRO C 281 11.46 34.69 -25.76
C PRO C 281 10.32 33.78 -25.35
N TYR C 282 9.67 34.16 -24.25
CA TYR C 282 8.57 33.38 -23.68
C TYR C 282 7.29 33.57 -24.47
N LEU C 283 6.57 32.46 -24.67
CA LEU C 283 5.31 32.47 -25.40
C LEU C 283 4.12 32.23 -24.47
N HIS C 284 3.83 31.00 -24.03
CA HIS C 284 2.80 30.79 -23.00
C HIS C 284 3.20 29.66 -22.04
N GLY C 285 2.29 29.37 -21.13
CA GLY C 285 2.40 28.22 -20.25
C GLY C 285 3.08 28.58 -18.93
N GLY C 286 4.11 27.81 -18.58
CA GLY C 286 4.94 28.14 -17.44
C GLY C 286 4.29 27.90 -16.09
N ILE C 287 4.56 26.75 -15.50
CA ILE C 287 4.13 26.44 -14.14
C ILE C 287 5.37 26.47 -13.25
N ALA C 288 5.28 27.22 -12.15
CA ALA C 288 6.35 27.32 -11.17
C ALA C 288 5.96 26.56 -9.91
N VAL C 289 6.92 25.83 -9.34
CA VAL C 289 6.71 25.07 -8.11
C VAL C 289 7.62 25.65 -7.03
N GLN C 290 7.06 25.92 -5.85
CA GLN C 290 7.88 26.44 -4.77
C GLN C 290 8.92 25.40 -4.36
N VAL C 291 10.16 25.85 -4.23
CA VAL C 291 11.25 25.00 -3.75
C VAL C 291 11.36 25.18 -2.24
N LYS C 292 11.38 24.06 -1.51
CA LYS C 292 11.50 24.10 -0.07
C LYS C 292 12.96 24.29 0.32
N THR C 293 13.22 25.29 1.15
CA THR C 293 14.57 25.66 1.54
C THR C 293 14.78 25.38 3.02
N PRO C 294 15.83 24.65 3.39
CA PRO C 294 16.03 24.34 4.82
C PRO C 294 16.42 25.56 5.63
N LYS C 295 15.96 25.57 6.88
CA LYS C 295 16.28 26.61 7.85
C LYS C 295 17.10 25.99 8.98
N THR C 296 18.35 26.44 9.13
CA THR C 296 19.25 25.92 10.14
C THR C 296 19.10 26.71 11.44
N VAL C 297 18.92 25.99 12.55
CA VAL C 297 18.89 26.59 13.87
C VAL C 297 19.96 25.92 14.72
N PHE C 298 20.72 26.73 15.45
CA PHE C 298 21.87 26.25 16.19
C PHE C 298 21.49 26.10 17.66
N PHE C 299 22.06 25.09 18.31
CA PHE C 299 21.80 24.79 19.70
C PHE C 299 23.11 24.76 20.49
N GLU C 300 22.98 24.94 21.81
CA GLU C 300 24.09 24.89 22.74
C GLU C 300 23.84 23.78 23.76
N SER C 301 24.94 23.25 24.31
CA SER C 301 24.82 22.13 25.23
C SER C 301 24.01 22.54 26.47
N LEU C 302 23.61 21.52 27.24
CA LEU C 302 22.89 21.78 28.48
C LEU C 302 23.74 22.59 29.44
N GLU C 303 25.02 22.23 29.57
CA GLU C 303 25.90 22.96 30.47
C GLU C 303 26.07 24.42 30.04
N ARG C 304 26.18 24.66 28.73
CA ARG C 304 26.34 26.03 28.25
C ARG C 304 25.06 26.85 28.42
N GLN C 305 23.89 26.20 28.31
CA GLN C 305 22.63 26.93 28.36
C GLN C 305 22.19 27.25 29.78
N LEU C 306 22.52 26.39 30.74
CA LEU C 306 22.20 26.70 32.14
C LEU C 306 22.81 28.05 32.54
N LYS C 307 24.05 28.31 32.12
CA LYS C 307 24.72 29.55 32.48
C LYS C 307 24.11 30.75 31.76
N HIS C 308 23.71 30.59 30.50
CA HIS C 308 23.09 31.65 29.72
C HIS C 308 21.87 31.08 28.99
N PRO C 309 20.74 30.97 29.68
CA PRO C 309 19.57 30.32 29.07
C PRO C 309 18.91 31.18 28.01
N LYS C 310 18.36 30.50 27.01
CA LYS C 310 17.57 31.12 25.94
C LYS C 310 16.16 30.53 25.99
N CYS C 311 15.22 31.26 26.59
CA CYS C 311 13.86 30.79 26.80
C CYS C 311 12.90 31.57 25.92
N LEU C 312 11.88 30.88 25.41
CA LEU C 312 10.77 31.59 24.78
C LEU C 312 9.86 32.13 25.87
N ILE C 313 9.22 33.26 25.57
CA ILE C 313 8.34 33.93 26.52
C ILE C 313 6.91 33.51 26.20
N VAL C 314 6.23 32.95 27.19
CA VAL C 314 4.86 32.48 27.02
C VAL C 314 3.88 33.64 27.19
N ASP C 315 4.06 34.43 28.25
CA ASP C 315 3.19 35.56 28.59
C ASP C 315 4.05 36.82 28.60
N PHE C 316 3.82 37.71 27.64
CA PHE C 316 4.65 38.90 27.51
C PHE C 316 4.40 39.92 28.62
N SER C 317 3.33 39.76 29.40
CA SER C 317 3.13 40.63 30.57
C SER C 317 4.29 40.49 31.54
N ASN C 318 4.78 39.27 31.74
CA ASN C 318 5.89 39.00 32.64
C ASN C 318 7.08 38.54 31.81
N PRO C 319 7.75 39.46 31.10
CA PRO C 319 8.79 39.02 30.14
C PRO C 319 10.00 38.37 30.79
N GLU C 320 10.37 38.79 31.99
CA GLU C 320 11.53 38.21 32.67
C GLU C 320 11.16 37.05 33.58
N ALA C 321 9.93 36.55 33.48
CA ALA C 321 9.48 35.47 34.36
C ALA C 321 10.18 34.16 34.06
N PRO C 322 10.39 33.79 32.78
CA PRO C 322 11.04 32.49 32.53
C PRO C 322 12.42 32.37 33.13
N LEU C 323 13.22 33.44 33.08
CA LEU C 323 14.55 33.39 33.65
C LEU C 323 14.49 33.20 35.16
N GLU C 324 13.54 33.85 35.83
CA GLU C 324 13.39 33.66 37.27
C GLU C 324 13.04 32.21 37.60
N ILE C 325 12.12 31.61 36.84
CA ILE C 325 11.78 30.20 37.04
C ILE C 325 13.01 29.34 36.80
N HIS C 326 13.80 29.67 35.79
CA HIS C 326 15.04 28.93 35.53
C HIS C 326 15.96 28.94 36.73
N THR C 327 16.05 30.09 37.41
CA THR C 327 16.87 30.21 38.61
C THR C 327 16.34 29.32 39.72
N ALA C 328 15.02 29.36 39.94
CA ALA C 328 14.42 28.56 41.00
C ALA C 328 14.53 27.06 40.69
N MET C 329 14.09 26.65 39.50
CA MET C 329 14.15 25.24 39.14
C MET C 329 15.57 24.70 39.28
N LEU C 330 16.56 25.51 38.88
CA LEU C 330 17.96 25.11 39.03
C LEU C 330 18.36 25.06 40.50
N ALA C 331 17.78 25.93 41.34
CA ALA C 331 18.05 25.85 42.78
C ALA C 331 17.51 24.56 43.35
N LEU C 332 16.28 24.18 42.98
CA LEU C 332 15.72 22.91 43.44
C LEU C 332 16.67 21.76 43.16
N ASP C 333 17.29 21.75 41.97
CA ASP C 333 18.21 20.67 41.64
C ASP C 333 19.43 20.68 42.55
N GLN C 334 19.93 21.88 42.90
CA GLN C 334 21.04 21.95 43.85
C GLN C 334 20.59 21.54 45.24
N PHE C 335 19.37 21.90 45.64
CA PHE C 335 18.85 21.52 46.95
C PHE C 335 18.75 20.00 47.07
N GLN C 336 18.32 19.32 46.00
CA GLN C 336 18.28 17.87 46.01
C GLN C 336 19.69 17.28 46.10
N GLU C 337 20.64 17.91 45.41
CA GLU C 337 22.02 17.43 45.43
C GLU C 337 22.65 17.61 46.81
N LYS C 338 22.41 18.75 47.45
CA LYS C 338 23.07 19.05 48.72
C LYS C 338 22.52 18.19 49.85
N TYR C 339 21.20 17.97 49.88
CA TYR C 339 20.54 17.31 51.00
C TYR C 339 19.82 16.04 50.61
N SER C 340 19.92 15.59 49.35
CA SER C 340 19.40 14.29 48.92
C SER C 340 17.91 14.15 49.18
N ARG C 341 17.15 15.25 49.05
CA ARG C 341 15.70 15.20 49.20
C ARG C 341 15.13 16.48 48.60
N LYS C 342 13.81 16.45 48.36
CA LYS C 342 13.12 17.66 47.92
C LYS C 342 12.69 18.49 49.12
N PRO C 343 12.52 19.80 48.94
CA PRO C 343 12.08 20.64 50.06
C PRO C 343 10.74 20.19 50.60
N ASN C 344 10.67 20.03 51.92
CA ASN C 344 9.41 19.68 52.57
C ASN C 344 8.48 20.89 52.60
N VAL C 345 7.17 20.60 52.54
CA VAL C 345 6.17 21.65 52.45
C VAL C 345 6.07 22.38 53.78
N GLY C 346 5.96 23.70 53.72
CA GLY C 346 5.75 24.50 54.91
C GLY C 346 6.91 24.57 55.87
N CYS C 347 8.08 24.09 55.49
CA CYS C 347 9.26 24.17 56.34
C CYS C 347 10.00 25.47 56.02
N GLN C 348 10.13 26.35 57.03
CA GLN C 348 10.77 27.64 56.79
C GLN C 348 12.24 27.45 56.43
N GLN C 349 12.92 26.53 57.11
CA GLN C 349 14.32 26.28 56.81
C GLN C 349 14.51 25.92 55.34
N ASP C 350 13.70 24.98 54.85
CA ASP C 350 13.83 24.55 53.46
C ASP C 350 13.51 25.69 52.50
N SER C 351 12.47 26.48 52.81
CA SER C 351 12.10 27.59 51.93
C SER C 351 13.18 28.67 51.94
N GLU C 352 13.82 28.90 53.09
CA GLU C 352 14.92 29.86 53.16
C GLU C 352 16.12 29.34 52.39
N GLU C 353 16.55 28.11 52.69
CA GLU C 353 17.75 27.57 52.05
C GLU C 353 17.63 27.61 50.53
N LEU C 354 16.44 27.30 50.02
CA LEU C 354 16.20 27.38 48.58
C LEU C 354 16.37 28.80 48.08
N LEU C 355 15.88 29.79 48.85
CA LEU C 355 16.04 31.18 48.44
C LEU C 355 17.50 31.60 48.45
N LYS C 356 18.27 31.11 49.43
CA LYS C 356 19.71 31.35 49.43
C LYS C 356 20.35 30.82 48.15
N LEU C 357 20.11 29.54 47.85
CA LEU C 357 20.65 28.94 46.62
C LEU C 357 20.21 29.74 45.40
N ALA C 358 18.91 30.04 45.30
CA ALA C 358 18.41 30.83 44.19
C ALA C 358 19.07 32.20 44.16
N THR C 359 19.37 32.76 45.33
CA THR C 359 20.12 34.01 45.38
C THR C 359 21.53 33.83 44.87
N SER C 360 22.19 32.74 45.29
CA SER C 360 23.54 32.47 44.81
C SER C 360 23.55 32.23 43.30
N ILE C 361 22.61 31.42 42.82
CA ILE C 361 22.54 31.15 41.39
C ILE C 361 22.32 32.44 40.61
N SER C 362 21.45 33.32 41.12
CA SER C 362 21.18 34.57 40.42
C SER C 362 22.45 35.36 40.18
N GLU C 363 23.43 35.23 41.07
CA GLU C 363 24.72 35.88 40.86
C GLU C 363 25.51 35.21 39.73
N THR C 364 25.48 33.86 39.69
CA THR C 364 26.24 33.15 38.67
C THR C 364 25.64 33.35 37.27
N LEU C 365 24.38 33.75 37.18
CA LEU C 365 23.73 33.94 35.88
C LEU C 365 24.31 35.15 35.16
N GLU C 366 24.13 35.17 33.84
CA GLU C 366 24.79 36.17 33.00
C GLU C 366 24.20 37.56 33.20
N GLU C 367 22.86 37.67 33.14
CA GLU C 367 22.18 38.96 33.14
C GLU C 367 21.88 39.48 34.54
N LYS C 368 22.25 38.71 35.57
CA LYS C 368 22.18 39.00 37.02
C LYS C 368 20.86 38.60 37.68
N PRO C 369 19.77 38.32 36.94
CA PRO C 369 18.41 38.68 37.39
C PRO C 369 18.13 38.85 38.88
N ASP C 370 17.04 39.53 39.21
CA ASP C 370 16.55 39.64 40.57
C ASP C 370 15.68 38.43 40.91
N VAL C 371 16.00 37.75 42.02
CA VAL C 371 15.23 36.58 42.42
C VAL C 371 13.80 37.00 42.74
N ASN C 372 12.84 36.13 42.44
CA ASN C 372 11.43 36.35 42.74
C ASN C 372 11.07 35.46 43.93
N ALA C 373 10.88 36.06 45.09
CA ALA C 373 10.63 35.29 46.31
C ALA C 373 9.33 34.50 46.21
N ASP C 374 8.29 35.09 45.61
CA ASP C 374 7.02 34.40 45.51
C ASP C 374 7.17 33.07 44.77
N ILE C 375 7.93 33.06 43.68
CA ILE C 375 8.11 31.85 42.90
C ILE C 375 8.81 30.78 43.74
N VAL C 376 9.93 31.14 44.37
CA VAL C 376 10.69 30.19 45.17
C VAL C 376 9.82 29.60 46.27
N HIS C 377 9.09 30.45 46.99
CA HIS C 377 8.25 29.96 48.08
C HIS C 377 7.25 28.92 47.57
N TRP C 378 6.57 29.22 46.47
CA TRP C 378 5.60 28.28 45.93
C TRP C 378 6.29 27.01 45.42
N LEU C 379 7.49 27.14 44.88
CA LEU C 379 8.23 25.96 44.44
C LEU C 379 8.56 25.05 45.62
N SER C 380 9.01 25.63 46.74
CA SER C 380 9.37 24.82 47.90
C SER C 380 8.16 24.08 48.46
N TRP C 381 6.97 24.68 48.38
CA TRP C 381 5.77 24.04 48.91
C TRP C 381 5.34 22.88 48.02
N THR C 382 5.25 23.11 46.72
CA THR C 382 4.70 22.14 45.79
C THR C 382 5.76 21.20 45.22
N ALA C 383 7.03 21.35 45.61
CA ALA C 383 8.09 20.59 44.97
C ALA C 383 7.83 19.10 45.03
N GLN C 384 7.22 18.63 46.10
CA GLN C 384 6.95 17.20 46.26
C GLN C 384 5.70 16.75 45.51
N GLY C 385 4.87 17.69 45.02
CA GLY C 385 3.65 17.35 44.33
C GLY C 385 3.80 17.29 42.81
N PHE C 386 2.75 16.78 42.16
CA PHE C 386 2.72 16.57 40.72
C PHE C 386 1.34 16.95 40.21
N LEU C 387 1.28 17.87 39.26
CA LEU C 387 0.02 18.40 38.74
C LEU C 387 -0.23 17.76 37.38
N SER C 388 -1.14 16.77 37.35
CA SER C 388 -1.32 15.98 36.14
C SER C 388 -1.71 16.81 34.92
N PRO C 389 -2.56 17.83 35.01
CA PRO C 389 -2.89 18.61 33.81
C PRO C 389 -1.71 19.37 33.24
N LEU C 390 -0.89 20.00 34.09
CA LEU C 390 0.33 20.62 33.60
C LEU C 390 1.23 19.59 32.94
N ALA C 391 1.27 18.37 33.49
CA ALA C 391 2.05 17.31 32.86
C ALA C 391 1.51 16.96 31.49
N ALA C 392 0.18 16.88 31.35
CA ALA C 392 -0.40 16.60 30.05
C ALA C 392 -0.06 17.68 29.05
N ALA C 393 -0.01 18.94 29.51
CA ALA C 393 0.32 20.05 28.62
C ALA C 393 1.78 19.99 28.20
N VAL C 394 2.68 19.84 29.17
CA VAL C 394 4.10 19.72 28.84
C VAL C 394 4.34 18.46 28.01
N GLY C 395 3.59 17.39 28.30
CA GLY C 395 3.74 16.17 27.53
C GLY C 395 3.43 16.36 26.06
N GLY C 396 2.34 17.04 25.75
CA GLY C 396 2.01 17.30 24.37
C GLY C 396 3.12 18.05 23.65
N VAL C 397 3.57 19.16 24.22
CA VAL C 397 4.59 19.97 23.57
C VAL C 397 5.85 19.14 23.37
N ALA C 398 6.35 18.55 24.46
CA ALA C 398 7.57 17.75 24.38
C ALA C 398 7.44 16.70 23.27
N SER C 399 6.30 16.01 23.20
CA SER C 399 6.11 14.99 22.18
C SER C 399 6.40 15.57 20.79
N GLN C 400 5.73 16.68 20.45
CA GLN C 400 5.86 17.25 19.12
C GLN C 400 7.31 17.56 18.79
N GLU C 401 8.10 17.97 19.79
CA GLU C 401 9.50 18.29 19.52
C GLU C 401 10.26 17.05 19.06
N VAL C 402 9.95 15.88 19.64
CA VAL C 402 10.57 14.63 19.19
C VAL C 402 10.29 14.40 17.71
N LEU C 403 9.02 14.52 17.30
CA LEU C 403 8.68 14.37 15.90
C LEU C 403 9.46 15.37 15.03
N LYS C 404 9.56 16.61 15.49
CA LYS C 404 10.34 17.61 14.75
C LYS C 404 11.77 17.17 14.57
N ALA C 405 12.31 16.40 15.51
CA ALA C 405 13.71 16.00 15.46
C ALA C 405 13.93 14.85 14.49
N VAL C 406 13.00 13.90 14.42
CA VAL C 406 13.17 12.77 13.52
C VAL C 406 12.70 13.10 12.10
N THR C 407 11.82 14.08 11.95
CA THR C 407 11.28 14.46 10.65
C THR C 407 11.81 15.78 10.12
N GLY C 408 12.00 16.77 11.00
CA GLY C 408 12.26 18.13 10.55
C GLY C 408 11.04 18.83 10.03
N LYS C 409 9.84 18.39 10.43
CA LYS C 409 8.60 18.91 9.85
C LYS C 409 8.28 20.32 10.29
N PHE C 410 8.81 20.79 11.42
CA PHE C 410 8.58 22.17 11.86
C PHE C 410 9.86 22.71 12.48
N SER C 411 9.89 24.02 12.64
CA SER C 411 11.01 24.65 13.34
C SER C 411 10.94 24.29 14.82
N PRO C 412 12.06 23.92 15.43
CA PRO C 412 12.01 23.36 16.79
C PRO C 412 11.94 24.43 17.86
N LEU C 413 11.78 23.97 19.10
CA LEU C 413 11.91 24.85 20.25
C LEU C 413 13.36 25.31 20.37
N CYS C 414 13.54 26.58 20.70
CA CYS C 414 14.89 27.11 20.92
C CYS C 414 15.21 26.98 22.41
N GLN C 415 15.82 25.85 22.76
CA GLN C 415 16.34 25.58 24.10
C GLN C 415 15.21 25.40 25.12
N TRP C 416 14.91 26.41 25.95
CA TRP C 416 14.07 26.22 27.12
C TRP C 416 12.60 26.61 26.90
N LEU C 417 11.73 26.05 27.76
CA LEU C 417 10.34 26.49 27.88
C LEU C 417 9.84 26.15 29.29
N TYR C 418 9.45 27.16 30.03
CA TYR C 418 8.92 26.99 31.37
C TYR C 418 7.46 27.36 31.38
N LEU C 419 6.62 26.42 31.81
CA LEU C 419 5.18 26.65 31.95
C LEU C 419 4.81 26.49 33.43
N GLU C 420 3.75 27.18 33.84
CA GLU C 420 3.41 27.25 35.25
C GLU C 420 1.91 27.27 35.46
N ALA C 421 1.52 26.92 36.68
CA ALA C 421 0.14 27.02 37.14
C ALA C 421 0.06 27.94 38.36
N ALA C 422 0.94 28.94 38.41
CA ALA C 422 0.97 29.85 39.55
C ALA C 422 -0.39 30.49 39.78
N ASP C 423 -1.14 30.75 38.71
CA ASP C 423 -2.45 31.38 38.85
C ASP C 423 -3.42 30.51 39.63
N ILE C 424 -3.12 29.22 39.80
CA ILE C 424 -4.00 28.33 40.55
C ILE C 424 -3.77 28.42 42.05
N VAL C 425 -2.58 28.85 42.49
CA VAL C 425 -2.28 28.93 43.91
C VAL C 425 -2.27 30.37 44.42
N GLU C 426 -1.91 31.35 43.59
CA GLU C 426 -1.81 32.72 44.05
C GLU C 426 -3.10 33.21 44.70
N SER C 427 -4.25 32.76 44.19
CA SER C 427 -5.53 33.21 44.71
C SER C 427 -5.89 32.59 46.05
N LEU C 428 -5.13 31.59 46.50
CA LEU C 428 -5.31 31.03 47.83
C LEU C 428 -4.65 31.86 48.92
N GLY C 429 -3.90 32.91 48.55
CA GLY C 429 -3.24 33.76 49.52
C GLY C 429 -2.09 33.08 50.23
N LYS C 430 -2.15 33.04 51.56
CA LYS C 430 -1.19 32.29 52.38
C LYS C 430 -1.95 31.23 53.15
N PRO C 431 -2.08 30.02 52.60
CA PRO C 431 -2.92 28.98 53.22
C PRO C 431 -2.14 28.14 54.22
N GLU C 432 -2.87 27.27 54.92
CA GLU C 432 -2.30 26.42 55.95
C GLU C 432 -1.53 25.26 55.33
N CYS C 433 -0.42 24.87 55.98
CA CYS C 433 0.38 23.75 55.50
C CYS C 433 -0.30 22.42 55.75
N GLU C 434 -1.16 22.33 56.78
CA GLU C 434 -1.84 21.08 57.06
C GLU C 434 -2.73 20.65 55.90
N GLU C 435 -3.25 21.60 55.11
CA GLU C 435 -4.10 21.25 53.99
C GLU C 435 -3.37 20.37 52.99
N PHE C 436 -2.10 20.66 52.74
CA PHE C 436 -1.34 20.03 51.67
C PHE C 436 -0.62 18.76 52.11
N LEU C 437 -0.96 18.23 53.29
CA LEU C 437 -0.30 17.03 53.78
C LEU C 437 -0.97 15.79 53.21
N PRO C 438 -0.21 14.72 52.96
CA PRO C 438 -0.79 13.53 52.32
C PRO C 438 -1.64 12.71 53.29
N ARG C 439 -2.81 12.29 52.80
CA ARG C 439 -3.73 11.45 53.56
C ARG C 439 -3.67 9.98 53.14
N GLY C 440 -2.76 9.62 52.24
CA GLY C 440 -2.59 8.25 51.80
C GLY C 440 -3.32 7.89 50.52
N ASP C 441 -4.25 8.71 50.06
CA ASP C 441 -5.11 8.36 48.94
C ASP C 441 -4.37 8.56 47.62
N ARG C 442 -5.11 8.45 46.51
CA ARG C 442 -4.50 8.64 45.20
C ARG C 442 -4.27 10.11 44.88
N TYR C 443 -5.10 11.00 45.43
CA TYR C 443 -5.05 12.42 45.10
C TYR C 443 -3.98 13.18 45.89
N ASP C 444 -3.11 12.47 46.62
CA ASP C 444 -2.10 13.15 47.43
C ASP C 444 -1.25 14.10 46.59
N ALA C 445 -0.90 13.67 45.36
CA ALA C 445 -0.07 14.50 44.50
C ALA C 445 -0.76 15.80 44.15
N LEU C 446 -2.06 15.73 43.81
CA LEU C 446 -2.82 16.94 43.55
C LEU C 446 -2.94 17.78 44.82
N ARG C 447 -3.25 17.14 45.95
CA ARG C 447 -3.39 17.89 47.19
C ARG C 447 -2.14 18.70 47.49
N ALA C 448 -0.96 18.11 47.28
CA ALA C 448 0.29 18.81 47.52
C ALA C 448 0.49 20.00 46.61
N CYS C 449 -0.32 20.12 45.55
CA CYS C 449 -0.27 21.26 44.64
C CYS C 449 -1.33 22.31 44.94
N ILE C 450 -2.55 21.91 45.34
CA ILE C 450 -3.65 22.88 45.44
C ILE C 450 -4.33 22.88 46.81
N GLY C 451 -3.95 21.94 47.67
CA GLY C 451 -4.55 21.88 49.00
C GLY C 451 -5.89 21.19 49.03
N ASP C 452 -6.23 20.57 50.18
CA ASP C 452 -7.41 19.72 50.22
C ASP C 452 -8.69 20.48 49.94
N THR C 453 -8.74 21.78 50.27
CA THR C 453 -9.95 22.56 50.02
C THR C 453 -10.35 22.49 48.56
N LEU C 454 -9.42 22.83 47.66
CA LEU C 454 -9.74 22.85 46.24
C LEU C 454 -9.92 21.44 45.69
N CYS C 455 -9.24 20.45 46.27
CA CYS C 455 -9.48 19.06 45.88
C CYS C 455 -10.92 18.66 46.16
N GLN C 456 -11.46 19.09 47.30
CA GLN C 456 -12.84 18.74 47.65
C GLN C 456 -13.84 19.42 46.71
N LYS C 457 -13.55 20.65 46.29
CA LYS C 457 -14.44 21.32 45.35
C LYS C 457 -14.49 20.57 44.02
N LEU C 458 -13.33 20.08 43.55
CA LEU C 458 -13.31 19.30 42.32
C LEU C 458 -14.11 18.01 42.47
N GLN C 459 -13.98 17.35 43.61
CA GLN C 459 -14.65 16.06 43.80
C GLN C 459 -16.17 16.19 43.74
N ASN C 460 -16.72 17.33 44.17
CA ASN C 460 -18.16 17.53 44.17
C ASN C 460 -18.68 18.19 42.90
N LEU C 461 -17.81 18.54 41.95
CA LEU C 461 -18.22 19.27 40.76
C LEU C 461 -19.29 18.52 39.98
N ASN C 462 -20.01 19.26 39.13
CA ASN C 462 -21.01 18.70 38.20
C ASN C 462 -20.73 19.30 36.83
N ILE C 463 -19.92 18.62 36.03
CA ILE C 463 -19.47 19.18 34.76
C ILE C 463 -20.32 18.62 33.63
N PHE C 464 -20.50 19.45 32.59
CA PHE C 464 -21.22 19.09 31.38
C PHE C 464 -20.24 19.19 30.22
N LEU C 465 -19.78 18.04 29.73
CA LEU C 465 -18.83 17.97 28.62
C LEU C 465 -19.61 17.78 27.32
N VAL C 466 -19.54 18.78 26.45
CA VAL C 466 -20.26 18.78 25.18
C VAL C 466 -19.28 18.32 24.11
N GLY C 467 -19.37 17.05 23.73
CA GLY C 467 -18.50 16.52 22.70
C GLY C 467 -17.47 15.55 23.24
N CYS C 468 -17.45 14.36 22.66
CA CYS C 468 -16.52 13.31 23.06
C CYS C 468 -15.59 12.99 21.90
N GLY C 469 -14.97 14.02 21.34
CA GLY C 469 -13.97 13.85 20.30
C GLY C 469 -12.60 13.62 20.92
N ALA C 470 -11.57 14.11 20.22
CA ALA C 470 -10.22 13.98 20.75
C ALA C 470 -10.03 14.85 21.99
N ILE C 471 -10.51 16.10 21.94
CA ILE C 471 -10.42 16.97 23.09
C ILE C 471 -11.24 16.41 24.25
N GLY C 472 -12.46 15.96 23.97
CA GLY C 472 -13.30 15.40 25.01
C GLY C 472 -12.67 14.19 25.69
N CYS C 473 -12.07 13.29 24.90
CA CYS C 473 -11.47 12.10 25.47
C CYS C 473 -10.30 12.45 26.39
N GLU C 474 -9.43 13.36 25.93
CA GLU C 474 -8.34 13.81 26.80
C GLU C 474 -8.89 14.47 28.05
N MET C 475 -9.91 15.33 27.89
CA MET C 475 -10.51 15.99 29.04
C MET C 475 -10.94 14.99 30.10
N LEU C 476 -11.55 13.88 29.67
CA LEU C 476 -12.04 12.88 30.61
C LEU C 476 -10.88 12.24 31.37
N LYS C 477 -9.76 11.98 30.70
CA LYS C 477 -8.58 11.47 31.41
C LYS C 477 -8.05 12.51 32.39
N ASN C 478 -8.06 13.78 32.00
CA ASN C 478 -7.61 14.83 32.89
C ASN C 478 -8.57 14.98 34.07
N PHE C 479 -9.88 14.86 33.82
CA PHE C 479 -10.85 14.86 34.91
C PHE C 479 -10.51 13.77 35.93
N ALA C 480 -10.26 12.55 35.44
CA ALA C 480 -10.12 11.40 36.31
C ALA C 480 -8.90 11.52 37.22
N LEU C 481 -7.76 11.95 36.68
CA LEU C 481 -6.58 12.15 37.51
C LEU C 481 -6.81 13.24 38.54
N LEU C 482 -7.55 14.30 38.15
CA LEU C 482 -7.91 15.37 39.05
C LEU C 482 -8.95 14.96 40.08
N GLY C 483 -9.68 13.88 39.83
CA GLY C 483 -10.73 13.46 40.74
C GLY C 483 -12.03 14.22 40.59
N VAL C 484 -12.29 14.75 39.39
CA VAL C 484 -13.51 15.52 39.17
C VAL C 484 -14.72 14.60 39.29
N GLY C 485 -15.71 15.03 40.06
CA GLY C 485 -16.95 14.28 40.20
C GLY C 485 -16.78 12.88 40.74
N THR C 486 -15.86 12.68 41.69
CA THR C 486 -15.66 11.37 42.30
C THR C 486 -16.43 11.18 43.60
N SER C 487 -16.94 12.26 44.19
CA SER C 487 -17.72 12.15 45.41
C SER C 487 -19.12 11.65 45.06
N LYS C 488 -19.54 10.55 45.69
CA LYS C 488 -20.82 9.94 45.33
C LYS C 488 -22.00 10.83 45.71
N GLU C 489 -21.87 11.61 46.78
CA GLU C 489 -23.02 12.38 47.27
C GLU C 489 -23.39 13.49 46.30
N LYS C 490 -22.40 14.17 45.71
CA LYS C 490 -22.66 15.37 44.91
C LYS C 490 -22.21 15.27 43.46
N GLY C 491 -21.02 14.73 43.20
CA GLY C 491 -20.40 14.89 41.88
C GLY C 491 -21.08 14.08 40.80
N MET C 492 -21.20 14.70 39.61
CA MET C 492 -21.73 14.01 38.43
C MET C 492 -21.20 14.69 37.17
N ILE C 493 -20.38 13.98 36.41
CA ILE C 493 -19.96 14.42 35.08
C ILE C 493 -21.00 13.96 34.07
N THR C 494 -21.43 14.86 33.21
CA THR C 494 -22.37 14.54 32.14
C THR C 494 -21.70 14.82 30.80
N VAL C 495 -21.50 13.77 30.01
CA VAL C 495 -20.85 13.86 28.71
C VAL C 495 -21.85 13.38 27.67
N THR C 496 -21.93 14.09 26.54
CA THR C 496 -22.83 13.73 25.46
C THR C 496 -22.19 13.98 24.11
N ASP C 497 -22.32 13.01 23.20
CA ASP C 497 -21.89 13.14 21.81
C ASP C 497 -22.80 12.22 21.00
N PRO C 498 -23.30 12.66 19.84
CA PRO C 498 -24.21 11.82 19.05
C PRO C 498 -23.53 10.93 18.01
N ASP C 499 -22.23 11.05 17.81
CA ASP C 499 -21.55 10.33 16.73
C ASP C 499 -21.00 9.00 17.22
N LEU C 500 -20.59 8.18 16.25
CA LEU C 500 -20.03 6.85 16.49
C LEU C 500 -18.56 6.82 16.08
N ILE C 501 -17.91 5.68 16.36
CA ILE C 501 -16.47 5.54 16.15
C ILE C 501 -16.21 5.04 14.74
N GLU C 502 -15.05 5.41 14.20
CA GLU C 502 -14.64 5.10 12.85
C GLU C 502 -13.34 4.30 12.87
N LYS C 503 -13.03 3.64 11.75
CA LYS C 503 -11.83 2.80 11.70
C LYS C 503 -10.58 3.64 11.90
N SER C 504 -10.51 4.82 11.26
CA SER C 504 -9.44 5.78 11.50
C SER C 504 -8.07 5.26 11.06
N ASN C 505 -7.56 4.21 11.70
CA ASN C 505 -6.26 3.62 11.35
C ASN C 505 -5.12 4.61 11.52
N LEU C 506 -5.21 5.80 10.91
CA LEU C 506 -4.28 6.90 11.18
C LEU C 506 -5.00 7.97 12.01
N ASN C 507 -4.19 8.77 12.72
CA ASN C 507 -4.68 9.70 13.74
C ASN C 507 -5.74 9.04 14.63
N ARG C 508 -5.33 7.90 15.21
CA ARG C 508 -6.21 7.10 16.06
C ARG C 508 -6.17 7.58 17.51
N GLN C 509 -7.31 7.52 18.18
CA GLN C 509 -7.45 8.06 19.53
C GLN C 509 -7.07 7.01 20.57
N PHE C 510 -6.71 7.49 21.77
CA PHE C 510 -6.16 6.61 22.80
C PHE C 510 -7.24 5.93 23.62
N LEU C 511 -8.42 6.54 23.76
CA LEU C 511 -9.50 5.86 24.45
C LEU C 511 -10.14 4.79 23.58
N PHE C 512 -10.25 5.06 22.28
CA PHE C 512 -10.93 4.17 21.35
C PHE C 512 -9.97 3.13 20.79
N ARG C 513 -10.53 1.96 20.44
CA ARG C 513 -9.75 0.82 19.96
C ARG C 513 -10.50 0.14 18.82
N PRO C 514 -9.91 -0.86 18.15
CA PRO C 514 -10.59 -1.43 16.97
C PRO C 514 -11.92 -2.10 17.29
N HIS C 515 -11.98 -2.94 18.32
CA HIS C 515 -13.22 -3.63 18.65
C HIS C 515 -14.34 -2.67 19.05
N HIS C 516 -14.02 -1.40 19.30
CA HIS C 516 -15.02 -0.38 19.59
C HIS C 516 -15.63 0.23 18.34
N ILE C 517 -15.10 -0.08 17.15
CA ILE C 517 -15.57 0.57 15.94
C ILE C 517 -17.09 0.45 15.83
N GLN C 518 -17.73 1.53 15.39
CA GLN C 518 -19.18 1.62 15.18
C GLN C 518 -19.96 1.51 16.49
N LYS C 519 -19.33 1.83 17.62
CA LYS C 519 -20.00 1.88 18.91
C LYS C 519 -19.97 3.33 19.41
N PRO C 520 -20.96 3.74 20.20
CA PRO C 520 -21.06 5.16 20.55
C PRO C 520 -19.79 5.69 21.20
N LYS C 521 -19.44 6.94 20.88
CA LYS C 521 -18.24 7.55 21.44
C LYS C 521 -18.39 7.77 22.95
N SER C 522 -19.45 8.46 23.37
CA SER C 522 -19.58 8.83 24.77
C SER C 522 -19.63 7.59 25.67
N TYR C 523 -20.51 6.65 25.34
CA TYR C 523 -20.62 5.43 26.15
C TYR C 523 -19.25 4.78 26.32
N THR C 524 -18.51 4.60 25.22
CA THR C 524 -17.23 3.90 25.26
C THR C 524 -16.23 4.65 26.14
N ALA C 525 -16.12 5.96 25.94
CA ALA C 525 -15.20 6.74 26.77
C ALA C 525 -15.55 6.61 28.24
N ALA C 526 -16.83 6.82 28.58
CA ALA C 526 -17.26 6.73 29.97
C ALA C 526 -16.82 5.41 30.59
N ASP C 527 -17.06 4.30 29.89
CA ASP C 527 -16.66 3.01 30.39
C ASP C 527 -15.14 2.90 30.49
N ALA C 528 -14.42 3.48 29.52
CA ALA C 528 -12.96 3.45 29.57
C ALA C 528 -12.44 4.36 30.69
N THR C 529 -13.11 5.48 30.94
CA THR C 529 -12.64 6.42 31.96
C THR C 529 -12.69 5.78 33.35
N LEU C 530 -13.77 5.05 33.66
CA LEU C 530 -13.89 4.44 34.97
C LEU C 530 -12.69 3.53 35.26
N LYS C 531 -12.12 2.92 34.23
CA LYS C 531 -10.92 2.11 34.44
C LYS C 531 -9.75 2.97 34.90
N ILE C 532 -9.76 4.26 34.55
CA ILE C 532 -8.73 5.16 35.06
C ILE C 532 -8.98 5.50 36.52
N ASN C 533 -10.20 5.93 36.84
CA ASN C 533 -10.58 6.24 38.22
C ASN C 533 -11.95 5.63 38.50
N SER C 534 -11.96 4.58 39.34
CA SER C 534 -13.19 3.86 39.63
C SER C 534 -14.24 4.77 40.26
N GLN C 535 -13.83 5.65 41.17
CA GLN C 535 -14.77 6.45 41.93
C GLN C 535 -15.50 7.49 41.09
N ILE C 536 -15.10 7.71 39.84
CA ILE C 536 -15.67 8.76 39.02
C ILE C 536 -17.10 8.40 38.60
N LYS C 537 -17.97 9.41 38.55
CA LYS C 537 -19.38 9.26 38.20
C LYS C 537 -19.65 9.97 36.88
N ILE C 538 -20.06 9.23 35.85
CA ILE C 538 -20.28 9.79 34.52
C ILE C 538 -21.64 9.36 34.00
N ASP C 539 -22.40 10.32 33.49
CA ASP C 539 -23.71 10.06 32.87
C ASP C 539 -23.52 10.26 31.37
N ALA C 540 -23.42 9.15 30.64
CA ALA C 540 -23.19 9.20 29.19
C ALA C 540 -24.51 9.32 28.45
N HIS C 541 -24.56 10.24 27.49
CA HIS C 541 -25.74 10.46 26.68
C HIS C 541 -25.36 10.52 25.21
N LEU C 542 -26.31 10.19 24.36
CA LEU C 542 -26.12 10.19 22.91
C LEU C 542 -26.81 11.37 22.25
N ASN C 543 -27.29 12.34 23.03
CA ASN C 543 -28.08 13.44 22.50
C ASN C 543 -27.17 14.57 22.05
N LYS C 544 -27.46 15.14 20.89
CA LYS C 544 -26.75 16.31 20.40
C LYS C 544 -27.30 17.56 21.09
N VAL C 545 -26.41 18.49 21.41
CA VAL C 545 -26.80 19.74 22.07
C VAL C 545 -27.21 20.71 20.97
N CYS C 546 -28.52 20.91 20.83
CA CYS C 546 -29.07 21.81 19.82
C CYS C 546 -30.47 22.22 20.28
N PRO C 547 -31.20 23.02 19.50
CA PRO C 547 -32.54 23.43 19.95
C PRO C 547 -33.50 22.27 20.18
N THR C 548 -33.42 21.20 19.40
CA THR C 548 -34.38 20.11 19.53
C THR C 548 -34.28 19.43 20.90
N THR C 549 -33.09 19.43 21.50
CA THR C 549 -32.87 18.77 22.78
C THR C 549 -32.93 19.74 23.96
N GLU C 550 -33.26 21.01 23.72
CA GLU C 550 -33.28 21.99 24.80
C GLU C 550 -34.21 21.56 25.93
N THR C 551 -35.23 20.77 25.61
CA THR C 551 -36.05 20.16 26.67
C THR C 551 -35.22 19.18 27.49
N ILE C 552 -34.40 18.37 26.81
CA ILE C 552 -33.57 17.38 27.50
C ILE C 552 -32.55 18.08 28.41
N TYR C 553 -31.90 19.11 27.89
CA TYR C 553 -30.96 19.93 28.66
C TYR C 553 -31.62 21.25 29.01
N ASN C 554 -32.56 21.18 29.95
CA ASN C 554 -33.41 22.30 30.33
C ASN C 554 -32.66 23.28 31.23
N ASP C 555 -33.28 24.45 31.45
CA ASP C 555 -32.65 25.46 32.30
C ASP C 555 -32.28 24.89 33.66
N GLU C 556 -33.07 23.95 34.18
CA GLU C 556 -32.70 23.29 35.42
C GLU C 556 -31.35 22.62 35.30
N PHE C 557 -31.15 21.87 34.20
CA PHE C 557 -29.91 21.14 34.01
C PHE C 557 -28.71 22.08 34.03
N TYR C 558 -28.76 23.14 33.21
CA TYR C 558 -27.63 24.06 33.13
C TYR C 558 -27.36 24.72 34.47
N THR C 559 -28.43 25.03 35.24
CA THR C 559 -28.23 25.64 36.54
C THR C 559 -27.64 24.66 37.55
N LYS C 560 -27.97 23.37 37.44
CA LYS C 560 -27.36 22.38 38.33
C LYS C 560 -25.90 22.13 37.99
N GLN C 561 -25.54 22.26 36.73
CA GLN C 561 -24.15 22.06 36.33
C GLN C 561 -23.31 23.24 36.81
N ASP C 562 -22.18 22.94 37.44
CA ASP C 562 -21.31 23.96 37.99
C ASP C 562 -20.39 24.57 36.93
N VAL C 563 -20.00 23.79 35.92
CA VAL C 563 -19.19 24.30 34.82
C VAL C 563 -19.57 23.54 33.55
N ILE C 564 -19.44 24.21 32.41
CA ILE C 564 -19.69 23.63 31.09
C ILE C 564 -18.41 23.71 30.27
N ILE C 565 -18.08 22.62 29.58
CA ILE C 565 -16.86 22.54 28.77
C ILE C 565 -17.24 22.00 27.38
N THR C 566 -16.71 22.63 26.34
CA THR C 566 -17.09 22.31 24.96
C THR C 566 -15.91 21.69 24.21
N ALA C 567 -16.19 20.60 23.50
CA ALA C 567 -15.21 19.91 22.65
C ALA C 567 -15.82 19.71 21.26
N LEU C 568 -16.14 20.82 20.62
CA LEU C 568 -16.89 20.83 19.38
C LEU C 568 -15.97 21.10 18.19
N ASP C 569 -16.52 20.91 16.98
CA ASP C 569 -15.78 21.16 15.75
C ASP C 569 -16.47 22.17 14.83
N ASN C 570 -17.62 22.71 15.22
CA ASN C 570 -18.34 23.69 14.42
C ASN C 570 -18.76 24.87 15.29
N VAL C 571 -18.72 26.07 14.71
CA VAL C 571 -18.96 27.28 15.50
C VAL C 571 -20.43 27.40 15.91
N GLU C 572 -21.36 26.90 15.09
CA GLU C 572 -22.77 27.05 15.40
C GLU C 572 -23.10 26.43 16.75
N ALA C 573 -22.61 25.21 16.99
CA ALA C 573 -22.86 24.56 18.28
C ALA C 573 -22.21 25.32 19.41
N ARG C 574 -21.02 25.91 19.17
CA ARG C 574 -20.38 26.73 20.20
C ARG C 574 -21.27 27.90 20.59
N ARG C 575 -21.91 28.54 19.61
CA ARG C 575 -22.76 29.68 19.90
C ARG C 575 -24.01 29.25 20.64
N TYR C 576 -24.58 28.09 20.29
CA TYR C 576 -25.77 27.61 20.98
C TYR C 576 -25.48 27.29 22.45
N VAL C 577 -24.31 26.71 22.73
CA VAL C 577 -23.96 26.40 24.11
C VAL C 577 -23.62 27.68 24.87
N ASP C 578 -22.90 28.60 24.23
CA ASP C 578 -22.58 29.87 24.88
C ASP C 578 -23.85 30.62 25.25
N SER C 579 -24.83 30.65 24.35
CA SER C 579 -26.09 31.33 24.64
C SER C 579 -26.83 30.66 25.78
N ARG C 580 -26.89 29.33 25.78
CA ARG C 580 -27.56 28.62 26.87
C ARG C 580 -26.92 28.93 28.21
N CYS C 581 -25.59 29.00 28.26
CA CYS C 581 -24.90 29.26 29.52
C CYS C 581 -25.12 30.69 30.01
N LEU C 582 -25.31 31.64 29.09
CA LEU C 582 -25.57 33.02 29.48
C LEU C 582 -26.92 33.15 30.18
N ALA C 583 -27.93 32.40 29.72
CA ALA C 583 -29.26 32.49 30.31
C ALA C 583 -29.27 31.98 31.75
N ASN C 584 -28.56 30.89 32.00
CA ASN C 584 -28.51 30.28 33.32
C ASN C 584 -27.33 30.76 34.15
N LEU C 585 -26.53 31.69 33.63
CA LEU C 585 -25.46 32.35 34.37
C LEU C 585 -24.47 31.33 34.92
N ARG C 586 -23.91 30.54 34.01
CA ARG C 586 -22.92 29.52 34.33
C ARG C 586 -21.71 29.69 33.41
N PRO C 587 -20.54 29.22 33.84
CA PRO C 587 -19.33 29.41 33.03
C PRO C 587 -19.21 28.40 31.89
N LEU C 588 -18.33 28.73 30.94
CA LEU C 588 -18.11 27.92 29.73
C LEU C 588 -16.63 27.90 29.38
N LEU C 589 -16.10 26.71 29.09
CA LEU C 589 -14.71 26.51 28.71
C LEU C 589 -14.63 25.90 27.31
N ASP C 590 -14.21 26.69 26.33
CA ASP C 590 -14.13 26.27 24.94
C ASP C 590 -12.69 25.95 24.56
N SER C 591 -12.54 25.06 23.57
CA SER C 591 -11.22 24.73 23.04
C SER C 591 -11.36 24.23 21.61
N GLY C 592 -10.30 24.41 20.84
CA GLY C 592 -10.29 23.97 19.45
C GLY C 592 -8.91 23.47 19.06
N THR C 593 -8.89 22.56 18.09
CA THR C 593 -7.66 21.98 17.57
C THR C 593 -7.70 21.99 16.05
N MET C 594 -6.70 22.63 15.43
CA MET C 594 -6.57 22.72 13.98
C MET C 594 -5.12 22.36 13.65
N GLY C 595 -4.81 21.07 13.66
CA GLY C 595 -3.45 20.61 13.43
C GLY C 595 -2.51 20.97 14.55
N THR C 596 -1.42 21.69 14.24
CA THR C 596 -0.52 22.18 15.28
C THR C 596 -1.18 23.29 16.10
N LYS C 597 -2.08 24.06 15.51
CA LYS C 597 -2.71 25.18 16.20
C LYS C 597 -3.82 24.70 17.13
N GLY C 598 -3.93 25.37 18.29
CA GLY C 598 -5.02 25.14 19.21
C GLY C 598 -5.39 26.44 19.88
N HIS C 599 -6.53 26.44 20.57
CA HIS C 599 -6.97 27.64 21.26
C HIS C 599 -7.82 27.27 22.47
N THR C 600 -7.78 28.14 23.49
CA THR C 600 -8.58 28.00 24.69
C THR C 600 -9.23 29.35 24.99
N GLU C 601 -10.53 29.33 25.29
CA GLU C 601 -11.29 30.52 25.65
C GLU C 601 -12.09 30.22 26.91
N VAL C 602 -11.85 30.98 27.98
CA VAL C 602 -12.54 30.81 29.25
C VAL C 602 -13.54 31.95 29.42
N ILE C 603 -14.79 31.60 29.72
CA ILE C 603 -15.91 32.54 29.82
C ILE C 603 -16.57 32.35 31.17
N VAL C 604 -16.47 33.35 32.04
CA VAL C 604 -16.98 33.26 33.41
C VAL C 604 -18.16 34.22 33.54
N PRO C 605 -19.16 33.92 34.39
CA PRO C 605 -20.30 34.84 34.51
C PRO C 605 -19.90 36.16 35.16
N HIS C 606 -20.26 37.25 34.50
CA HIS C 606 -20.14 38.62 35.00
C HIS C 606 -18.69 39.09 35.10
N LEU C 607 -17.73 38.27 34.69
CA LEU C 607 -16.33 38.65 34.72
C LEU C 607 -15.72 38.79 33.33
N THR C 608 -16.34 38.19 32.31
CA THR C 608 -15.79 38.16 30.96
C THR C 608 -16.90 38.44 29.95
N GLU C 609 -16.52 38.51 28.68
CA GLU C 609 -17.46 38.53 27.58
C GLU C 609 -17.75 37.10 27.13
N SER C 610 -18.72 36.97 26.22
CA SER C 610 -19.16 35.67 25.74
C SER C 610 -18.52 35.36 24.38
N TYR C 611 -18.74 34.12 23.93
CA TYR C 611 -18.23 33.70 22.63
C TYR C 611 -18.97 34.38 21.50
N ASN C 612 -20.28 34.62 21.66
CA ASN C 612 -21.05 35.27 20.62
C ASN C 612 -20.59 36.70 20.39
N SER C 613 -20.10 37.35 21.46
CA SER C 613 -19.60 38.72 21.35
C SER C 613 -18.37 38.80 20.45
N HIS C 614 -17.60 37.72 20.37
CA HIS C 614 -16.24 37.77 19.85
C HIS C 614 -16.15 37.66 18.33
N ARG C 615 -17.28 37.34 17.68
CA ARG C 615 -17.36 36.35 16.61
C ARG C 615 -17.10 36.94 15.23
N ASP C 616 -16.51 36.12 14.37
CA ASP C 616 -16.20 36.50 12.99
C ASP C 616 -15.52 35.35 12.28
N PRO C 617 -16.24 34.50 11.56
CA PRO C 617 -15.60 33.36 10.90
C PRO C 617 -14.52 33.82 9.94
N PRO C 618 -13.36 33.17 9.93
CA PRO C 618 -12.35 33.51 8.91
C PRO C 618 -12.88 33.20 7.52
N GLU C 619 -12.61 34.11 6.59
CA GLU C 619 -13.13 33.99 5.23
C GLU C 619 -11.98 33.87 4.25
N GLU C 620 -11.91 32.74 3.58
CA GLU C 620 -11.06 32.53 2.41
C GLU C 620 -12.00 32.49 1.22
N GLU C 621 -12.01 33.53 0.36
CA GLU C 621 -12.98 33.44 -0.73
C GLU C 621 -12.33 32.78 -1.94
N ILE C 622 -12.97 31.75 -2.48
CA ILE C 622 -12.50 31.18 -3.75
C ILE C 622 -12.79 32.20 -4.86
N PRO C 623 -11.77 32.58 -5.66
CA PRO C 623 -11.97 33.65 -6.64
C PRO C 623 -13.32 33.63 -7.35
N ILE C 624 -14.10 34.70 -7.22
CA ILE C 624 -15.33 34.78 -7.98
C ILE C 624 -14.99 34.66 -9.46
N ALA C 625 -15.77 33.85 -10.18
CA ALA C 625 -15.59 33.56 -11.59
C ALA C 625 -14.85 32.24 -11.77
N THR C 626 -13.89 31.96 -10.89
CA THR C 626 -13.27 30.64 -10.88
C THR C 626 -14.26 29.59 -10.39
N LEU C 627 -15.11 29.97 -9.43
CA LEU C 627 -16.15 29.07 -8.97
C LEU C 627 -17.29 28.98 -9.98
N LYS C 628 -17.64 30.11 -10.61
CA LYS C 628 -18.82 30.16 -11.48
C LYS C 628 -18.57 29.43 -12.81
N ASN C 629 -17.36 29.55 -13.38
CA ASN C 629 -17.12 29.01 -14.71
C ASN C 629 -15.88 28.12 -14.84
N PHE C 630 -14.98 28.09 -13.87
CA PHE C 630 -13.75 27.30 -13.98
C PHE C 630 -13.47 26.55 -12.69
N PRO C 631 -14.20 25.47 -12.42
CA PRO C 631 -13.85 24.61 -11.29
C PRO C 631 -12.80 23.59 -11.68
N ASN C 632 -11.84 23.41 -10.77
CA ASN C 632 -10.73 22.49 -10.96
C ASN C 632 -10.74 21.33 -9.98
N ALA C 633 -11.50 21.42 -8.89
CA ALA C 633 -11.42 20.44 -7.82
C ALA C 633 -12.80 20.25 -7.20
N ILE C 634 -12.96 19.12 -6.51
CA ILE C 634 -14.22 18.83 -5.81
C ILE C 634 -14.54 19.90 -4.79
N GLU C 635 -13.52 20.62 -4.30
CA GLU C 635 -13.78 21.74 -3.40
C GLU C 635 -14.55 22.85 -4.11
N HIS C 636 -14.33 23.02 -5.42
CA HIS C 636 -15.04 24.06 -6.15
C HIS C 636 -16.52 23.71 -6.31
N THR C 637 -16.83 22.45 -6.68
CA THR C 637 -18.22 22.08 -6.92
C THR C 637 -19.00 22.02 -5.61
N LEU C 638 -18.39 21.50 -4.54
CA LEU C 638 -19.07 21.45 -3.26
C LEU C 638 -19.45 22.84 -2.77
N GLN C 639 -18.53 23.81 -2.89
CA GLN C 639 -18.82 25.16 -2.44
C GLN C 639 -19.85 25.82 -3.35
N TRP C 640 -19.80 25.52 -4.66
CA TRP C 640 -20.76 26.09 -5.60
C TRP C 640 -22.18 25.60 -5.30
N ALA C 641 -22.30 24.34 -4.86
CA ALA C 641 -23.61 23.79 -4.53
C ALA C 641 -24.20 24.49 -3.30
N ARG C 642 -23.38 24.76 -2.29
CA ARG C 642 -23.85 25.50 -1.13
C ARG C 642 -24.22 26.93 -1.50
N ASP C 643 -23.44 27.54 -2.39
CA ASP C 643 -23.82 28.84 -2.93
C ASP C 643 -25.15 28.76 -3.67
N GLU C 644 -25.40 27.63 -4.35
CA GLU C 644 -26.66 27.45 -5.05
C GLU C 644 -27.82 27.21 -4.07
N PHE C 645 -27.58 26.38 -3.05
CA PHE C 645 -28.64 26.02 -2.11
C PHE C 645 -29.26 27.28 -1.49
N GLU C 646 -28.43 28.19 -1.02
CA GLU C 646 -28.95 29.42 -0.44
C GLU C 646 -29.60 30.31 -1.52
N GLY C 647 -29.07 30.27 -2.75
CA GLY C 647 -29.63 31.04 -3.85
C GLY C 647 -30.91 30.47 -4.43
N LEU C 648 -31.34 29.29 -3.99
CA LEU C 648 -32.55 28.65 -4.49
C LEU C 648 -33.61 28.45 -3.41
N PHE C 649 -33.23 27.86 -2.28
CA PHE C 649 -34.19 27.40 -1.28
C PHE C 649 -34.26 28.31 -0.06
N LYS C 650 -33.42 29.35 0.02
CA LYS C 650 -33.44 30.26 1.17
C LYS C 650 -33.64 31.70 0.71
N GLN C 651 -32.71 32.26 -0.06
CA GLN C 651 -32.77 33.68 -0.39
C GLN C 651 -34.02 34.07 -1.16
N PRO C 652 -34.47 33.33 -2.18
CA PRO C 652 -35.72 33.73 -2.84
C PRO C 652 -36.88 33.82 -1.87
N ALA C 653 -37.01 32.85 -0.97
CA ALA C 653 -38.13 32.84 -0.03
C ALA C 653 -38.11 34.07 0.87
N GLU C 654 -36.93 34.47 1.36
CA GLU C 654 -36.86 35.65 2.21
C GLU C 654 -37.17 36.92 1.43
N ASN C 655 -36.73 37.00 0.17
CA ASN C 655 -37.00 38.20 -0.63
C ASN C 655 -38.50 38.39 -0.85
N VAL C 656 -39.22 37.29 -1.11
CA VAL C 656 -40.65 37.40 -1.35
C VAL C 656 -41.40 37.69 -0.05
N ASN C 657 -41.00 37.04 1.05
CA ASN C 657 -41.64 37.34 2.33
C ASN C 657 -41.38 38.77 2.76
N GLN C 658 -40.23 39.34 2.36
CA GLN C 658 -39.94 40.73 2.67
C GLN C 658 -40.76 41.69 1.81
N TYR C 659 -41.04 41.30 0.56
CA TYR C 659 -41.88 42.13 -0.30
C TYR C 659 -43.30 42.24 0.26
N LEU C 660 -43.84 41.12 0.75
CA LEU C 660 -45.21 41.11 1.24
C LEU C 660 -45.34 41.84 2.57
N THR C 661 -44.30 41.81 3.40
CA THR C 661 -44.37 42.43 4.72
C THR C 661 -44.13 43.94 4.66
N ASP C 662 -43.07 44.37 3.96
CA ASP C 662 -42.66 45.77 3.97
C ASP C 662 -43.25 46.52 2.78
N PRO C 663 -44.08 47.55 2.99
CA PRO C 663 -44.53 48.37 1.86
C PRO C 663 -43.44 49.23 1.26
N LYS C 664 -42.38 49.51 2.01
CA LYS C 664 -41.24 50.29 1.53
C LYS C 664 -40.18 49.42 0.88
N PHE C 665 -40.36 48.09 0.90
CA PHE C 665 -39.43 47.20 0.23
C PHE C 665 -39.14 47.68 -1.19
N VAL C 666 -40.17 48.18 -1.88
CA VAL C 666 -40.01 48.61 -3.26
C VAL C 666 -39.03 49.76 -3.36
N GLU C 667 -39.07 50.69 -2.41
CA GLU C 667 -38.11 51.80 -2.42
C GLU C 667 -36.72 51.34 -2.05
N ARG C 668 -36.61 50.50 -1.02
CA ARG C 668 -35.30 50.05 -0.55
C ARG C 668 -34.53 49.36 -1.67
N THR C 669 -35.20 48.50 -2.45
CA THR C 669 -34.53 47.77 -3.51
C THR C 669 -34.17 48.68 -4.67
N LEU C 670 -35.04 49.63 -5.02
CA LEU C 670 -34.69 50.60 -6.06
C LEU C 670 -33.40 51.34 -5.70
N ARG C 671 -33.27 51.74 -4.44
CA ARG C 671 -32.10 52.49 -4.00
C ARG C 671 -30.85 51.62 -4.06
N LEU C 672 -30.96 50.36 -3.69
CA LEU C 672 -29.78 49.51 -3.55
C LEU C 672 -29.14 49.20 -4.90
N ALA C 673 -27.82 49.32 -4.95
CA ALA C 673 -26.99 48.76 -6.02
C ALA C 673 -27.60 48.91 -7.40
N GLY C 674 -27.56 50.14 -7.95
CA GLY C 674 -28.06 50.38 -9.28
C GLY C 674 -27.56 49.37 -10.30
N THR C 675 -28.35 49.10 -11.33
CA THR C 675 -28.08 48.15 -12.39
C THR C 675 -28.29 46.71 -11.93
N GLN C 676 -28.46 46.47 -10.63
CA GLN C 676 -28.93 45.17 -10.17
C GLN C 676 -30.17 45.25 -9.27
N PRO C 677 -30.96 46.33 -9.28
CA PRO C 677 -32.33 46.20 -8.75
C PRO C 677 -33.20 45.40 -9.69
N LEU C 678 -32.95 45.52 -11.00
CA LEU C 678 -33.68 44.74 -12.00
C LEU C 678 -33.56 43.25 -11.74
N GLU C 679 -32.36 42.78 -11.35
CA GLU C 679 -32.15 41.36 -11.13
C GLU C 679 -32.98 40.84 -9.97
N VAL C 680 -32.99 41.57 -8.85
CA VAL C 680 -33.78 41.18 -7.70
C VAL C 680 -35.27 41.24 -8.03
N LEU C 681 -35.70 42.32 -8.69
CA LEU C 681 -37.12 42.49 -9.00
C LEU C 681 -37.63 41.35 -9.87
N GLU C 682 -36.89 41.00 -10.92
CA GLU C 682 -37.31 39.91 -11.79
C GLU C 682 -37.27 38.57 -11.08
N ALA C 683 -36.32 38.39 -10.15
CA ALA C 683 -36.28 37.17 -9.37
C ALA C 683 -37.49 37.06 -8.44
N VAL C 684 -37.99 38.20 -7.94
CA VAL C 684 -39.19 38.19 -7.11
C VAL C 684 -40.42 37.88 -7.95
N GLN C 685 -40.57 38.58 -9.09
CA GLN C 685 -41.71 38.33 -9.95
C GLN C 685 -41.71 36.90 -10.48
N ARG C 686 -40.52 36.33 -10.68
CA ARG C 686 -40.41 34.92 -11.04
C ARG C 686 -41.05 34.03 -9.97
N SER C 687 -40.59 34.13 -8.73
CA SER C 687 -41.08 33.25 -7.66
C SER C 687 -42.54 33.51 -7.34
N LEU C 688 -43.00 34.76 -7.51
CA LEU C 688 -44.39 35.08 -7.19
C LEU C 688 -45.35 34.49 -8.22
N VAL C 689 -45.02 34.63 -9.51
CA VAL C 689 -45.95 34.30 -10.57
C VAL C 689 -45.40 33.18 -11.44
N LEU C 690 -44.38 33.48 -12.25
CA LEU C 690 -43.98 32.59 -13.34
C LEU C 690 -43.71 31.17 -12.87
N GLN C 691 -42.94 31.02 -11.78
CA GLN C 691 -42.47 29.71 -11.35
C GLN C 691 -43.20 29.20 -10.11
N ARG C 692 -44.27 29.84 -9.70
CA ARG C 692 -45.02 29.37 -8.54
C ARG C 692 -45.64 28.01 -8.82
N PRO C 693 -45.36 27.00 -8.00
CA PRO C 693 -45.98 25.69 -8.20
C PRO C 693 -47.24 25.52 -7.37
N GLN C 694 -48.31 25.04 -7.98
CA GLN C 694 -49.52 24.70 -7.25
C GLN C 694 -49.59 23.22 -6.92
N THR C 695 -48.66 22.42 -7.43
CA THR C 695 -48.69 20.98 -7.27
C THR C 695 -47.26 20.45 -7.15
N TRP C 696 -47.12 19.27 -6.54
CA TRP C 696 -45.79 18.68 -6.43
C TRP C 696 -45.22 18.35 -7.79
N ALA C 697 -46.08 18.05 -8.77
CA ALA C 697 -45.61 17.80 -10.12
C ALA C 697 -44.99 19.05 -10.72
N ASP C 698 -45.52 20.23 -10.40
CA ASP C 698 -44.90 21.46 -10.84
C ASP C 698 -43.52 21.64 -10.21
N CYS C 699 -43.36 21.21 -8.95
CA CYS C 699 -42.04 21.23 -8.32
C CYS C 699 -41.08 20.28 -9.02
N VAL C 700 -41.58 19.11 -9.43
CA VAL C 700 -40.74 18.15 -10.10
C VAL C 700 -40.32 18.67 -11.47
N THR C 701 -41.25 19.29 -12.20
CA THR C 701 -40.89 19.84 -13.51
C THR C 701 -39.86 20.95 -13.36
N TRP C 702 -39.98 21.77 -12.30
CA TRP C 702 -39.03 22.84 -12.07
C TRP C 702 -37.63 22.28 -11.81
N ALA C 703 -37.55 21.13 -11.14
CA ALA C 703 -36.25 20.51 -10.87
C ALA C 703 -35.64 19.96 -12.15
N CYS C 704 -36.44 19.36 -13.02
CA CYS C 704 -35.92 18.86 -14.29
C CYS C 704 -35.51 19.99 -15.21
N HIS C 705 -36.29 21.08 -15.25
CA HIS C 705 -35.94 22.22 -16.08
C HIS C 705 -34.69 22.91 -15.53
N HIS C 706 -34.55 22.97 -14.21
CA HIS C 706 -33.37 23.59 -13.62
C HIS C 706 -32.12 22.74 -13.84
N TRP C 707 -32.25 21.42 -13.73
CA TRP C 707 -31.11 20.55 -14.01
C TRP C 707 -30.60 20.75 -15.43
N HIS C 708 -31.51 20.98 -16.38
CA HIS C 708 -31.09 21.15 -17.76
C HIS C 708 -30.39 22.48 -17.97
N THR C 709 -30.74 23.52 -17.20
CA THR C 709 -30.11 24.82 -17.41
C THR C 709 -28.72 24.90 -16.79
N GLN C 710 -28.51 24.29 -15.62
CA GLN C 710 -27.23 24.40 -14.93
C GLN C 710 -26.17 23.46 -15.50
N TYR C 711 -26.57 22.29 -15.98
CA TYR C 711 -25.64 21.23 -16.36
C TYR C 711 -25.64 20.96 -17.85
N SER C 712 -26.41 21.69 -18.65
CA SER C 712 -26.36 21.53 -20.09
C SER C 712 -26.43 22.88 -20.81
N ASN C 713 -27.50 23.64 -20.61
CA ASN C 713 -27.64 24.91 -21.34
C ASN C 713 -26.56 25.90 -20.93
N ASN C 714 -26.43 26.18 -19.63
CA ASN C 714 -25.41 27.13 -19.18
C ASN C 714 -24.02 26.69 -19.63
N ILE C 715 -23.75 25.38 -19.61
CA ILE C 715 -22.48 24.86 -20.08
C ILE C 715 -22.32 25.14 -21.57
N ARG C 716 -23.34 24.81 -22.36
CA ARG C 716 -23.24 24.96 -23.82
C ARG C 716 -22.99 26.41 -24.22
N GLN C 717 -23.59 27.37 -23.50
CA GLN C 717 -23.38 28.77 -23.83
C GLN C 717 -21.98 29.22 -23.44
N LEU C 718 -21.43 28.69 -22.35
CA LEU C 718 -20.04 28.96 -22.03
C LEU C 718 -19.12 28.41 -23.12
N LEU C 719 -19.46 27.24 -23.67
CA LEU C 719 -18.66 26.66 -24.75
C LEU C 719 -18.81 27.46 -26.05
N HIS C 720 -20.00 27.99 -26.31
CA HIS C 720 -20.18 28.90 -27.44
C HIS C 720 -19.30 30.13 -27.28
N ASN C 721 -19.24 30.68 -26.07
CA ASN C 721 -18.37 31.83 -25.83
C ASN C 721 -16.91 31.43 -25.92
N PHE C 722 -16.55 30.27 -25.37
CA PHE C 722 -15.16 29.83 -25.24
C PHE C 722 -15.03 28.42 -25.83
N PRO C 723 -15.08 28.29 -27.15
CA PRO C 723 -15.07 26.96 -27.77
C PRO C 723 -13.82 26.18 -27.38
N PRO C 724 -13.86 24.84 -27.44
CA PRO C 724 -12.70 24.06 -26.99
C PRO C 724 -11.45 24.30 -27.81
N ASP C 725 -11.58 24.52 -29.13
CA ASP C 725 -10.41 24.77 -29.96
C ASP C 725 -9.79 26.14 -29.70
N GLN C 726 -10.55 27.06 -29.09
CA GLN C 726 -10.12 28.44 -28.99
C GLN C 726 -8.77 28.55 -28.30
N LEU C 727 -7.98 29.52 -28.75
CA LEU C 727 -6.65 29.80 -28.22
C LEU C 727 -6.63 31.22 -27.67
N THR C 728 -5.75 31.46 -26.69
CA THR C 728 -5.62 32.76 -26.07
C THR C 728 -4.58 33.60 -26.81
N SER C 729 -4.42 34.85 -26.39
CA SER C 729 -3.30 35.65 -26.84
C SER C 729 -2.00 34.93 -26.54
N SER C 730 -1.12 34.84 -27.54
CA SER C 730 0.13 34.07 -27.49
C SER C 730 -0.09 32.63 -27.93
N GLY C 731 -1.16 32.38 -28.69
CA GLY C 731 -1.33 31.08 -29.33
C GLY C 731 -1.23 29.91 -28.38
N ALA C 732 -1.81 30.05 -27.19
CA ALA C 732 -1.86 29.00 -26.19
C ALA C 732 -3.31 28.59 -25.92
N PRO C 733 -3.58 27.31 -25.73
CA PRO C 733 -4.97 26.89 -25.56
C PRO C 733 -5.59 27.55 -24.33
N PHE C 734 -6.87 27.92 -24.46
CA PHE C 734 -7.57 28.55 -23.35
C PHE C 734 -7.88 27.55 -22.24
N TRP C 735 -8.29 26.34 -22.62
CA TRP C 735 -8.60 25.28 -21.66
C TRP C 735 -7.30 24.55 -21.28
N SER C 736 -6.42 25.29 -20.62
CA SER C 736 -5.09 24.81 -20.27
C SER C 736 -4.82 25.06 -18.80
N GLY C 737 -4.22 24.07 -18.15
CA GLY C 737 -3.82 24.19 -16.76
C GLY C 737 -5.00 24.26 -15.82
N PRO C 738 -5.14 25.38 -15.11
CA PRO C 738 -6.24 25.50 -14.14
C PRO C 738 -7.61 25.44 -14.78
N LYS C 739 -7.72 25.86 -16.03
CA LYS C 739 -9.00 25.84 -16.74
C LYS C 739 -9.22 24.49 -17.41
N ARG C 740 -10.45 24.00 -17.32
CA ARG C 740 -10.81 22.67 -17.82
C ARG C 740 -11.97 22.78 -18.79
N CYS C 741 -11.90 22.02 -19.88
CA CYS C 741 -12.95 22.05 -20.89
C CYS C 741 -14.13 21.18 -20.46
N PRO C 742 -15.30 21.76 -20.23
CA PRO C 742 -16.45 20.95 -19.82
C PRO C 742 -17.13 20.27 -21.00
N HIS C 743 -17.92 19.25 -20.67
CA HIS C 743 -18.76 18.57 -21.66
C HIS C 743 -20.17 18.49 -21.09
N PRO C 744 -21.17 19.06 -21.76
CA PRO C 744 -22.52 19.07 -21.19
C PRO C 744 -23.08 17.66 -21.03
N LEU C 745 -24.06 17.56 -20.15
CA LEU C 745 -24.68 16.28 -19.81
C LEU C 745 -26.07 16.18 -20.39
N THR C 746 -26.52 14.95 -20.57
CA THR C 746 -27.85 14.64 -21.09
C THR C 746 -28.64 13.92 -20.01
N PHE C 747 -29.87 14.34 -19.79
CA PHE C 747 -30.64 13.80 -18.67
C PHE C 747 -31.01 12.34 -18.93
N ASP C 748 -30.79 11.50 -17.92
CA ASP C 748 -31.21 10.10 -17.98
C ASP C 748 -31.95 9.76 -16.70
N VAL C 749 -33.16 9.20 -16.85
CA VAL C 749 -33.94 8.75 -15.70
C VAL C 749 -33.19 7.65 -14.96
N ASN C 750 -32.64 6.69 -15.70
CA ASN C 750 -32.02 5.54 -15.07
C ASN C 750 -30.80 5.92 -14.26
N ASN C 751 -30.07 6.96 -14.68
CA ASN C 751 -28.87 7.35 -13.95
C ASN C 751 -29.24 7.91 -12.59
N PRO C 752 -28.73 7.33 -11.48
CA PRO C 752 -29.19 7.74 -10.15
C PRO C 752 -28.80 9.15 -9.76
N LEU C 753 -27.65 9.65 -10.24
CA LEU C 753 -27.24 11.01 -9.91
C LEU C 753 -28.26 12.01 -10.44
N HIS C 754 -28.68 11.82 -11.68
CA HIS C 754 -29.69 12.68 -12.28
C HIS C 754 -30.98 12.64 -11.47
N LEU C 755 -31.45 11.43 -11.15
CA LEU C 755 -32.67 11.30 -10.35
C LEU C 755 -32.48 11.91 -8.96
N ASP C 756 -31.34 11.64 -8.32
CA ASP C 756 -31.13 12.13 -6.96
C ASP C 756 -31.24 13.65 -6.91
N TYR C 757 -30.76 14.34 -7.95
CA TYR C 757 -30.85 15.80 -7.97
C TYR C 757 -32.30 16.24 -8.03
N VAL C 758 -33.06 15.67 -8.97
CA VAL C 758 -34.46 16.04 -9.14
C VAL C 758 -35.25 15.75 -7.86
N MET C 759 -35.07 14.54 -7.31
CA MET C 759 -35.82 14.15 -6.12
C MET C 759 -35.57 15.09 -4.94
N ALA C 760 -34.31 15.51 -4.77
CA ALA C 760 -34.00 16.41 -3.66
C ALA C 760 -34.52 17.82 -3.94
N ALA C 761 -34.30 18.32 -5.16
CA ALA C 761 -34.67 19.69 -5.47
C ALA C 761 -36.18 19.91 -5.34
N ALA C 762 -36.99 18.95 -5.83
CA ALA C 762 -38.43 19.13 -5.82
C ALA C 762 -39.00 19.07 -4.40
N ASN C 763 -38.58 18.07 -3.62
CA ASN C 763 -39.04 18.00 -2.23
C ASN C 763 -38.65 19.27 -1.47
N LEU C 764 -37.46 19.81 -1.77
CA LEU C 764 -37.05 21.06 -1.15
C LEU C 764 -37.84 22.23 -1.71
N PHE C 765 -38.02 22.26 -3.04
CA PHE C 765 -38.81 23.33 -3.66
C PHE C 765 -40.22 23.37 -3.08
N ALA C 766 -40.81 22.20 -2.84
CA ALA C 766 -42.14 22.15 -2.24
C ALA C 766 -42.15 22.75 -0.85
N GLN C 767 -41.12 22.47 -0.05
CA GLN C 767 -41.05 23.05 1.29
C GLN C 767 -41.08 24.57 1.25
N THR C 768 -40.43 25.18 0.25
CA THR C 768 -40.34 26.63 0.22
C THR C 768 -41.71 27.26 0.01
N TYR C 769 -42.60 26.56 -0.69
CA TYR C 769 -43.93 27.06 -0.98
C TYR C 769 -45.01 26.48 -0.06
N GLY C 770 -44.65 25.52 0.78
CA GLY C 770 -45.58 24.91 1.70
C GLY C 770 -46.24 23.65 1.22
N LEU C 771 -45.90 23.18 0.00
CA LEU C 771 -46.50 21.99 -0.57
C LEU C 771 -45.91 20.73 0.06
N THR C 772 -46.64 19.62 -0.09
CA THR C 772 -46.18 18.32 0.35
C THR C 772 -45.27 17.70 -0.70
N GLY C 773 -44.46 16.73 -0.25
CA GLY C 773 -43.61 15.95 -1.14
C GLY C 773 -43.91 14.48 -0.99
N SER C 774 -43.62 13.71 -2.04
CA SER C 774 -43.99 12.30 -2.07
C SER C 774 -42.83 11.35 -1.82
N GLN C 775 -41.60 11.72 -2.21
CA GLN C 775 -40.42 10.88 -1.98
C GLN C 775 -40.47 9.53 -2.70
N ASP C 776 -41.27 9.43 -3.77
CA ASP C 776 -41.43 8.19 -4.53
C ASP C 776 -40.54 8.26 -5.78
N ARG C 777 -39.50 7.41 -5.83
CA ARG C 777 -38.53 7.51 -6.91
C ARG C 777 -39.08 6.94 -8.22
N ALA C 778 -39.90 5.88 -8.18
CA ALA C 778 -40.50 5.34 -9.39
C ALA C 778 -41.49 6.32 -10.00
N ALA C 779 -42.28 6.99 -9.14
CA ALA C 779 -43.26 7.95 -9.63
C ALA C 779 -42.58 9.10 -10.35
N VAL C 780 -41.48 9.61 -9.79
CA VAL C 780 -40.75 10.69 -10.43
C VAL C 780 -40.10 10.22 -11.72
N ALA C 781 -39.56 9.00 -11.71
CA ALA C 781 -38.92 8.46 -12.91
C ALA C 781 -39.89 8.40 -14.08
N THR C 782 -41.04 7.73 -13.88
CA THR C 782 -42.00 7.57 -14.96
C THR C 782 -42.50 8.92 -15.45
N PHE C 783 -42.79 9.84 -14.53
CA PHE C 783 -43.27 11.17 -14.89
C PHE C 783 -42.22 11.95 -15.67
N LEU C 784 -40.95 11.80 -15.31
CA LEU C 784 -39.88 12.53 -15.97
C LEU C 784 -39.79 12.19 -17.45
N GLN C 785 -40.13 10.95 -17.81
CA GLN C 785 -40.16 10.59 -19.21
C GLN C 785 -41.24 11.38 -19.95
N SER C 786 -42.36 11.64 -19.29
CA SER C 786 -43.46 12.35 -19.94
C SER C 786 -43.14 13.83 -20.14
N VAL C 787 -42.47 14.48 -19.18
CA VAL C 787 -42.23 15.90 -19.33
C VAL C 787 -41.32 16.13 -20.54
N GLN C 788 -41.46 17.32 -21.12
CA GLN C 788 -40.65 17.76 -22.24
C GLN C 788 -40.00 19.09 -21.86
N VAL C 789 -38.73 19.25 -22.28
CA VAL C 789 -37.91 20.37 -21.84
C VAL C 789 -37.70 21.33 -22.99
N PRO C 790 -37.81 22.64 -22.78
CA PRO C 790 -37.61 23.58 -23.89
C PRO C 790 -36.21 23.46 -24.47
N GLU C 791 -36.11 23.64 -25.79
CA GLU C 791 -34.83 23.56 -26.47
C GLU C 791 -33.96 24.76 -26.12
N PHE C 792 -32.66 24.58 -25.99
CA PHE C 792 -31.89 25.76 -25.67
C PHE C 792 -30.96 26.14 -26.81
N THR C 793 -30.85 27.44 -26.97
CA THR C 793 -30.21 28.15 -28.07
C THR C 793 -29.06 28.97 -27.50
N PRO C 794 -27.82 28.68 -27.85
CA PRO C 794 -26.70 29.53 -27.40
C PRO C 794 -26.77 30.92 -28.02
N LYS C 795 -26.21 31.89 -27.31
CA LYS C 795 -26.21 33.29 -27.75
C LYS C 795 -24.80 33.83 -27.77
N SER C 796 -24.50 34.66 -28.77
CA SER C 796 -23.16 35.22 -28.93
C SER C 796 -22.95 36.46 -28.07
N GLY C 797 -23.96 37.31 -27.94
CA GLY C 797 -23.93 38.39 -26.97
C GLY C 797 -24.06 37.87 -25.55
N VAL C 814 -34.18 51.77 -22.86
CA VAL C 814 -34.94 50.59 -23.26
C VAL C 814 -34.90 49.58 -22.10
N ASP C 815 -33.86 49.69 -21.27
CA ASP C 815 -33.78 48.91 -20.03
C ASP C 815 -34.59 49.54 -18.91
N ASP C 816 -34.55 50.88 -18.78
CA ASP C 816 -35.44 51.53 -17.83
C ASP C 816 -36.88 51.20 -18.15
N SER C 817 -37.15 50.73 -19.35
CA SER C 817 -38.56 50.62 -19.72
C SER C 817 -39.15 49.29 -19.29
N ARG C 818 -38.34 48.23 -19.34
CA ARG C 818 -38.78 46.96 -18.77
C ARG C 818 -38.87 47.05 -17.26
N LEU C 819 -37.95 47.78 -16.63
CA LEU C 819 -38.01 47.94 -15.17
C LEU C 819 -39.30 48.63 -14.74
N GLU C 820 -39.79 49.57 -15.54
CA GLU C 820 -41.10 50.18 -15.23
C GLU C 820 -42.22 49.18 -15.45
N GLU C 821 -42.10 48.33 -16.48
CA GLU C 821 -43.10 47.30 -16.71
C GLU C 821 -43.17 46.34 -15.52
N LEU C 822 -42.01 45.99 -14.96
CA LEU C 822 -41.99 45.08 -13.81
C LEU C 822 -42.75 45.66 -12.62
N LYS C 823 -42.59 46.96 -12.36
CA LYS C 823 -43.31 47.58 -11.25
C LYS C 823 -44.82 47.37 -11.39
N ALA C 824 -45.33 47.48 -12.62
CA ALA C 824 -46.74 47.29 -12.86
C ALA C 824 -47.13 45.82 -12.76
N THR C 825 -46.38 44.95 -13.45
CA THR C 825 -46.73 43.53 -13.50
C THR C 825 -46.74 42.90 -12.12
N LEU C 826 -45.81 43.30 -11.26
CA LEU C 826 -45.69 42.69 -9.94
C LEU C 826 -47.04 42.75 -9.23
N PRO C 827 -47.56 41.63 -8.75
CA PRO C 827 -48.81 41.67 -7.99
C PRO C 827 -48.62 42.46 -6.70
N SER C 828 -49.58 43.32 -6.38
CA SER C 828 -49.50 44.09 -5.15
C SER C 828 -49.77 43.15 -3.96
N PRO C 829 -49.10 43.37 -2.83
CA PRO C 829 -49.21 42.39 -1.73
C PRO C 829 -50.64 42.12 -1.29
N ASP C 830 -51.49 43.15 -1.29
CA ASP C 830 -52.88 42.95 -0.90
C ASP C 830 -53.54 41.88 -1.76
N LYS C 831 -53.20 41.86 -3.06
CA LYS C 831 -53.85 40.94 -4.00
C LYS C 831 -53.54 39.48 -3.69
N LEU C 832 -52.36 39.20 -3.11
CA LEU C 832 -51.97 37.84 -2.76
C LEU C 832 -52.13 37.61 -1.26
N PRO C 833 -53.29 37.12 -0.82
CA PRO C 833 -53.56 37.01 0.62
C PRO C 833 -53.11 35.68 1.16
N GLY C 834 -52.57 35.72 2.39
CA GLY C 834 -52.22 34.49 3.06
C GLY C 834 -51.20 33.65 2.34
N PHE C 835 -50.49 34.24 1.38
CA PHE C 835 -49.42 33.55 0.68
C PHE C 835 -48.10 33.89 1.38
N LYS C 836 -47.42 32.85 1.86
CA LYS C 836 -46.13 33.02 2.50
C LYS C 836 -45.21 31.91 2.03
N MET C 837 -43.95 32.24 1.85
CA MET C 837 -42.93 31.26 1.50
C MET C 837 -42.04 31.01 2.71
N TYR C 838 -41.45 29.82 2.73
CA TYR C 838 -40.74 29.31 3.91
C TYR C 838 -39.28 29.10 3.54
N PRO C 839 -38.39 30.01 3.91
CA PRO C 839 -36.96 29.77 3.64
C PRO C 839 -36.49 28.53 4.38
N ILE C 840 -35.49 27.87 3.80
CA ILE C 840 -34.89 26.67 4.37
C ILE C 840 -33.48 27.01 4.82
N ASP C 841 -33.14 26.64 6.05
CA ASP C 841 -31.79 26.82 6.56
C ASP C 841 -31.05 25.48 6.53
N PHE C 842 -29.79 25.54 6.12
CA PHE C 842 -29.01 24.33 5.85
C PHE C 842 -28.61 23.63 7.15
N GLU C 843 -28.77 22.31 7.15
CA GLU C 843 -28.35 21.46 8.27
C GLU C 843 -27.67 20.23 7.70
N LYS C 844 -26.36 20.12 7.87
CA LYS C 844 -25.64 18.95 7.40
C LYS C 844 -26.12 17.69 8.13
N ASP C 845 -26.30 17.80 9.45
CA ASP C 845 -26.47 16.62 10.30
C ASP C 845 -27.66 15.77 9.86
N ASP C 846 -28.84 16.36 9.76
CA ASP C 846 -30.07 15.61 9.56
C ASP C 846 -30.14 15.16 8.11
N ASP C 847 -29.85 13.87 7.86
CA ASP C 847 -29.82 13.36 6.50
C ASP C 847 -31.22 13.17 5.90
N SER C 848 -32.25 13.06 6.73
CA SER C 848 -33.61 13.00 6.22
C SER C 848 -34.09 14.35 5.69
N ASN C 849 -33.36 15.44 5.98
CA ASN C 849 -33.72 16.74 5.41
C ASN C 849 -33.70 16.70 3.90
N PHE C 850 -32.73 15.98 3.32
CA PHE C 850 -32.30 16.09 1.93
C PHE C 850 -31.34 17.25 1.76
N HIS C 851 -31.09 18.06 2.80
CA HIS C 851 -30.24 19.23 2.64
C HIS C 851 -28.86 18.83 2.13
N MET C 852 -28.25 17.82 2.76
CA MET C 852 -26.96 17.35 2.28
C MET C 852 -27.11 16.53 1.01
N ASP C 853 -28.21 15.78 0.87
CA ASP C 853 -28.42 14.97 -0.32
C ASP C 853 -28.39 15.85 -1.57
N PHE C 854 -28.97 17.04 -1.50
CA PHE C 854 -28.94 17.96 -2.63
C PHE C 854 -27.51 18.36 -2.97
N ILE C 855 -26.73 18.71 -1.95
CA ILE C 855 -25.38 19.22 -2.17
C ILE C 855 -24.52 18.16 -2.84
N VAL C 856 -24.55 16.93 -2.31
CA VAL C 856 -23.70 15.88 -2.83
C VAL C 856 -23.99 15.63 -4.31
N ALA C 857 -25.27 15.59 -4.67
CA ALA C 857 -25.63 15.39 -6.06
C ALA C 857 -25.19 16.57 -6.91
N ALA C 858 -25.47 17.79 -6.45
CA ALA C 858 -25.17 18.98 -7.24
C ALA C 858 -23.67 19.10 -7.51
N SER C 859 -22.83 18.72 -6.54
CA SER C 859 -21.40 18.83 -6.73
C SER C 859 -20.90 17.75 -7.67
N ASN C 860 -21.32 16.51 -7.47
CA ASN C 860 -20.83 15.40 -8.28
C ASN C 860 -21.25 15.54 -9.74
N LEU C 861 -22.45 16.05 -9.97
CA LEU C 861 -22.90 16.29 -11.33
C LEU C 861 -22.10 17.39 -12.00
N ARG C 862 -21.80 18.48 -11.26
CA ARG C 862 -20.94 19.52 -11.80
C ARG C 862 -19.54 18.99 -12.06
N ALA C 863 -19.05 18.12 -11.18
CA ALA C 863 -17.75 17.49 -11.41
C ALA C 863 -17.73 16.71 -12.71
N GLU C 864 -18.78 15.92 -12.98
CA GLU C 864 -18.86 15.20 -14.23
C GLU C 864 -18.65 16.12 -15.43
N ASN C 865 -19.26 17.31 -15.39
CA ASN C 865 -19.17 18.23 -16.53
C ASN C 865 -17.74 18.70 -16.75
N TYR C 866 -17.04 19.05 -15.68
CA TYR C 866 -15.68 19.54 -15.77
C TYR C 866 -14.64 18.44 -15.57
N ASP C 867 -15.04 17.18 -15.69
CA ASP C 867 -14.12 16.06 -15.64
C ASP C 867 -13.36 16.02 -14.32
N ILE C 868 -13.97 16.52 -13.26
CA ILE C 868 -13.44 16.48 -11.89
C ILE C 868 -13.85 15.16 -11.25
N PRO C 869 -13.01 14.51 -10.44
CA PRO C 869 -13.41 13.24 -9.83
C PRO C 869 -14.57 13.41 -8.86
N SER C 870 -15.40 12.38 -8.77
CA SER C 870 -16.58 12.41 -7.94
C SER C 870 -16.21 12.50 -6.45
N ALA C 871 -17.21 12.83 -5.62
CA ALA C 871 -17.03 12.99 -4.18
C ALA C 871 -18.13 12.22 -3.44
N ASP C 872 -17.73 11.27 -2.60
CA ASP C 872 -18.70 10.47 -1.85
C ASP C 872 -19.49 11.36 -0.89
N ARG C 873 -20.43 10.76 -0.16
CA ARG C 873 -21.14 11.51 0.88
C ARG C 873 -20.19 11.88 2.01
N HIS C 874 -19.54 10.88 2.60
CA HIS C 874 -18.66 11.15 3.73
C HIS C 874 -17.52 12.07 3.35
N LYS C 875 -16.90 11.84 2.18
CA LYS C 875 -15.81 12.70 1.75
C LYS C 875 -16.30 14.15 1.62
N SER C 876 -17.42 14.34 0.92
CA SER C 876 -17.92 15.70 0.70
C SER C 876 -18.23 16.39 2.02
N LYS C 877 -18.90 15.69 2.94
CA LYS C 877 -19.19 16.27 4.25
C LYS C 877 -17.93 16.84 4.89
N LEU C 878 -16.86 16.05 4.90
CA LEU C 878 -15.61 16.48 5.53
C LEU C 878 -15.00 17.66 4.79
N ILE C 879 -15.04 17.64 3.46
CA ILE C 879 -14.53 18.75 2.68
C ILE C 879 -15.31 20.02 3.00
N ALA C 880 -16.63 19.90 3.11
CA ALA C 880 -17.45 21.06 3.42
C ALA C 880 -17.16 21.61 4.81
N GLY C 881 -16.97 20.74 5.78
CA GLY C 881 -16.64 21.18 7.13
C GLY C 881 -15.24 21.74 7.27
N LYS C 882 -14.41 21.61 6.24
CA LYS C 882 -12.99 21.95 6.34
C LYS C 882 -12.45 21.49 7.68
N ILE C 883 -12.80 20.25 8.05
CA ILE C 883 -12.35 19.66 9.29
C ILE C 883 -10.96 19.09 9.09
N ILE C 884 -10.09 19.32 10.07
CA ILE C 884 -8.70 18.89 10.04
C ILE C 884 -8.55 17.72 11.00
N PRO C 885 -7.86 16.64 10.63
CA PRO C 885 -7.68 15.54 11.60
C PRO C 885 -6.91 16.01 12.83
N ALA C 886 -7.42 15.62 13.99
CA ALA C 886 -6.78 15.99 15.24
C ALA C 886 -5.41 15.32 15.36
N ILE C 887 -4.50 16.00 16.05
CA ILE C 887 -3.17 15.47 16.32
C ILE C 887 -3.00 15.35 17.82
N ALA C 888 -2.38 14.24 18.26
CA ALA C 888 -2.33 13.91 19.68
C ALA C 888 -1.55 14.96 20.48
N THR C 889 -0.52 15.56 19.89
CA THR C 889 0.26 16.57 20.60
C THR C 889 -0.61 17.76 20.97
N THR C 890 -1.27 18.36 19.97
CA THR C 890 -2.06 19.57 20.23
C THR C 890 -3.21 19.28 21.20
N THR C 891 -3.97 18.21 20.95
CA THR C 891 -5.13 17.93 21.81
C THR C 891 -4.70 17.73 23.25
N ALA C 892 -3.65 16.94 23.48
CA ALA C 892 -3.20 16.70 24.84
C ALA C 892 -2.79 18.00 25.52
N THR C 893 -2.15 18.89 24.77
CA THR C 893 -1.78 20.19 25.31
C THR C 893 -3.02 21.01 25.63
N VAL C 894 -3.87 21.25 24.62
CA VAL C 894 -5.08 22.05 24.83
C VAL C 894 -5.88 21.51 26.02
N SER C 895 -6.03 20.19 26.11
CA SER C 895 -6.86 19.60 27.15
C SER C 895 -6.27 19.83 28.54
N GLY C 896 -4.95 19.80 28.66
CA GLY C 896 -4.33 20.10 29.95
C GLY C 896 -4.57 21.55 30.37
N LEU C 897 -4.41 22.48 29.43
CA LEU C 897 -4.62 23.89 29.73
C LEU C 897 -6.07 24.16 30.10
N VAL C 898 -7.03 23.60 29.35
CA VAL C 898 -8.44 23.79 29.66
C VAL C 898 -8.76 23.22 31.03
N ALA C 899 -8.16 22.08 31.37
CA ALA C 899 -8.35 21.51 32.69
C ALA C 899 -7.84 22.44 33.78
N LEU C 900 -6.66 23.04 33.57
CA LEU C 900 -6.09 23.95 34.55
C LEU C 900 -7.02 25.13 34.81
N GLU C 901 -7.51 25.77 33.76
CA GLU C 901 -8.47 26.86 33.92
C GLU C 901 -9.70 26.39 34.68
N MET C 902 -10.15 25.16 34.41
CA MET C 902 -11.33 24.62 35.09
C MET C 902 -11.14 24.58 36.60
N ILE C 903 -9.91 24.36 37.07
CA ILE C 903 -9.64 24.39 38.50
C ILE C 903 -9.89 25.79 39.06
N LYS C 904 -9.41 26.82 38.35
CA LYS C 904 -9.63 28.19 38.79
C LYS C 904 -11.12 28.51 38.89
N VAL C 905 -11.91 28.03 37.93
CA VAL C 905 -13.33 28.34 37.92
C VAL C 905 -14.02 27.74 39.14
N THR C 906 -13.78 26.45 39.41
CA THR C 906 -14.46 25.81 40.52
C THR C 906 -14.12 26.50 41.84
N GLY C 907 -12.93 27.12 41.93
CA GLY C 907 -12.57 27.90 43.09
C GLY C 907 -13.23 29.26 43.18
N GLY C 908 -13.84 29.73 42.09
CA GLY C 908 -14.43 31.06 42.08
C GLY C 908 -13.42 32.18 42.03
N TYR C 909 -12.25 31.92 41.45
CA TYR C 909 -11.12 32.85 41.47
C TYR C 909 -11.46 34.18 40.81
N PRO C 910 -10.61 35.21 40.99
CA PRO C 910 -10.89 36.51 40.37
C PRO C 910 -10.67 36.50 38.86
N PHE C 911 -11.05 37.62 38.24
CA PHE C 911 -10.88 37.75 36.79
C PHE C 911 -9.41 37.69 36.39
N GLU C 912 -8.53 38.26 37.22
CA GLU C 912 -7.13 38.37 36.85
C GLU C 912 -6.47 36.99 36.68
N ALA C 913 -6.91 36.01 37.46
CA ALA C 913 -6.29 34.68 37.40
C ALA C 913 -6.53 34.03 36.05
N TYR C 914 -7.76 34.09 35.55
CA TYR C 914 -8.11 33.40 34.32
C TYR C 914 -7.30 33.95 33.15
N LYS C 915 -6.72 33.04 32.36
CA LYS C 915 -5.90 33.42 31.21
C LYS C 915 -6.22 32.52 30.02
N ASN C 916 -6.71 33.13 28.94
CA ASN C 916 -6.91 32.42 27.67
C ASN C 916 -5.56 32.03 27.07
N CYS C 917 -5.62 31.22 26.00
CA CYS C 917 -4.38 30.80 25.34
C CYS C 917 -4.62 30.43 23.89
N PHE C 918 -3.85 31.05 23.00
CA PHE C 918 -3.76 30.64 21.60
C PHE C 918 -2.34 30.15 21.35
N LEU C 919 -2.22 28.91 20.88
CA LEU C 919 -0.91 28.29 20.68
C LEU C 919 -0.79 27.75 19.27
N ASN C 920 0.47 27.59 18.83
CA ASN C 920 0.81 26.91 17.59
C ASN C 920 2.14 26.20 17.79
N LEU C 921 2.13 24.86 17.68
CA LEU C 921 3.34 24.08 17.90
C LEU C 921 4.29 24.10 16.70
N ALA C 922 3.84 24.58 15.54
CA ALA C 922 4.70 24.59 14.36
C ALA C 922 5.81 25.63 14.47
N ILE C 923 5.55 26.72 15.20
CA ILE C 923 6.42 27.89 15.20
C ILE C 923 7.70 27.59 15.98
N PRO C 924 7.64 27.21 17.27
CA PRO C 924 6.50 27.14 18.20
C PRO C 924 6.30 28.42 18.99
N ILE C 925 5.04 28.80 19.22
CA ILE C 925 4.72 29.98 20.02
C ILE C 925 3.46 29.68 20.83
N VAL C 926 3.53 29.95 22.13
CA VAL C 926 2.38 29.84 23.02
C VAL C 926 2.09 31.23 23.57
N VAL C 927 0.85 31.68 23.39
CA VAL C 927 0.44 33.02 23.79
C VAL C 927 -0.60 32.91 24.88
N PHE C 928 -0.29 33.46 26.06
CA PHE C 928 -1.20 33.53 27.19
C PHE C 928 -1.67 34.96 27.36
N THR C 929 -2.98 35.16 27.38
CA THR C 929 -3.59 36.48 27.51
C THR C 929 -4.70 36.42 28.55
N GLU C 930 -4.83 37.46 29.35
CA GLU C 930 -5.94 37.49 30.29
C GLU C 930 -7.24 37.67 29.52
N THR C 931 -8.32 37.14 30.09
CA THR C 931 -9.57 37.03 29.36
C THR C 931 -10.18 38.42 29.11
N THR C 932 -11.07 38.47 28.11
CA THR C 932 -11.69 39.73 27.71
C THR C 932 -12.69 40.20 28.77
N GLU C 933 -12.52 41.43 29.24
CA GLU C 933 -13.34 41.95 30.32
C GLU C 933 -14.79 42.18 29.86
N VAL C 934 -15.70 42.22 30.83
CA VAL C 934 -17.10 42.51 30.52
C VAL C 934 -17.20 43.91 29.93
N ARG C 935 -18.02 44.05 28.90
CA ARG C 935 -18.26 45.35 28.25
C ARG C 935 -19.71 45.73 28.50
N LYS C 936 -19.92 46.80 29.28
CA LYS C 936 -21.25 47.26 29.64
C LYS C 936 -21.74 48.28 28.62
N THR C 937 -22.99 48.13 28.19
CA THR C 937 -23.58 49.00 27.18
C THR C 937 -24.67 49.85 27.81
N LYS C 938 -24.61 51.16 27.59
CA LYS C 938 -25.50 52.12 28.22
C LYS C 938 -26.18 52.98 27.17
N ILE C 939 -27.44 53.31 27.41
CA ILE C 939 -28.21 54.22 26.56
C ILE C 939 -28.38 55.53 27.32
N ARG C 940 -28.52 56.63 26.58
CA ARG C 940 -28.44 57.96 27.17
C ARG C 940 -29.41 58.12 28.34
N ASN C 941 -28.89 58.57 29.47
CA ASN C 941 -29.67 58.79 30.68
C ASN C 941 -30.19 57.47 31.24
N GLY C 942 -29.33 56.44 31.21
CA GLY C 942 -29.71 55.12 31.68
C GLY C 942 -28.57 54.46 32.44
N ILE C 943 -28.88 53.31 33.02
CA ILE C 943 -27.91 52.50 33.75
C ILE C 943 -27.35 51.45 32.80
N SER C 944 -26.05 51.16 32.96
CA SER C 944 -25.39 50.21 32.07
C SER C 944 -25.70 48.77 32.50
N PHE C 945 -25.84 47.90 31.51
CA PHE C 945 -26.20 46.50 31.72
C PHE C 945 -25.21 45.61 30.99
N THR C 946 -24.73 44.56 31.66
CA THR C 946 -23.82 43.61 31.04
C THR C 946 -24.59 42.69 30.09
N ILE C 947 -23.87 41.80 29.41
CA ILE C 947 -24.52 40.79 28.60
C ILE C 947 -25.22 39.76 29.49
N TRP C 948 -24.64 39.48 30.67
CA TRP C 948 -25.18 38.45 31.55
C TRP C 948 -26.49 38.89 32.22
N ASP C 949 -26.71 40.19 32.36
CA ASP C 949 -27.91 40.67 33.03
C ASP C 949 -29.16 40.45 32.18
N ARG C 950 -30.25 40.07 32.84
CA ARG C 950 -31.56 39.94 32.23
C ARG C 950 -32.60 40.60 33.13
N TRP C 951 -33.55 41.31 32.52
CA TRP C 951 -34.54 42.08 33.24
C TRP C 951 -35.83 41.28 33.36
N THR C 952 -36.40 41.24 34.57
CA THR C 952 -37.56 40.42 34.88
C THR C 952 -38.73 41.29 35.36
N VAL C 953 -39.91 41.08 34.78
CA VAL C 953 -41.11 41.83 35.11
C VAL C 953 -42.21 40.86 35.50
N HIS C 954 -42.79 41.04 36.69
CA HIS C 954 -43.93 40.26 37.15
C HIS C 954 -45.20 41.08 36.93
N GLY C 955 -46.20 40.47 36.30
CA GLY C 955 -47.43 41.15 35.98
C GLY C 955 -48.65 40.50 36.64
N LYS C 956 -49.80 41.09 36.36
CA LYS C 956 -51.10 40.51 36.68
C LYS C 956 -51.67 39.84 35.44
N GLU C 957 -52.79 39.13 35.63
CA GLU C 957 -53.41 38.44 34.50
C GLU C 957 -54.06 39.42 33.54
N ASP C 958 -54.50 40.57 34.05
CA ASP C 958 -55.03 41.64 33.21
C ASP C 958 -54.07 42.80 33.23
N PHE C 959 -53.50 43.11 32.08
CA PHE C 959 -52.42 44.08 31.96
C PHE C 959 -52.45 44.62 30.53
N THR C 960 -51.78 45.75 30.31
CA THR C 960 -51.67 46.34 28.99
C THR C 960 -50.20 46.58 28.68
N LEU C 961 -49.90 46.77 27.39
CA LEU C 961 -48.53 47.08 26.99
C LEU C 961 -48.12 48.46 27.50
N LEU C 962 -49.08 49.38 27.64
CA LEU C 962 -48.78 50.68 28.23
C LEU C 962 -48.45 50.55 29.70
N ASP C 963 -49.23 49.75 30.43
CA ASP C 963 -48.97 49.52 31.85
C ASP C 963 -47.64 48.81 32.07
N PHE C 964 -47.14 48.10 31.06
CA PHE C 964 -45.83 47.49 31.09
C PHE C 964 -44.75 48.53 30.82
N ILE C 965 -44.88 49.29 29.73
CA ILE C 965 -43.86 50.27 29.36
C ILE C 965 -43.61 51.23 30.52
N ASN C 966 -44.67 51.68 31.19
CA ASN C 966 -44.50 52.51 32.37
C ASN C 966 -43.73 51.77 33.45
N ALA C 967 -44.09 50.49 33.67
CA ALA C 967 -43.43 49.71 34.70
C ALA C 967 -41.96 49.48 34.41
N VAL C 968 -41.55 49.55 33.14
CA VAL C 968 -40.14 49.43 32.81
C VAL C 968 -39.36 50.65 33.28
N LYS C 969 -39.86 51.85 32.96
CA LYS C 969 -39.18 53.07 33.40
C LYS C 969 -39.20 53.20 34.91
N GLU C 970 -40.24 52.69 35.57
CA GLU C 970 -40.39 52.89 37.01
C GLU C 970 -39.38 52.10 37.81
N LYS C 971 -38.93 50.95 37.29
CA LYS C 971 -37.95 50.12 37.98
C LYS C 971 -36.52 50.53 37.65
N TYR C 972 -36.22 50.72 36.36
CA TYR C 972 -34.86 50.93 35.92
C TYR C 972 -34.53 52.39 35.62
N GLY C 973 -35.53 53.19 35.25
CA GLY C 973 -35.29 54.57 34.87
C GLY C 973 -35.16 54.82 33.38
N ILE C 974 -35.51 53.84 32.55
CA ILE C 974 -35.43 53.96 31.10
C ILE C 974 -36.72 53.39 30.52
N GLU C 975 -37.26 54.07 29.50
CA GLU C 975 -38.54 53.67 28.92
C GLU C 975 -38.35 53.21 27.48
N PRO C 976 -38.88 52.06 27.10
CA PRO C 976 -38.68 51.59 25.73
C PRO C 976 -39.53 52.30 24.71
N THR C 977 -38.94 52.56 23.54
CA THR C 977 -39.67 53.12 22.40
C THR C 977 -40.50 52.05 21.73
N MET C 978 -39.96 50.84 21.56
CA MET C 978 -40.66 49.74 20.90
C MET C 978 -40.30 48.44 21.61
N VAL C 979 -41.03 47.38 21.28
CA VAL C 979 -40.85 46.07 21.91
C VAL C 979 -41.03 44.97 20.87
N VAL C 980 -40.05 44.08 20.77
CA VAL C 980 -40.02 43.01 19.77
C VAL C 980 -40.13 41.66 20.46
N GLN C 981 -40.73 40.69 19.78
CA GLN C 981 -40.78 39.31 20.26
C GLN C 981 -40.19 38.36 19.22
N MET C 985 -43.48 42.03 14.66
CA MET C 985 -43.30 43.18 15.55
C MET C 985 -44.58 43.41 16.36
N LEU C 986 -44.43 43.44 17.68
CA LEU C 986 -45.58 43.54 18.57
C LEU C 986 -46.15 44.95 18.64
N TYR C 987 -45.28 45.96 18.74
CA TYR C 987 -45.74 47.35 18.86
C TYR C 987 -44.65 48.28 18.36
N VAL C 988 -45.00 49.14 17.40
CA VAL C 988 -44.12 50.19 16.92
C VAL C 988 -44.92 51.49 16.95
N PRO C 989 -44.31 52.63 17.29
CA PRO C 989 -45.04 53.91 17.14
C PRO C 989 -45.41 54.19 15.69
N VAL C 990 -44.50 53.90 14.75
CA VAL C 990 -44.74 54.14 13.34
C VAL C 990 -45.87 53.27 12.81
N MET C 991 -46.06 52.08 13.38
CA MET C 991 -47.06 51.15 12.87
C MET C 991 -48.46 51.74 13.00
N PRO C 992 -49.34 51.53 12.02
CA PRO C 992 -50.70 52.06 12.13
C PRO C 992 -51.51 51.36 13.21
N GLY C 993 -52.38 52.13 13.86
CA GLY C 993 -53.06 51.63 15.04
C GLY C 993 -52.11 51.37 16.19
N HIS C 994 -51.11 52.24 16.37
CA HIS C 994 -50.20 52.10 17.50
C HIS C 994 -50.93 52.32 18.82
N ALA C 995 -52.00 53.12 18.81
CA ALA C 995 -52.82 53.30 20.00
C ALA C 995 -53.69 52.08 20.26
N LYS C 996 -54.02 51.32 19.21
CA LYS C 996 -54.70 50.04 19.41
C LYS C 996 -53.76 49.03 20.05
N ARG C 997 -52.53 48.93 19.53
CA ARG C 997 -51.56 47.99 20.07
C ARG C 997 -51.21 48.33 21.52
N LEU C 998 -51.22 49.62 21.85
CA LEU C 998 -50.89 50.06 23.20
C LEU C 998 -52.03 49.82 24.18
N LYS C 999 -53.28 49.83 23.71
CA LYS C 999 -54.43 49.49 24.54
C LYS C 999 -54.60 47.98 24.71
N LEU C 1000 -54.07 47.19 23.77
CA LEU C 1000 -54.24 45.74 23.80
C LEU C 1000 -53.82 45.17 25.15
N THR C 1001 -54.58 44.20 25.64
CA THR C 1001 -54.19 43.50 26.86
C THR C 1001 -53.07 42.50 26.54
N MET C 1002 -52.35 42.09 27.59
CA MET C 1002 -51.12 41.35 27.36
C MET C 1002 -51.38 39.93 26.86
N HIS C 1003 -52.42 39.27 27.38
CA HIS C 1003 -52.69 37.91 26.95
C HIS C 1003 -53.15 37.84 25.50
N LYS C 1004 -53.83 38.88 25.01
CA LYS C 1004 -54.22 38.95 23.61
C LYS C 1004 -53.04 39.34 22.73
N LEU C 1005 -52.22 40.28 23.20
CA LEU C 1005 -51.11 40.78 22.40
C LEU C 1005 -50.13 39.66 22.06
N VAL C 1006 -49.79 38.81 23.04
CA VAL C 1006 -48.87 37.70 22.83
C VAL C 1006 -49.58 36.41 23.20
N LYS C 1007 -49.53 35.44 22.29
CA LYS C 1007 -50.18 34.14 22.46
C LYS C 1007 -49.13 33.04 22.48
N PRO C 1008 -48.65 32.62 23.66
CA PRO C 1008 -47.67 31.53 23.67
C PRO C 1008 -48.22 30.24 23.10
N THR C 1009 -49.51 29.97 23.29
CA THR C 1009 -50.25 28.80 22.82
C THR C 1009 -49.95 27.58 23.69
N THR C 1010 -49.07 27.70 24.67
CA THR C 1010 -48.87 26.67 25.70
C THR C 1010 -49.22 27.21 27.08
N GLU C 1011 -49.93 28.34 27.14
CA GLU C 1011 -50.22 29.05 28.38
C GLU C 1011 -49.00 29.03 29.31
N LYS C 1012 -47.89 29.49 28.78
CA LYS C 1012 -46.62 29.43 29.49
C LYS C 1012 -46.61 30.41 30.67
N LYS C 1013 -45.88 30.05 31.72
CA LYS C 1013 -45.82 30.90 32.90
C LYS C 1013 -45.19 32.25 32.57
N TYR C 1014 -44.20 32.27 31.70
CA TYR C 1014 -43.58 33.51 31.27
C TYR C 1014 -43.29 33.44 29.77
N VAL C 1015 -42.98 34.61 29.21
CA VAL C 1015 -42.59 34.74 27.81
C VAL C 1015 -41.41 35.69 27.74
N ASP C 1016 -40.43 35.36 26.91
CA ASP C 1016 -39.23 36.15 26.75
C ASP C 1016 -39.38 37.07 25.54
N LEU C 1017 -39.05 38.35 25.72
CA LEU C 1017 -39.22 39.36 24.67
C LEU C 1017 -38.02 40.30 24.66
N THR C 1018 -37.76 40.88 23.48
CA THR C 1018 -36.70 41.87 23.31
C THR C 1018 -37.23 43.28 23.55
N VAL C 1019 -36.32 44.21 23.84
CA VAL C 1019 -36.66 45.58 24.17
C VAL C 1019 -35.64 46.52 23.52
N SER C 1020 -36.12 47.69 23.08
CA SER C 1020 -35.26 48.68 22.44
C SER C 1020 -35.61 50.08 22.93
N PHE C 1021 -34.58 50.90 23.15
CA PHE C 1021 -34.71 52.28 23.59
C PHE C 1021 -33.95 53.19 22.63
N ALA C 1022 -34.62 54.22 22.12
CA ALA C 1022 -33.99 55.18 21.23
C ALA C 1022 -33.77 56.49 21.96
N PRO C 1023 -32.52 56.97 22.11
CA PRO C 1023 -32.28 58.25 22.79
C PRO C 1023 -33.02 59.41 22.15
N ASP C 1028 -31.66 59.05 15.37
CA ASP C 1028 -31.90 58.75 16.76
C ASP C 1028 -32.33 57.29 16.82
N GLU C 1029 -31.51 56.39 16.28
CA GLU C 1029 -32.13 55.10 15.99
C GLU C 1029 -32.32 54.30 17.27
N ASP C 1030 -33.13 53.25 17.19
CA ASP C 1030 -33.35 52.38 18.34
C ASP C 1030 -32.07 51.61 18.65
N LEU C 1031 -31.82 51.39 19.95
CA LEU C 1031 -30.64 50.70 20.43
C LEU C 1031 -31.05 49.52 21.29
N PRO C 1032 -30.51 48.32 21.05
CA PRO C 1032 -31.01 47.13 21.76
C PRO C 1032 -30.89 47.28 23.27
N GLY C 1033 -31.56 46.38 23.97
CA GLY C 1033 -31.51 46.32 25.42
C GLY C 1033 -31.46 44.88 25.91
N PRO C 1034 -31.29 44.68 27.21
CA PRO C 1034 -31.16 43.33 27.73
C PRO C 1034 -32.50 42.61 27.69
N PRO C 1035 -32.49 41.28 27.48
CA PRO C 1035 -33.76 40.56 27.29
C PRO C 1035 -34.69 40.75 28.47
N VAL C 1036 -35.99 40.72 28.19
CA VAL C 1036 -37.02 40.96 29.20
C VAL C 1036 -37.92 39.73 29.29
N ARG C 1037 -38.12 39.23 30.50
CA ARG C 1037 -38.92 38.05 30.77
C ARG C 1037 -40.12 38.44 31.62
N TYR C 1038 -41.33 38.28 31.07
CA TYR C 1038 -42.56 38.70 31.72
C TYR C 1038 -43.36 37.50 32.20
N TYR C 1039 -43.88 37.59 33.41
CA TYR C 1039 -44.67 36.52 34.03
C TYR C 1039 -46.14 36.91 33.99
N PHE C 1040 -46.94 36.11 33.27
CA PHE C 1040 -48.37 36.42 33.16
C PHE C 1040 -49.01 36.59 34.53
N SER C 1041 -48.60 35.78 35.50
CA SER C 1041 -49.16 35.82 36.85
C SER C 1041 -48.07 36.11 37.87
N HIS C 1042 -48.43 36.94 38.86
CA HIS C 1042 -47.50 37.27 39.93
C HIS C 1042 -47.25 36.06 40.82
N ASP C 1043 -48.29 35.32 41.19
CA ASP C 1043 -48.20 34.02 41.88
C ASP C 1043 -47.63 33.98 43.31
#